data_1MKP
# 
_entry.id   1MKP 
# 
_audit_conform.dict_name       mmcif_pdbx.dic 
_audit_conform.dict_version    5.386 
_audit_conform.dict_location   http://mmcif.pdb.org/dictionaries/ascii/mmcif_pdbx.dic 
# 
loop_
_database_2.database_id 
_database_2.database_code 
_database_2.pdbx_database_accession 
_database_2.pdbx_DOI 
PDB   1MKP         pdb_00001mkp 10.2210/pdb1mkp/pdb 
WWPDB D_1000175037 ?            ?                   
# 
loop_
_pdbx_audit_revision_history.ordinal 
_pdbx_audit_revision_history.data_content_type 
_pdbx_audit_revision_history.major_revision 
_pdbx_audit_revision_history.minor_revision 
_pdbx_audit_revision_history.revision_date 
1 'Structure model' 1 0 1999-07-22 
2 'Structure model' 1 1 2008-03-24 
3 'Structure model' 1 2 2011-07-13 
4 'Structure model' 1 3 2021-11-03 
5 'Structure model' 1 4 2024-02-14 
# 
_pdbx_audit_revision_details.ordinal             1 
_pdbx_audit_revision_details.revision_ordinal    1 
_pdbx_audit_revision_details.data_content_type   'Structure model' 
_pdbx_audit_revision_details.provider            repository 
_pdbx_audit_revision_details.type                'Initial release' 
_pdbx_audit_revision_details.description         ? 
_pdbx_audit_revision_details.details             ? 
# 
loop_
_pdbx_audit_revision_group.ordinal 
_pdbx_audit_revision_group.revision_ordinal 
_pdbx_audit_revision_group.data_content_type 
_pdbx_audit_revision_group.group 
1 2 'Structure model' 'Version format compliance' 
2 3 'Structure model' 'Version format compliance' 
3 4 'Structure model' 'Database references'       
4 4 'Structure model' 'Derived calculations'      
5 4 'Structure model' Other                       
6 5 'Structure model' 'Data collection'           
# 
loop_
_pdbx_audit_revision_category.ordinal 
_pdbx_audit_revision_category.revision_ordinal 
_pdbx_audit_revision_category.data_content_type 
_pdbx_audit_revision_category.category 
1 4 'Structure model' database_2           
2 4 'Structure model' pdbx_database_status 
3 4 'Structure model' struct_ref_seq_dif   
4 4 'Structure model' struct_site          
5 5 'Structure model' chem_comp_atom       
6 5 'Structure model' chem_comp_bond       
# 
loop_
_pdbx_audit_revision_item.ordinal 
_pdbx_audit_revision_item.revision_ordinal 
_pdbx_audit_revision_item.data_content_type 
_pdbx_audit_revision_item.item 
1 4 'Structure model' '_database_2.pdbx_DOI'                
2 4 'Structure model' '_database_2.pdbx_database_accession' 
3 4 'Structure model' '_pdbx_database_status.process_site'  
4 4 'Structure model' '_struct_ref_seq_dif.details'         
5 4 'Structure model' '_struct_site.pdbx_auth_asym_id'      
6 4 'Structure model' '_struct_site.pdbx_auth_comp_id'      
7 4 'Structure model' '_struct_site.pdbx_auth_seq_id'       
# 
_pdbx_database_status.status_code                     REL 
_pdbx_database_status.entry_id                        1MKP 
_pdbx_database_status.recvd_initial_deposition_date   1998-07-11 
_pdbx_database_status.deposit_site                    ? 
_pdbx_database_status.process_site                    BNL 
_pdbx_database_status.SG_entry                        . 
_pdbx_database_status.pdb_format_compatible           Y 
_pdbx_database_status.status_code_mr                  ? 
_pdbx_database_status.status_code_sf                  ? 
_pdbx_database_status.status_code_cs                  ? 
_pdbx_database_status.status_code_nmr_data            ? 
_pdbx_database_status.methods_development_category    ? 
# 
loop_
_audit_author.name 
_audit_author.pdbx_ordinal 
'Stewart, A.E.'  1 
'Dowd, S.'       2 
'Keyse, S.'      3 
'Mcdonald, N.Q.' 4 
# 
_citation.id                        primary 
_citation.title                     
'Crystal structure of the MAPK phosphatase Pyst1 catalytic domain and implications for regulated activation.' 
_citation.journal_abbrev            Nat.Struct.Biol. 
_citation.journal_volume            6 
_citation.page_first                174 
_citation.page_last                 181 
_citation.year                      1999 
_citation.journal_id_ASTM           NSBIEW 
_citation.country                   US 
_citation.journal_id_ISSN           1072-8368 
_citation.journal_id_CSD            2024 
_citation.book_publisher            ? 
_citation.pdbx_database_id_PubMed   10048930 
_citation.pdbx_database_id_DOI      10.1038/5861 
# 
loop_
_citation_author.citation_id 
_citation_author.name 
_citation_author.ordinal 
_citation_author.identifier_ORCID 
primary 'Stewart, A.E.'  1 ? 
primary 'Dowd, S.'       2 ? 
primary 'Keyse, S.M.'    3 ? 
primary 'McDonald, N.Q.' 4 ? 
# 
loop_
_entity.id 
_entity.type 
_entity.src_method 
_entity.pdbx_description 
_entity.formula_weight 
_entity.pdbx_number_of_molecules 
_entity.pdbx_ec 
_entity.pdbx_mutation 
_entity.pdbx_fragment 
_entity.details 
1 polymer     man PYST1                           16274.654 1  '3.1.3.48, 3.1.3.16' C293S 'CATALYTIC DOMAIN' 
'MPD AND CHLORIDE ION' 
2 non-polymer syn 'CHLORIDE ION'                  35.453    1  ?                    ?     ?                  ? 
3 non-polymer syn '(4S)-2-METHYL-2,4-PENTANEDIOL' 118.174   1  ?                    ?     ?                  ? 
4 water       nat water                           18.015    40 ?                    ?     ?                  ? 
# 
_entity_name_com.entity_id   1 
_entity_name_com.name        'DUAL SPECIFICITY PHOSPHATASE, MAP KINASE PHOSPHATASE 3, MKP-3' 
# 
_entity_poly.entity_id                      1 
_entity_poly.type                           'polypeptide(L)' 
_entity_poly.nstd_linkage                   no 
_entity_poly.nstd_monomer                   no 
_entity_poly.pdbx_seq_one_letter_code       
;ASFPVEILPFLYLGCAKDSTNLDVLEEFGIKYILNVTPNLPNLFENAGEFKYKQIPISDHWSQNLSQFFPEAISFIDEAR
GKNCGVLVHSLAGISRSVTVTVAYLMQKLNLSMNDAYDIVKMKKSNISPNFNFMGQLLDFERTL
;
_entity_poly.pdbx_seq_one_letter_code_can   
;ASFPVEILPFLYLGCAKDSTNLDVLEEFGIKYILNVTPNLPNLFENAGEFKYKQIPISDHWSQNLSQFFPEAISFIDEAR
GKNCGVLVHSLAGISRSVTVTVAYLMQKLNLSMNDAYDIVKMKKSNISPNFNFMGQLLDFERTL
;
_entity_poly.pdbx_strand_id                 A 
_entity_poly.pdbx_target_identifier         ? 
# 
loop_
_pdbx_entity_nonpoly.entity_id 
_pdbx_entity_nonpoly.name 
_pdbx_entity_nonpoly.comp_id 
2 'CHLORIDE ION'                  CL  
3 '(4S)-2-METHYL-2,4-PENTANEDIOL' MPD 
4 water                           HOH 
# 
loop_
_entity_poly_seq.entity_id 
_entity_poly_seq.num 
_entity_poly_seq.mon_id 
_entity_poly_seq.hetero 
1 1   ALA n 
1 2   SER n 
1 3   PHE n 
1 4   PRO n 
1 5   VAL n 
1 6   GLU n 
1 7   ILE n 
1 8   LEU n 
1 9   PRO n 
1 10  PHE n 
1 11  LEU n 
1 12  TYR n 
1 13  LEU n 
1 14  GLY n 
1 15  CYS n 
1 16  ALA n 
1 17  LYS n 
1 18  ASP n 
1 19  SER n 
1 20  THR n 
1 21  ASN n 
1 22  LEU n 
1 23  ASP n 
1 24  VAL n 
1 25  LEU n 
1 26  GLU n 
1 27  GLU n 
1 28  PHE n 
1 29  GLY n 
1 30  ILE n 
1 31  LYS n 
1 32  TYR n 
1 33  ILE n 
1 34  LEU n 
1 35  ASN n 
1 36  VAL n 
1 37  THR n 
1 38  PRO n 
1 39  ASN n 
1 40  LEU n 
1 41  PRO n 
1 42  ASN n 
1 43  LEU n 
1 44  PHE n 
1 45  GLU n 
1 46  ASN n 
1 47  ALA n 
1 48  GLY n 
1 49  GLU n 
1 50  PHE n 
1 51  LYS n 
1 52  TYR n 
1 53  LYS n 
1 54  GLN n 
1 55  ILE n 
1 56  PRO n 
1 57  ILE n 
1 58  SER n 
1 59  ASP n 
1 60  HIS n 
1 61  TRP n 
1 62  SER n 
1 63  GLN n 
1 64  ASN n 
1 65  LEU n 
1 66  SER n 
1 67  GLN n 
1 68  PHE n 
1 69  PHE n 
1 70  PRO n 
1 71  GLU n 
1 72  ALA n 
1 73  ILE n 
1 74  SER n 
1 75  PHE n 
1 76  ILE n 
1 77  ASP n 
1 78  GLU n 
1 79  ALA n 
1 80  ARG n 
1 81  GLY n 
1 82  LYS n 
1 83  ASN n 
1 84  CYS n 
1 85  GLY n 
1 86  VAL n 
1 87  LEU n 
1 88  VAL n 
1 89  HIS n 
1 90  SER n 
1 91  LEU n 
1 92  ALA n 
1 93  GLY n 
1 94  ILE n 
1 95  SER n 
1 96  ARG n 
1 97  SER n 
1 98  VAL n 
1 99  THR n 
1 100 VAL n 
1 101 THR n 
1 102 VAL n 
1 103 ALA n 
1 104 TYR n 
1 105 LEU n 
1 106 MET n 
1 107 GLN n 
1 108 LYS n 
1 109 LEU n 
1 110 ASN n 
1 111 LEU n 
1 112 SER n 
1 113 MET n 
1 114 ASN n 
1 115 ASP n 
1 116 ALA n 
1 117 TYR n 
1 118 ASP n 
1 119 ILE n 
1 120 VAL n 
1 121 LYS n 
1 122 MET n 
1 123 LYS n 
1 124 LYS n 
1 125 SER n 
1 126 ASN n 
1 127 ILE n 
1 128 SER n 
1 129 PRO n 
1 130 ASN n 
1 131 PHE n 
1 132 ASN n 
1 133 PHE n 
1 134 MET n 
1 135 GLY n 
1 136 GLN n 
1 137 LEU n 
1 138 LEU n 
1 139 ASP n 
1 140 PHE n 
1 141 GLU n 
1 142 ARG n 
1 143 THR n 
1 144 LEU n 
# 
_entity_src_gen.entity_id                          1 
_entity_src_gen.pdbx_src_id                        1 
_entity_src_gen.pdbx_alt_source_flag               sample 
_entity_src_gen.pdbx_seq_type                      ? 
_entity_src_gen.pdbx_beg_seq_num                   ? 
_entity_src_gen.pdbx_end_seq_num                   ? 
_entity_src_gen.gene_src_common_name               human 
_entity_src_gen.gene_src_genus                     Homo 
_entity_src_gen.pdbx_gene_src_gene                 ? 
_entity_src_gen.gene_src_species                   ? 
_entity_src_gen.gene_src_strain                    ? 
_entity_src_gen.gene_src_tissue                    ? 
_entity_src_gen.gene_src_tissue_fraction           ? 
_entity_src_gen.gene_src_details                   ? 
_entity_src_gen.pdbx_gene_src_fragment             ? 
_entity_src_gen.pdbx_gene_src_scientific_name      'Homo sapiens' 
_entity_src_gen.pdbx_gene_src_ncbi_taxonomy_id     9606 
_entity_src_gen.pdbx_gene_src_variant              ? 
_entity_src_gen.pdbx_gene_src_cell_line            ? 
_entity_src_gen.pdbx_gene_src_atcc                 ? 
_entity_src_gen.pdbx_gene_src_organ                ? 
_entity_src_gen.pdbx_gene_src_organelle            ? 
_entity_src_gen.pdbx_gene_src_cell                 ? 
_entity_src_gen.pdbx_gene_src_cellular_location    ? 
_entity_src_gen.host_org_common_name               ? 
_entity_src_gen.pdbx_host_org_scientific_name      'Escherichia coli BL21(DE3)' 
_entity_src_gen.pdbx_host_org_ncbi_taxonomy_id     469008 
_entity_src_gen.host_org_genus                     Escherichia 
_entity_src_gen.pdbx_host_org_gene                 ? 
_entity_src_gen.pdbx_host_org_organ                ? 
_entity_src_gen.host_org_species                   'Escherichia coli' 
_entity_src_gen.pdbx_host_org_tissue               ? 
_entity_src_gen.pdbx_host_org_tissue_fraction      ? 
_entity_src_gen.pdbx_host_org_strain               'BL21 (DE3)' 
_entity_src_gen.pdbx_host_org_variant              ? 
_entity_src_gen.pdbx_host_org_cell_line            ? 
_entity_src_gen.pdbx_host_org_atcc                 ? 
_entity_src_gen.pdbx_host_org_culture_collection   ? 
_entity_src_gen.pdbx_host_org_cell                 ? 
_entity_src_gen.pdbx_host_org_organelle            ? 
_entity_src_gen.pdbx_host_org_cellular_location    ? 
_entity_src_gen.pdbx_host_org_vector_type          ? 
_entity_src_gen.pdbx_host_org_vector               ? 
_entity_src_gen.host_org_details                   ? 
_entity_src_gen.expression_system_id               ? 
_entity_src_gen.plasmid_name                       PET14B 
_entity_src_gen.plasmid_details                    ? 
_entity_src_gen.pdbx_description                   ? 
# 
loop_
_chem_comp.id 
_chem_comp.type 
_chem_comp.mon_nstd_flag 
_chem_comp.name 
_chem_comp.pdbx_synonyms 
_chem_comp.formula 
_chem_comp.formula_weight 
ALA 'L-peptide linking' y ALANINE                         ? 'C3 H7 N O2'     89.093  
ARG 'L-peptide linking' y ARGININE                        ? 'C6 H15 N4 O2 1' 175.209 
ASN 'L-peptide linking' y ASPARAGINE                      ? 'C4 H8 N2 O3'    132.118 
ASP 'L-peptide linking' y 'ASPARTIC ACID'                 ? 'C4 H7 N O4'     133.103 
CL  non-polymer         . 'CHLORIDE ION'                  ? 'Cl -1'          35.453  
CYS 'L-peptide linking' y CYSTEINE                        ? 'C3 H7 N O2 S'   121.158 
GLN 'L-peptide linking' y GLUTAMINE                       ? 'C5 H10 N2 O3'   146.144 
GLU 'L-peptide linking' y 'GLUTAMIC ACID'                 ? 'C5 H9 N O4'     147.129 
GLY 'peptide linking'   y GLYCINE                         ? 'C2 H5 N O2'     75.067  
HIS 'L-peptide linking' y HISTIDINE                       ? 'C6 H10 N3 O2 1' 156.162 
HOH non-polymer         . WATER                           ? 'H2 O'           18.015  
ILE 'L-peptide linking' y ISOLEUCINE                      ? 'C6 H13 N O2'    131.173 
LEU 'L-peptide linking' y LEUCINE                         ? 'C6 H13 N O2'    131.173 
LYS 'L-peptide linking' y LYSINE                          ? 'C6 H15 N2 O2 1' 147.195 
MET 'L-peptide linking' y METHIONINE                      ? 'C5 H11 N O2 S'  149.211 
MPD non-polymer         . '(4S)-2-METHYL-2,4-PENTANEDIOL' ? 'C6 H14 O2'      118.174 
PHE 'L-peptide linking' y PHENYLALANINE                   ? 'C9 H11 N O2'    165.189 
PRO 'L-peptide linking' y PROLINE                         ? 'C5 H9 N O2'     115.130 
SER 'L-peptide linking' y SERINE                          ? 'C3 H7 N O3'     105.093 
THR 'L-peptide linking' y THREONINE                       ? 'C4 H9 N O3'     119.119 
TRP 'L-peptide linking' y TRYPTOPHAN                      ? 'C11 H12 N2 O2'  204.225 
TYR 'L-peptide linking' y TYROSINE                        ? 'C9 H11 N O3'    181.189 
VAL 'L-peptide linking' y VALINE                          ? 'C5 H11 N O2'    117.146 
# 
loop_
_pdbx_poly_seq_scheme.asym_id 
_pdbx_poly_seq_scheme.entity_id 
_pdbx_poly_seq_scheme.seq_id 
_pdbx_poly_seq_scheme.mon_id 
_pdbx_poly_seq_scheme.ndb_seq_num 
_pdbx_poly_seq_scheme.pdb_seq_num 
_pdbx_poly_seq_scheme.auth_seq_num 
_pdbx_poly_seq_scheme.pdb_mon_id 
_pdbx_poly_seq_scheme.auth_mon_id 
_pdbx_poly_seq_scheme.pdb_strand_id 
_pdbx_poly_seq_scheme.pdb_ins_code 
_pdbx_poly_seq_scheme.hetero 
A 1 1   ALA 1   204 204 ALA ALA A . n 
A 1 2   SER 2   205 205 SER SER A . n 
A 1 3   PHE 3   206 206 PHE PHE A . n 
A 1 4   PRO 4   207 207 PRO PRO A . n 
A 1 5   VAL 5   208 208 VAL VAL A . n 
A 1 6   GLU 6   209 209 GLU GLU A . n 
A 1 7   ILE 7   210 210 ILE ILE A . n 
A 1 8   LEU 8   211 211 LEU LEU A . n 
A 1 9   PRO 9   212 212 PRO PRO A . n 
A 1 10  PHE 10  213 213 PHE PHE A . n 
A 1 11  LEU 11  214 214 LEU LEU A . n 
A 1 12  TYR 12  215 215 TYR TYR A . n 
A 1 13  LEU 13  216 216 LEU LEU A . n 
A 1 14  GLY 14  217 217 GLY GLY A . n 
A 1 15  CYS 15  218 218 CYS CYS A . n 
A 1 16  ALA 16  219 219 ALA ALA A . n 
A 1 17  LYS 17  220 220 LYS LYS A . n 
A 1 18  ASP 18  221 221 ASP ASP A . n 
A 1 19  SER 19  222 222 SER SER A . n 
A 1 20  THR 20  223 223 THR THR A . n 
A 1 21  ASN 21  224 224 ASN ASN A . n 
A 1 22  LEU 22  225 225 LEU LEU A . n 
A 1 23  ASP 23  226 226 ASP ASP A . n 
A 1 24  VAL 24  227 227 VAL VAL A . n 
A 1 25  LEU 25  228 228 LEU LEU A . n 
A 1 26  GLU 26  229 229 GLU GLU A . n 
A 1 27  GLU 27  230 230 GLU GLU A . n 
A 1 28  PHE 28  231 231 PHE PHE A . n 
A 1 29  GLY 29  232 232 GLY GLY A . n 
A 1 30  ILE 30  233 233 ILE ILE A . n 
A 1 31  LYS 31  234 234 LYS LYS A . n 
A 1 32  TYR 32  235 235 TYR TYR A . n 
A 1 33  ILE 33  236 236 ILE ILE A . n 
A 1 34  LEU 34  237 237 LEU LEU A . n 
A 1 35  ASN 35  238 238 ASN ASN A . n 
A 1 36  VAL 36  239 239 VAL VAL A . n 
A 1 37  THR 37  240 240 THR THR A . n 
A 1 38  PRO 38  241 241 PRO PRO A . n 
A 1 39  ASN 39  242 242 ASN ASN A . n 
A 1 40  LEU 40  243 243 LEU LEU A . n 
A 1 41  PRO 41  244 244 PRO PRO A . n 
A 1 42  ASN 42  245 245 ASN ASN A . n 
A 1 43  LEU 43  246 246 LEU LEU A . n 
A 1 44  PHE 44  247 247 PHE PHE A . n 
A 1 45  GLU 45  248 248 GLU GLU A . n 
A 1 46  ASN 46  249 249 ASN ASN A . n 
A 1 47  ALA 47  250 250 ALA ALA A . n 
A 1 48  GLY 48  251 251 GLY GLY A . n 
A 1 49  GLU 49  252 252 GLU GLU A . n 
A 1 50  PHE 50  253 253 PHE PHE A . n 
A 1 51  LYS 51  254 254 LYS LYS A . n 
A 1 52  TYR 52  255 255 TYR TYR A . n 
A 1 53  LYS 53  256 256 LYS LYS A . n 
A 1 54  GLN 54  257 257 GLN GLN A . n 
A 1 55  ILE 55  258 258 ILE ILE A . n 
A 1 56  PRO 56  259 259 PRO PRO A . n 
A 1 57  ILE 57  260 260 ILE ILE A . n 
A 1 58  SER 58  261 261 SER SER A . n 
A 1 59  ASP 59  262 262 ASP ASP A . n 
A 1 60  HIS 60  263 263 HIS HIS A . n 
A 1 61  TRP 61  264 264 TRP TRP A . n 
A 1 62  SER 62  265 265 SER SER A . n 
A 1 63  GLN 63  266 266 GLN GLN A . n 
A 1 64  ASN 64  267 267 ASN ASN A . n 
A 1 65  LEU 65  268 268 LEU LEU A . n 
A 1 66  SER 66  269 269 SER SER A . n 
A 1 67  GLN 67  270 270 GLN GLN A . n 
A 1 68  PHE 68  271 271 PHE PHE A . n 
A 1 69  PHE 69  272 272 PHE PHE A . n 
A 1 70  PRO 70  273 273 PRO PRO A . n 
A 1 71  GLU 71  274 274 GLU GLU A . n 
A 1 72  ALA 72  275 275 ALA ALA A . n 
A 1 73  ILE 73  276 276 ILE ILE A . n 
A 1 74  SER 74  277 277 SER SER A . n 
A 1 75  PHE 75  278 278 PHE PHE A . n 
A 1 76  ILE 76  279 279 ILE ILE A . n 
A 1 77  ASP 77  280 280 ASP ASP A . n 
A 1 78  GLU 78  281 281 GLU GLU A . n 
A 1 79  ALA 79  282 282 ALA ALA A . n 
A 1 80  ARG 80  283 283 ARG ARG A . n 
A 1 81  GLY 81  284 284 GLY GLY A . n 
A 1 82  LYS 82  285 285 LYS LYS A . n 
A 1 83  ASN 83  286 286 ASN ASN A . n 
A 1 84  CYS 84  287 287 CYS CYS A . n 
A 1 85  GLY 85  288 288 GLY GLY A . n 
A 1 86  VAL 86  289 289 VAL VAL A . n 
A 1 87  LEU 87  290 290 LEU LEU A . n 
A 1 88  VAL 88  291 291 VAL VAL A . n 
A 1 89  HIS 89  292 292 HIS HIS A . n 
A 1 90  SER 90  293 293 SER SER A . n 
A 1 91  LEU 91  294 294 LEU LEU A . n 
A 1 92  ALA 92  295 295 ALA ALA A . n 
A 1 93  GLY 93  296 296 GLY GLY A . n 
A 1 94  ILE 94  297 297 ILE ILE A . n 
A 1 95  SER 95  298 298 SER SER A . n 
A 1 96  ARG 96  299 299 ARG ARG A . n 
A 1 97  SER 97  300 300 SER SER A . n 
A 1 98  VAL 98  301 301 VAL VAL A . n 
A 1 99  THR 99  302 302 THR THR A . n 
A 1 100 VAL 100 303 303 VAL VAL A . n 
A 1 101 THR 101 304 304 THR THR A . n 
A 1 102 VAL 102 305 305 VAL VAL A . n 
A 1 103 ALA 103 306 306 ALA ALA A . n 
A 1 104 TYR 104 307 307 TYR TYR A . n 
A 1 105 LEU 105 308 308 LEU LEU A . n 
A 1 106 MET 106 309 309 MET MET A . n 
A 1 107 GLN 107 310 310 GLN GLN A . n 
A 1 108 LYS 108 311 311 LYS LYS A . n 
A 1 109 LEU 109 312 312 LEU LEU A . n 
A 1 110 ASN 110 313 313 ASN ASN A . n 
A 1 111 LEU 111 314 314 LEU LEU A . n 
A 1 112 SER 112 315 315 SER SER A . n 
A 1 113 MET 113 316 316 MET MET A . n 
A 1 114 ASN 114 317 317 ASN ASN A . n 
A 1 115 ASP 115 318 318 ASP ASP A . n 
A 1 116 ALA 116 319 319 ALA ALA A . n 
A 1 117 TYR 117 320 320 TYR TYR A . n 
A 1 118 ASP 118 321 321 ASP ASP A . n 
A 1 119 ILE 119 322 322 ILE ILE A . n 
A 1 120 VAL 120 323 323 VAL VAL A . n 
A 1 121 LYS 121 324 324 LYS LYS A . n 
A 1 122 MET 122 325 325 MET MET A . n 
A 1 123 LYS 123 326 326 LYS LYS A . n 
A 1 124 LYS 124 327 327 LYS LYS A . n 
A 1 125 SER 125 328 328 SER SER A . n 
A 1 126 ASN 126 329 329 ASN ASN A . n 
A 1 127 ILE 127 330 330 ILE ILE A . n 
A 1 128 SER 128 331 331 SER SER A . n 
A 1 129 PRO 129 332 332 PRO PRO A . n 
A 1 130 ASN 130 333 333 ASN ASN A . n 
A 1 131 PHE 131 334 334 PHE PHE A . n 
A 1 132 ASN 132 335 335 ASN ASN A . n 
A 1 133 PHE 133 336 336 PHE PHE A . n 
A 1 134 MET 134 337 337 MET MET A . n 
A 1 135 GLY 135 338 338 GLY GLY A . n 
A 1 136 GLN 136 339 339 GLN GLN A . n 
A 1 137 LEU 137 340 340 LEU LEU A . n 
A 1 138 LEU 138 341 341 LEU LEU A . n 
A 1 139 ASP 139 342 342 ASP ASP A . n 
A 1 140 PHE 140 343 343 PHE PHE A . n 
A 1 141 GLU 141 344 344 GLU GLU A . n 
A 1 142 ARG 142 345 345 ARG ARG A . n 
A 1 143 THR 143 346 346 THR THR A . n 
A 1 144 LEU 144 347 347 LEU LEU A . n 
# 
loop_
_pdbx_nonpoly_scheme.asym_id 
_pdbx_nonpoly_scheme.entity_id 
_pdbx_nonpoly_scheme.mon_id 
_pdbx_nonpoly_scheme.ndb_seq_num 
_pdbx_nonpoly_scheme.pdb_seq_num 
_pdbx_nonpoly_scheme.auth_seq_num 
_pdbx_nonpoly_scheme.pdb_mon_id 
_pdbx_nonpoly_scheme.auth_mon_id 
_pdbx_nonpoly_scheme.pdb_strand_id 
_pdbx_nonpoly_scheme.pdb_ins_code 
B 2 CL  1  500 500 CL  CL  A . 
C 3 MPD 1  501 501 MPD MPD A . 
D 4 HOH 1  400 400 HOH HOH A . 
D 4 HOH 2  401 401 HOH HOH A . 
D 4 HOH 3  402 402 HOH HOH A . 
D 4 HOH 4  403 403 HOH HOH A . 
D 4 HOH 5  404 404 HOH HOH A . 
D 4 HOH 6  405 405 HOH HOH A . 
D 4 HOH 7  406 406 HOH HOH A . 
D 4 HOH 8  407 407 HOH HOH A . 
D 4 HOH 9  408 408 HOH HOH A . 
D 4 HOH 10 409 409 HOH HOH A . 
D 4 HOH 11 410 410 HOH HOH A . 
D 4 HOH 12 411 411 HOH HOH A . 
D 4 HOH 13 412 412 HOH HOH A . 
D 4 HOH 14 413 413 HOH HOH A . 
D 4 HOH 15 414 414 HOH HOH A . 
D 4 HOH 16 415 415 HOH HOH A . 
D 4 HOH 17 416 416 HOH HOH A . 
D 4 HOH 18 417 417 HOH HOH A . 
D 4 HOH 19 418 418 HOH HOH A . 
D 4 HOH 20 419 419 HOH HOH A . 
D 4 HOH 21 420 420 HOH HOH A . 
D 4 HOH 22 421 421 HOH HOH A . 
D 4 HOH 23 422 422 HOH HOH A . 
D 4 HOH 24 423 423 HOH HOH A . 
D 4 HOH 25 424 424 HOH HOH A . 
D 4 HOH 26 425 425 HOH HOH A . 
D 4 HOH 27 426 426 HOH HOH A . 
D 4 HOH 28 427 427 HOH HOH A . 
D 4 HOH 29 428 428 HOH HOH A . 
D 4 HOH 30 429 429 HOH HOH A . 
D 4 HOH 31 430 430 HOH HOH A . 
D 4 HOH 32 431 431 HOH HOH A . 
D 4 HOH 33 432 432 HOH HOH A . 
D 4 HOH 34 433 433 HOH HOH A . 
D 4 HOH 35 434 434 HOH HOH A . 
D 4 HOH 36 435 435 HOH HOH A . 
D 4 HOH 37 436 436 HOH HOH A . 
D 4 HOH 38 437 437 HOH HOH A . 
D 4 HOH 39 438 438 HOH HOH A . 
D 4 HOH 40 439 439 HOH HOH A . 
# 
loop_
_pdbx_unobs_or_zero_occ_atoms.id 
_pdbx_unobs_or_zero_occ_atoms.PDB_model_num 
_pdbx_unobs_or_zero_occ_atoms.polymer_flag 
_pdbx_unobs_or_zero_occ_atoms.occupancy_flag 
_pdbx_unobs_or_zero_occ_atoms.auth_asym_id 
_pdbx_unobs_or_zero_occ_atoms.auth_comp_id 
_pdbx_unobs_or_zero_occ_atoms.auth_seq_id 
_pdbx_unobs_or_zero_occ_atoms.PDB_ins_code 
_pdbx_unobs_or_zero_occ_atoms.auth_atom_id 
_pdbx_unobs_or_zero_occ_atoms.label_alt_id 
_pdbx_unobs_or_zero_occ_atoms.label_asym_id 
_pdbx_unobs_or_zero_occ_atoms.label_comp_id 
_pdbx_unobs_or_zero_occ_atoms.label_seq_id 
_pdbx_unobs_or_zero_occ_atoms.label_atom_id 
1  1 Y 1 A LYS 220 ? CG  ? A LYS 17 CG  
2  1 Y 1 A LYS 220 ? CD  ? A LYS 17 CD  
3  1 Y 1 A LYS 220 ? CE  ? A LYS 17 CE  
4  1 Y 1 A LYS 220 ? NZ  ? A LYS 17 NZ  
5  1 Y 1 A GLU 229 ? CG  ? A GLU 26 CG  
6  1 Y 1 A GLU 229 ? CD  ? A GLU 26 CD  
7  1 Y 1 A GLU 229 ? OE1 ? A GLU 26 OE1 
8  1 Y 1 A GLU 229 ? OE2 ? A GLU 26 OE2 
9  1 Y 1 A LYS 234 ? CG  ? A LYS 31 CG  
10 1 Y 1 A LYS 234 ? CD  ? A LYS 31 CD  
11 1 Y 1 A LYS 234 ? CE  ? A LYS 31 CE  
12 1 Y 1 A LYS 234 ? NZ  ? A LYS 31 NZ  
# 
loop_
_software.name 
_software.classification 
_software.version 
_software.citation_id 
_software.pdbx_ordinal 
X-PLOR    'model building' 3.8 ? 1 
X-PLOR    refinement       3.8 ? 2 
HKL       'data reduction' .   ? 3 
SCALEPACK 'data scaling'   .   ? 4 
X-PLOR    phasing          3.8 ? 5 
# 
_cell.entry_id           1MKP 
_cell.length_a           90.000 
_cell.length_b           90.000 
_cell.length_c           68.410 
_cell.angle_alpha        90.00 
_cell.angle_beta         90.00 
_cell.angle_gamma        90.00 
_cell.Z_PDB              8 
_cell.pdbx_unique_axis   ? 
# 
_symmetry.entry_id                         1MKP 
_symmetry.space_group_name_H-M             'P 41 21 2' 
_symmetry.pdbx_full_space_group_name_H-M   ? 
_symmetry.cell_setting                     ? 
_symmetry.Int_Tables_number                92 
# 
_exptl.entry_id          1MKP 
_exptl.method            'X-RAY DIFFRACTION' 
_exptl.crystals_number   1 
# 
_exptl_crystal.id                    1 
_exptl_crystal.density_meas          ? 
_exptl_crystal.density_Matthews      4.25 
_exptl_crystal.density_percent_sol   71 
_exptl_crystal.description           ? 
# 
_exptl_crystal_grow.crystal_id      1 
_exptl_crystal_grow.method          ? 
_exptl_crystal_grow.temp            ? 
_exptl_crystal_grow.temp_details    ? 
_exptl_crystal_grow.pH              6.5 
_exptl_crystal_grow.pdbx_pH_range   ? 
_exptl_crystal_grow.pdbx_details    'pH 6.5' 
# 
_diffrn.id                     1 
_diffrn.ambient_temp           110 
_diffrn.ambient_temp_details   ? 
_diffrn.crystal_id             1 
# 
_diffrn_detector.diffrn_id              1 
_diffrn_detector.detector               'IMAGE PLATE' 
_diffrn_detector.type                   MARRESEARCH 
_diffrn_detector.pdbx_collection_date   ? 
_diffrn_detector.details                MIRRORS 
# 
_diffrn_radiation.diffrn_id                        1 
_diffrn_radiation.wavelength_id                    1 
_diffrn_radiation.pdbx_monochromatic_or_laue_m_l   M 
_diffrn_radiation.monochromator                    ? 
_diffrn_radiation.pdbx_diffrn_protocol             ? 
_diffrn_radiation.pdbx_scattering_type             x-ray 
# 
_diffrn_radiation_wavelength.id           1 
_diffrn_radiation_wavelength.wavelength   0.87 
_diffrn_radiation_wavelength.wt           1.0 
# 
_diffrn_source.diffrn_id                   1 
_diffrn_source.source                      SYNCHROTRON 
_diffrn_source.type                        'SRS BEAMLINE PX9.6' 
_diffrn_source.pdbx_synchrotron_site       SRS 
_diffrn_source.pdbx_synchrotron_beamline   PX9.6 
_diffrn_source.pdbx_wavelength             0.87 
_diffrn_source.pdbx_wavelength_list        ? 
# 
_reflns.entry_id                     1MKP 
_reflns.observed_criterion_sigma_I   ? 
_reflns.observed_criterion_sigma_F   ? 
_reflns.d_resolution_low             20.0 
_reflns.d_resolution_high            2.35 
_reflns.number_obs                   12163 
_reflns.number_all                   ? 
_reflns.percent_possible_obs         99.8 
_reflns.pdbx_Rmerge_I_obs            ? 
_reflns.pdbx_Rsym_value              0.0390000 
_reflns.pdbx_netI_over_sigmaI        11.8 
_reflns.B_iso_Wilson_estimate        47 
_reflns.pdbx_redundancy              7.8 
_reflns.pdbx_diffrn_id               1 
_reflns.pdbx_ordinal                 1 
# 
_reflns_shell.d_res_high             2.35 
_reflns_shell.d_res_low              2.45 
_reflns_shell.percent_possible_all   99.0 
_reflns_shell.Rmerge_I_obs           ? 
_reflns_shell.pdbx_Rsym_value        0.1780000 
_reflns_shell.meanI_over_sigI_obs    4.2 
_reflns_shell.pdbx_redundancy        ? 
_reflns_shell.pdbx_diffrn_id         ? 
_reflns_shell.pdbx_ordinal           1 
# 
_refine.entry_id                                 1MKP 
_refine.ls_number_reflns_obs                     12163 
_refine.ls_number_reflns_all                     ? 
_refine.pdbx_ls_sigma_I                          ? 
_refine.pdbx_ls_sigma_F                          0.0 
_refine.pdbx_data_cutoff_high_absF               ? 
_refine.pdbx_data_cutoff_low_absF                ? 
_refine.pdbx_data_cutoff_high_rms_absF           ? 
_refine.ls_d_res_low                             20.0 
_refine.ls_d_res_high                            2.35 
_refine.ls_percent_reflns_obs                    99.8 
_refine.ls_R_factor_obs                          0.2010000 
_refine.ls_R_factor_all                          ? 
_refine.ls_R_factor_R_work                       0.2010000 
_refine.ls_R_factor_R_free                       0.2350000 
_refine.ls_R_factor_R_free_error                 ? 
_refine.ls_R_factor_R_free_error_details         ? 
_refine.ls_percent_reflns_R_free                 5 
_refine.ls_number_reflns_R_free                  ? 
_refine.ls_number_parameters                     ? 
_refine.ls_number_restraints                     ? 
_refine.occupancy_min                            ? 
_refine.occupancy_max                            ? 
_refine.B_iso_mean                               44 
_refine.aniso_B[1][1]                            2.23 
_refine.aniso_B[2][2]                            2.26 
_refine.aniso_B[3][3]                            2.61 
_refine.aniso_B[1][2]                            ? 
_refine.aniso_B[1][3]                            ? 
_refine.aniso_B[2][3]                            ? 
_refine.solvent_model_details                    ? 
_refine.solvent_model_param_ksol                 ? 
_refine.solvent_model_param_bsol                 ? 
_refine.pdbx_ls_cross_valid_method               THROUGHOUT 
_refine.details                                  ? 
_refine.pdbx_starting_model                      ? 
_refine.pdbx_method_to_determine_struct          MIR 
_refine.pdbx_isotropic_thermal_model             ? 
_refine.pdbx_stereochemistry_target_values       ? 
_refine.pdbx_stereochem_target_val_spec_case     ? 
_refine.pdbx_R_Free_selection_details            RANDOM 
_refine.pdbx_overall_ESU_R                       ? 
_refine.pdbx_overall_ESU_R_Free                  ? 
_refine.overall_SU_ML                            ? 
_refine.overall_SU_B                             ? 
_refine.pdbx_refine_id                           'X-RAY DIFFRACTION' 
_refine.pdbx_diffrn_id                           1 
_refine.pdbx_TLS_residual_ADP_flag               ? 
_refine.correlation_coeff_Fo_to_Fc               ? 
_refine.correlation_coeff_Fo_to_Fc_free          ? 
_refine.pdbx_solvent_vdw_probe_radii             ? 
_refine.pdbx_solvent_ion_probe_radii             ? 
_refine.pdbx_solvent_shrinkage_radii             ? 
_refine.pdbx_overall_phase_error                 ? 
_refine.overall_SU_R_Cruickshank_DPI             ? 
_refine.pdbx_overall_SU_R_free_Cruickshank_DPI   ? 
_refine.pdbx_overall_SU_R_Blow_DPI               ? 
_refine.pdbx_overall_SU_R_free_Blow_DPI          ? 
# 
_refine_hist.pdbx_refine_id                   'X-RAY DIFFRACTION' 
_refine_hist.cycle_id                         LAST 
_refine_hist.pdbx_number_atoms_protein        1186 
_refine_hist.pdbx_number_atoms_nucleic_acid   0 
_refine_hist.pdbx_number_atoms_ligand         9 
_refine_hist.number_atoms_solvent             39 
_refine_hist.number_atoms_total               1234 
_refine_hist.d_res_high                       2.35 
_refine_hist.d_res_low                        20.0 
# 
loop_
_refine_ls_restr.type 
_refine_ls_restr.dev_ideal 
_refine_ls_restr.dev_ideal_target 
_refine_ls_restr.weight 
_refine_ls_restr.number 
_refine_ls_restr.pdbx_refine_id 
_refine_ls_restr.pdbx_restraint_function 
x_bond_d                0.007 ? ? ? 'X-RAY DIFFRACTION' ? 
x_bond_d_na             ?     ? ? ? 'X-RAY DIFFRACTION' ? 
x_bond_d_prot           ?     ? ? ? 'X-RAY DIFFRACTION' ? 
x_angle_d               ?     ? ? ? 'X-RAY DIFFRACTION' ? 
x_angle_d_na            ?     ? ? ? 'X-RAY DIFFRACTION' ? 
x_angle_d_prot          ?     ? ? ? 'X-RAY DIFFRACTION' ? 
x_angle_deg             1.32  ? ? ? 'X-RAY DIFFRACTION' ? 
x_angle_deg_na          ?     ? ? ? 'X-RAY DIFFRACTION' ? 
x_angle_deg_prot        ?     ? ? ? 'X-RAY DIFFRACTION' ? 
x_dihedral_angle_d      ?     ? ? ? 'X-RAY DIFFRACTION' ? 
x_dihedral_angle_d_na   ?     ? ? ? 'X-RAY DIFFRACTION' ? 
x_dihedral_angle_d_prot ?     ? ? ? 'X-RAY DIFFRACTION' ? 
x_improper_angle_d      1.13  ? ? ? 'X-RAY DIFFRACTION' ? 
x_improper_angle_d_na   ?     ? ? ? 'X-RAY DIFFRACTION' ? 
x_improper_angle_d_prot ?     ? ? ? 'X-RAY DIFFRACTION' ? 
x_mcbond_it             ?     ? ? ? 'X-RAY DIFFRACTION' ? 
x_mcangle_it            ?     ? ? ? 'X-RAY DIFFRACTION' ? 
x_scbond_it             ?     ? ? ? 'X-RAY DIFFRACTION' ? 
x_scangle_it            ?     ? ? ? 'X-RAY DIFFRACTION' ? 
# 
loop_
_pdbx_xplor_file.serial_no 
_pdbx_xplor_file.param_file 
_pdbx_xplor_file.topol_file 
_pdbx_xplor_file.pdbx_refine_id 
1 ?            ?            'X-RAY DIFFRACTION' 
2 ?            ?            'X-RAY DIFFRACTION' 
3 PARHCSDX.PRO TOPHCSDX.PRO 'X-RAY DIFFRACTION' 
# 
_struct.entry_id                  1MKP 
_struct.title                     'CRYSTAL STRUCTURE OF PYST1 (MKP3)' 
_struct.pdbx_model_details        ? 
_struct.pdbx_CASP_flag            ? 
_struct.pdbx_model_type_details   ? 
# 
_struct_keywords.entry_id        1MKP 
_struct_keywords.pdbx_keywords   HYDROLASE 
_struct_keywords.text            HYDROLASE 
# 
loop_
_struct_asym.id 
_struct_asym.pdbx_blank_PDB_chainid_flag 
_struct_asym.pdbx_modified 
_struct_asym.entity_id 
_struct_asym.details 
A N N 1 ? 
B N N 2 ? 
C N N 3 ? 
D N N 4 ? 
# 
_struct_ref.id                         1 
_struct_ref.db_name                    UNP 
_struct_ref.db_code                    DUS6_HUMAN 
_struct_ref.entity_id                  1 
_struct_ref.pdbx_db_accession          Q16828 
_struct_ref.pdbx_align_begin           1 
_struct_ref.pdbx_seq_one_letter_code   
;MIDTLRPVPFASEMAISKTVAWLNEQLELGNERLLLMDCRPQELYESSHIESAINVAIPGIMLRRLQKGNLPVRALFTRG
EDRDRFTRRCGTDTVVLYDESSSDWNENTGGESLLGLLLKKLKDEGCRAFYLEGGFSKFQAEFSLHCETNLDGSCSSSSP
PLPVLGLGGLRISSDSSSDIESDLDRDPNSATDSDGSPLSNSQPSFPVEILPFLYLGCAKDSTNLDVLEEFGIKYILNVT
PNLPNLFENAGEFKYKQIPISDHWSQNLSQFFPEAISFIDEARGKNCGVLVHCLAGISRSVTVTVAYLMQKLNLSMNDAY
DIVKMKKSNISPNFNFMGQLLDFERTLGLSSPCDNRVPAQQLYFTTPSNQNVYQVDSLQST
;
_struct_ref.pdbx_db_isoform            ? 
# 
_struct_ref_seq.align_id                      1 
_struct_ref_seq.ref_id                        1 
_struct_ref_seq.pdbx_PDB_id_code              1MKP 
_struct_ref_seq.pdbx_strand_id                A 
_struct_ref_seq.seq_align_beg                 2 
_struct_ref_seq.pdbx_seq_align_beg_ins_code   ? 
_struct_ref_seq.seq_align_end                 144 
_struct_ref_seq.pdbx_seq_align_end_ins_code   ? 
_struct_ref_seq.pdbx_db_accession             Q16828 
_struct_ref_seq.db_align_beg                  205 
_struct_ref_seq.pdbx_db_align_beg_ins_code    ? 
_struct_ref_seq.db_align_end                  347 
_struct_ref_seq.pdbx_db_align_end_ins_code    ? 
_struct_ref_seq.pdbx_auth_seq_align_beg       205 
_struct_ref_seq.pdbx_auth_seq_align_end       347 
# 
_struct_ref_seq_dif.align_id                     1 
_struct_ref_seq_dif.pdbx_pdb_id_code             1MKP 
_struct_ref_seq_dif.mon_id                       SER 
_struct_ref_seq_dif.pdbx_pdb_strand_id           A 
_struct_ref_seq_dif.seq_num                      90 
_struct_ref_seq_dif.pdbx_pdb_ins_code            ? 
_struct_ref_seq_dif.pdbx_seq_db_name             UNP 
_struct_ref_seq_dif.pdbx_seq_db_accession_code   Q16828 
_struct_ref_seq_dif.db_mon_id                    CYS 
_struct_ref_seq_dif.pdbx_seq_db_seq_num          293 
_struct_ref_seq_dif.details                      'engineered mutation' 
_struct_ref_seq_dif.pdbx_auth_seq_num            293 
_struct_ref_seq_dif.pdbx_ordinal                 1 
# 
_pdbx_struct_assembly.id                   1 
_pdbx_struct_assembly.details              author_defined_assembly 
_pdbx_struct_assembly.method_details       ? 
_pdbx_struct_assembly.oligomeric_details   monomeric 
_pdbx_struct_assembly.oligomeric_count     1 
# 
_pdbx_struct_assembly_gen.assembly_id       1 
_pdbx_struct_assembly_gen.oper_expression   1 
_pdbx_struct_assembly_gen.asym_id_list      A,B,C,D 
# 
_pdbx_struct_oper_list.id                   1 
_pdbx_struct_oper_list.type                 'identity operation' 
_pdbx_struct_oper_list.name                 1_555 
_pdbx_struct_oper_list.symmetry_operation   x,y,z 
_pdbx_struct_oper_list.matrix[1][1]         1.0000000000 
_pdbx_struct_oper_list.matrix[1][2]         0.0000000000 
_pdbx_struct_oper_list.matrix[1][3]         0.0000000000 
_pdbx_struct_oper_list.vector[1]            0.0000000000 
_pdbx_struct_oper_list.matrix[2][1]         0.0000000000 
_pdbx_struct_oper_list.matrix[2][2]         1.0000000000 
_pdbx_struct_oper_list.matrix[2][3]         0.0000000000 
_pdbx_struct_oper_list.vector[2]            0.0000000000 
_pdbx_struct_oper_list.matrix[3][1]         0.0000000000 
_pdbx_struct_oper_list.matrix[3][2]         0.0000000000 
_pdbx_struct_oper_list.matrix[3][3]         1.0000000000 
_pdbx_struct_oper_list.vector[3]            0.0000000000 
# 
_struct_biol.id   1 
# 
loop_
_struct_conf.conf_type_id 
_struct_conf.id 
_struct_conf.pdbx_PDB_helix_id 
_struct_conf.beg_label_comp_id 
_struct_conf.beg_label_asym_id 
_struct_conf.beg_label_seq_id 
_struct_conf.pdbx_beg_PDB_ins_code 
_struct_conf.end_label_comp_id 
_struct_conf.end_label_asym_id 
_struct_conf.end_label_seq_id 
_struct_conf.pdbx_end_PDB_ins_code 
_struct_conf.beg_auth_comp_id 
_struct_conf.beg_auth_asym_id 
_struct_conf.beg_auth_seq_id 
_struct_conf.end_auth_comp_id 
_struct_conf.end_auth_asym_id 
_struct_conf.end_auth_seq_id 
_struct_conf.pdbx_PDB_helix_class 
_struct_conf.details 
_struct_conf.pdbx_PDB_helix_length 
HELX_P HELX_P1 1 LEU A 22  ? GLU A 27  ? LEU A 225 GLU A 230 1 ? 6  
HELX_P HELX_P2 2 SER A 66  ? GLY A 81  ? SER A 269 GLY A 284 5 ? 16 
HELX_P HELX_P3 3 SER A 95  ? LYS A 108 ? SER A 298 LYS A 311 1 ? 14 
HELX_P HELX_P4 4 MET A 113 ? LYS A 123 ? MET A 316 LYS A 326 1 ? 11 
HELX_P HELX_P5 5 MET A 134 ? ARG A 142 ? MET A 337 ARG A 345 1 ? 9  
# 
_struct_conf_type.id          HELX_P 
_struct_conf_type.criteria    ? 
_struct_conf_type.reference   ? 
# 
_struct_sheet.id               A 
_struct_sheet.type             ? 
_struct_sheet.number_strands   6 
_struct_sheet.details          ? 
# 
loop_
_struct_sheet_order.sheet_id 
_struct_sheet_order.range_id_1 
_struct_sheet_order.range_id_2 
_struct_sheet_order.offset 
_struct_sheet_order.sense 
A 1 2 ? anti-parallel 
A 2 3 ? parallel      
A 3 4 ? parallel      
A 4 5 ? parallel      
A 5 6 ? anti-parallel 
# 
loop_
_struct_sheet_range.sheet_id 
_struct_sheet_range.id 
_struct_sheet_range.beg_label_comp_id 
_struct_sheet_range.beg_label_asym_id 
_struct_sheet_range.beg_label_seq_id 
_struct_sheet_range.pdbx_beg_PDB_ins_code 
_struct_sheet_range.end_label_comp_id 
_struct_sheet_range.end_label_asym_id 
_struct_sheet_range.end_label_seq_id 
_struct_sheet_range.pdbx_end_PDB_ins_code 
_struct_sheet_range.beg_auth_comp_id 
_struct_sheet_range.beg_auth_asym_id 
_struct_sheet_range.beg_auth_seq_id 
_struct_sheet_range.end_auth_comp_id 
_struct_sheet_range.end_auth_asym_id 
_struct_sheet_range.end_auth_seq_id 
A 1 VAL A 5  ? LEU A 8  ? VAL A 208 LEU A 211 
A 2 LEU A 11 ? GLY A 14 ? LEU A 214 GLY A 217 
A 3 GLY A 85 ? HIS A 89 ? GLY A 288 HIS A 292 
A 4 ILE A 30 ? ASN A 35 ? ILE A 233 ASN A 238 
A 5 PHE A 50 ? GLN A 54 ? PHE A 253 GLN A 257 
A 6 LEU A 43 ? ALA A 47 ? LEU A 246 ALA A 250 
# 
loop_
_pdbx_struct_sheet_hbond.sheet_id 
_pdbx_struct_sheet_hbond.range_id_1 
_pdbx_struct_sheet_hbond.range_id_2 
_pdbx_struct_sheet_hbond.range_1_label_atom_id 
_pdbx_struct_sheet_hbond.range_1_label_comp_id 
_pdbx_struct_sheet_hbond.range_1_label_asym_id 
_pdbx_struct_sheet_hbond.range_1_label_seq_id 
_pdbx_struct_sheet_hbond.range_1_PDB_ins_code 
_pdbx_struct_sheet_hbond.range_1_auth_atom_id 
_pdbx_struct_sheet_hbond.range_1_auth_comp_id 
_pdbx_struct_sheet_hbond.range_1_auth_asym_id 
_pdbx_struct_sheet_hbond.range_1_auth_seq_id 
_pdbx_struct_sheet_hbond.range_2_label_atom_id 
_pdbx_struct_sheet_hbond.range_2_label_comp_id 
_pdbx_struct_sheet_hbond.range_2_label_asym_id 
_pdbx_struct_sheet_hbond.range_2_label_seq_id 
_pdbx_struct_sheet_hbond.range_2_PDB_ins_code 
_pdbx_struct_sheet_hbond.range_2_auth_atom_id 
_pdbx_struct_sheet_hbond.range_2_auth_comp_id 
_pdbx_struct_sheet_hbond.range_2_auth_asym_id 
_pdbx_struct_sheet_hbond.range_2_auth_seq_id 
A 1 2 O VAL A 5  ? O VAL A 208 N LEU A 13 ? N LEU A 216 
A 2 3 O TYR A 12 ? O TYR A 215 N VAL A 86 ? N VAL A 289 
A 3 4 O GLY A 85 ? O GLY A 288 N LYS A 31 ? N LYS A 234 
A 4 5 O ILE A 33 ? O ILE A 236 N LYS A 51 ? N LYS A 254 
A 5 6 O PHE A 50 ? O PHE A 253 N ALA A 47 ? N ALA A 250 
# 
loop_
_struct_site.id 
_struct_site.pdbx_evidence_code 
_struct_site.pdbx_auth_asym_id 
_struct_site.pdbx_auth_comp_id 
_struct_site.pdbx_auth_seq_id 
_struct_site.pdbx_auth_ins_code 
_struct_site.pdbx_num_residues 
_struct_site.details 
AC1 Software A CL  500 ? 2 'BINDING SITE FOR RESIDUE CL A 500'  
AC2 Software A MPD 501 ? 7 'BINDING SITE FOR RESIDUE MPD A 501' 
# 
loop_
_struct_site_gen.id 
_struct_site_gen.site_id 
_struct_site_gen.pdbx_num_res 
_struct_site_gen.label_comp_id 
_struct_site_gen.label_asym_id 
_struct_site_gen.label_seq_id 
_struct_site_gen.pdbx_auth_ins_code 
_struct_site_gen.auth_comp_id 
_struct_site_gen.auth_asym_id 
_struct_site_gen.auth_seq_id 
_struct_site_gen.label_atom_id 
_struct_site_gen.label_alt_id 
_struct_site_gen.symmetry 
_struct_site_gen.details 
1 AC1 2 SER A 90  ? SER A 293 . ? 1_555 ? 
2 AC1 2 ARG A 96  ? ARG A 299 . ? 1_555 ? 
3 AC2 7 MET A 113 ? MET A 316 . ? 1_555 ? 
4 AC2 7 ASN A 114 ? ASN A 317 . ? 1_555 ? 
5 AC2 7 TYR A 117 ? TYR A 320 . ? 1_555 ? 
6 AC2 7 ASN A 130 ? ASN A 333 . ? 1_555 ? 
7 AC2 7 PHE A 133 ? PHE A 336 . ? 1_555 ? 
8 AC2 7 LEU A 137 ? LEU A 340 . ? 1_555 ? 
9 AC2 7 HOH D .   ? HOH A 404 . ? 1_555 ? 
# 
loop_
_pdbx_validate_torsion.id 
_pdbx_validate_torsion.PDB_model_num 
_pdbx_validate_torsion.auth_comp_id 
_pdbx_validate_torsion.auth_asym_id 
_pdbx_validate_torsion.auth_seq_id 
_pdbx_validate_torsion.PDB_ins_code 
_pdbx_validate_torsion.label_alt_id 
_pdbx_validate_torsion.phi 
_pdbx_validate_torsion.psi 
1 1 PHE A 247 ? ? -162.44 93.81  
2 1 ILE A 330 ? ? -38.27  129.12 
# 
loop_
_chem_comp_atom.comp_id 
_chem_comp_atom.atom_id 
_chem_comp_atom.type_symbol 
_chem_comp_atom.pdbx_aromatic_flag 
_chem_comp_atom.pdbx_stereo_config 
_chem_comp_atom.pdbx_ordinal 
ALA N    N  N N 1   
ALA CA   C  N S 2   
ALA C    C  N N 3   
ALA O    O  N N 4   
ALA CB   C  N N 5   
ALA OXT  O  N N 6   
ALA H    H  N N 7   
ALA H2   H  N N 8   
ALA HA   H  N N 9   
ALA HB1  H  N N 10  
ALA HB2  H  N N 11  
ALA HB3  H  N N 12  
ALA HXT  H  N N 13  
ARG N    N  N N 14  
ARG CA   C  N S 15  
ARG C    C  N N 16  
ARG O    O  N N 17  
ARG CB   C  N N 18  
ARG CG   C  N N 19  
ARG CD   C  N N 20  
ARG NE   N  N N 21  
ARG CZ   C  N N 22  
ARG NH1  N  N N 23  
ARG NH2  N  N N 24  
ARG OXT  O  N N 25  
ARG H    H  N N 26  
ARG H2   H  N N 27  
ARG HA   H  N N 28  
ARG HB2  H  N N 29  
ARG HB3  H  N N 30  
ARG HG2  H  N N 31  
ARG HG3  H  N N 32  
ARG HD2  H  N N 33  
ARG HD3  H  N N 34  
ARG HE   H  N N 35  
ARG HH11 H  N N 36  
ARG HH12 H  N N 37  
ARG HH21 H  N N 38  
ARG HH22 H  N N 39  
ARG HXT  H  N N 40  
ASN N    N  N N 41  
ASN CA   C  N S 42  
ASN C    C  N N 43  
ASN O    O  N N 44  
ASN CB   C  N N 45  
ASN CG   C  N N 46  
ASN OD1  O  N N 47  
ASN ND2  N  N N 48  
ASN OXT  O  N N 49  
ASN H    H  N N 50  
ASN H2   H  N N 51  
ASN HA   H  N N 52  
ASN HB2  H  N N 53  
ASN HB3  H  N N 54  
ASN HD21 H  N N 55  
ASN HD22 H  N N 56  
ASN HXT  H  N N 57  
ASP N    N  N N 58  
ASP CA   C  N S 59  
ASP C    C  N N 60  
ASP O    O  N N 61  
ASP CB   C  N N 62  
ASP CG   C  N N 63  
ASP OD1  O  N N 64  
ASP OD2  O  N N 65  
ASP OXT  O  N N 66  
ASP H    H  N N 67  
ASP H2   H  N N 68  
ASP HA   H  N N 69  
ASP HB2  H  N N 70  
ASP HB3  H  N N 71  
ASP HD2  H  N N 72  
ASP HXT  H  N N 73  
CL  CL   CL N N 74  
CYS N    N  N N 75  
CYS CA   C  N R 76  
CYS C    C  N N 77  
CYS O    O  N N 78  
CYS CB   C  N N 79  
CYS SG   S  N N 80  
CYS OXT  O  N N 81  
CYS H    H  N N 82  
CYS H2   H  N N 83  
CYS HA   H  N N 84  
CYS HB2  H  N N 85  
CYS HB3  H  N N 86  
CYS HG   H  N N 87  
CYS HXT  H  N N 88  
GLN N    N  N N 89  
GLN CA   C  N S 90  
GLN C    C  N N 91  
GLN O    O  N N 92  
GLN CB   C  N N 93  
GLN CG   C  N N 94  
GLN CD   C  N N 95  
GLN OE1  O  N N 96  
GLN NE2  N  N N 97  
GLN OXT  O  N N 98  
GLN H    H  N N 99  
GLN H2   H  N N 100 
GLN HA   H  N N 101 
GLN HB2  H  N N 102 
GLN HB3  H  N N 103 
GLN HG2  H  N N 104 
GLN HG3  H  N N 105 
GLN HE21 H  N N 106 
GLN HE22 H  N N 107 
GLN HXT  H  N N 108 
GLU N    N  N N 109 
GLU CA   C  N S 110 
GLU C    C  N N 111 
GLU O    O  N N 112 
GLU CB   C  N N 113 
GLU CG   C  N N 114 
GLU CD   C  N N 115 
GLU OE1  O  N N 116 
GLU OE2  O  N N 117 
GLU OXT  O  N N 118 
GLU H    H  N N 119 
GLU H2   H  N N 120 
GLU HA   H  N N 121 
GLU HB2  H  N N 122 
GLU HB3  H  N N 123 
GLU HG2  H  N N 124 
GLU HG3  H  N N 125 
GLU HE2  H  N N 126 
GLU HXT  H  N N 127 
GLY N    N  N N 128 
GLY CA   C  N N 129 
GLY C    C  N N 130 
GLY O    O  N N 131 
GLY OXT  O  N N 132 
GLY H    H  N N 133 
GLY H2   H  N N 134 
GLY HA2  H  N N 135 
GLY HA3  H  N N 136 
GLY HXT  H  N N 137 
HIS N    N  N N 138 
HIS CA   C  N S 139 
HIS C    C  N N 140 
HIS O    O  N N 141 
HIS CB   C  N N 142 
HIS CG   C  Y N 143 
HIS ND1  N  Y N 144 
HIS CD2  C  Y N 145 
HIS CE1  C  Y N 146 
HIS NE2  N  Y N 147 
HIS OXT  O  N N 148 
HIS H    H  N N 149 
HIS H2   H  N N 150 
HIS HA   H  N N 151 
HIS HB2  H  N N 152 
HIS HB3  H  N N 153 
HIS HD1  H  N N 154 
HIS HD2  H  N N 155 
HIS HE1  H  N N 156 
HIS HE2  H  N N 157 
HIS HXT  H  N N 158 
HOH O    O  N N 159 
HOH H1   H  N N 160 
HOH H2   H  N N 161 
ILE N    N  N N 162 
ILE CA   C  N S 163 
ILE C    C  N N 164 
ILE O    O  N N 165 
ILE CB   C  N S 166 
ILE CG1  C  N N 167 
ILE CG2  C  N N 168 
ILE CD1  C  N N 169 
ILE OXT  O  N N 170 
ILE H    H  N N 171 
ILE H2   H  N N 172 
ILE HA   H  N N 173 
ILE HB   H  N N 174 
ILE HG12 H  N N 175 
ILE HG13 H  N N 176 
ILE HG21 H  N N 177 
ILE HG22 H  N N 178 
ILE HG23 H  N N 179 
ILE HD11 H  N N 180 
ILE HD12 H  N N 181 
ILE HD13 H  N N 182 
ILE HXT  H  N N 183 
LEU N    N  N N 184 
LEU CA   C  N S 185 
LEU C    C  N N 186 
LEU O    O  N N 187 
LEU CB   C  N N 188 
LEU CG   C  N N 189 
LEU CD1  C  N N 190 
LEU CD2  C  N N 191 
LEU OXT  O  N N 192 
LEU H    H  N N 193 
LEU H2   H  N N 194 
LEU HA   H  N N 195 
LEU HB2  H  N N 196 
LEU HB3  H  N N 197 
LEU HG   H  N N 198 
LEU HD11 H  N N 199 
LEU HD12 H  N N 200 
LEU HD13 H  N N 201 
LEU HD21 H  N N 202 
LEU HD22 H  N N 203 
LEU HD23 H  N N 204 
LEU HXT  H  N N 205 
LYS N    N  N N 206 
LYS CA   C  N S 207 
LYS C    C  N N 208 
LYS O    O  N N 209 
LYS CB   C  N N 210 
LYS CG   C  N N 211 
LYS CD   C  N N 212 
LYS CE   C  N N 213 
LYS NZ   N  N N 214 
LYS OXT  O  N N 215 
LYS H    H  N N 216 
LYS H2   H  N N 217 
LYS HA   H  N N 218 
LYS HB2  H  N N 219 
LYS HB3  H  N N 220 
LYS HG2  H  N N 221 
LYS HG3  H  N N 222 
LYS HD2  H  N N 223 
LYS HD3  H  N N 224 
LYS HE2  H  N N 225 
LYS HE3  H  N N 226 
LYS HZ1  H  N N 227 
LYS HZ2  H  N N 228 
LYS HZ3  H  N N 229 
LYS HXT  H  N N 230 
MET N    N  N N 231 
MET CA   C  N S 232 
MET C    C  N N 233 
MET O    O  N N 234 
MET CB   C  N N 235 
MET CG   C  N N 236 
MET SD   S  N N 237 
MET CE   C  N N 238 
MET OXT  O  N N 239 
MET H    H  N N 240 
MET H2   H  N N 241 
MET HA   H  N N 242 
MET HB2  H  N N 243 
MET HB3  H  N N 244 
MET HG2  H  N N 245 
MET HG3  H  N N 246 
MET HE1  H  N N 247 
MET HE2  H  N N 248 
MET HE3  H  N N 249 
MET HXT  H  N N 250 
MPD C1   C  N N 251 
MPD C2   C  N N 252 
MPD O2   O  N N 253 
MPD CM   C  N N 254 
MPD C3   C  N N 255 
MPD C4   C  N S 256 
MPD O4   O  N N 257 
MPD C5   C  N N 258 
MPD H11  H  N N 259 
MPD H12  H  N N 260 
MPD H13  H  N N 261 
MPD HO2  H  N N 262 
MPD HM1  H  N N 263 
MPD HM2  H  N N 264 
MPD HM3  H  N N 265 
MPD H31  H  N N 266 
MPD H32  H  N N 267 
MPD H4   H  N N 268 
MPD HO4  H  N N 269 
MPD H51  H  N N 270 
MPD H52  H  N N 271 
MPD H53  H  N N 272 
PHE N    N  N N 273 
PHE CA   C  N S 274 
PHE C    C  N N 275 
PHE O    O  N N 276 
PHE CB   C  N N 277 
PHE CG   C  Y N 278 
PHE CD1  C  Y N 279 
PHE CD2  C  Y N 280 
PHE CE1  C  Y N 281 
PHE CE2  C  Y N 282 
PHE CZ   C  Y N 283 
PHE OXT  O  N N 284 
PHE H    H  N N 285 
PHE H2   H  N N 286 
PHE HA   H  N N 287 
PHE HB2  H  N N 288 
PHE HB3  H  N N 289 
PHE HD1  H  N N 290 
PHE HD2  H  N N 291 
PHE HE1  H  N N 292 
PHE HE2  H  N N 293 
PHE HZ   H  N N 294 
PHE HXT  H  N N 295 
PRO N    N  N N 296 
PRO CA   C  N S 297 
PRO C    C  N N 298 
PRO O    O  N N 299 
PRO CB   C  N N 300 
PRO CG   C  N N 301 
PRO CD   C  N N 302 
PRO OXT  O  N N 303 
PRO H    H  N N 304 
PRO HA   H  N N 305 
PRO HB2  H  N N 306 
PRO HB3  H  N N 307 
PRO HG2  H  N N 308 
PRO HG3  H  N N 309 
PRO HD2  H  N N 310 
PRO HD3  H  N N 311 
PRO HXT  H  N N 312 
SER N    N  N N 313 
SER CA   C  N S 314 
SER C    C  N N 315 
SER O    O  N N 316 
SER CB   C  N N 317 
SER OG   O  N N 318 
SER OXT  O  N N 319 
SER H    H  N N 320 
SER H2   H  N N 321 
SER HA   H  N N 322 
SER HB2  H  N N 323 
SER HB3  H  N N 324 
SER HG   H  N N 325 
SER HXT  H  N N 326 
THR N    N  N N 327 
THR CA   C  N S 328 
THR C    C  N N 329 
THR O    O  N N 330 
THR CB   C  N R 331 
THR OG1  O  N N 332 
THR CG2  C  N N 333 
THR OXT  O  N N 334 
THR H    H  N N 335 
THR H2   H  N N 336 
THR HA   H  N N 337 
THR HB   H  N N 338 
THR HG1  H  N N 339 
THR HG21 H  N N 340 
THR HG22 H  N N 341 
THR HG23 H  N N 342 
THR HXT  H  N N 343 
TRP N    N  N N 344 
TRP CA   C  N S 345 
TRP C    C  N N 346 
TRP O    O  N N 347 
TRP CB   C  N N 348 
TRP CG   C  Y N 349 
TRP CD1  C  Y N 350 
TRP CD2  C  Y N 351 
TRP NE1  N  Y N 352 
TRP CE2  C  Y N 353 
TRP CE3  C  Y N 354 
TRP CZ2  C  Y N 355 
TRP CZ3  C  Y N 356 
TRP CH2  C  Y N 357 
TRP OXT  O  N N 358 
TRP H    H  N N 359 
TRP H2   H  N N 360 
TRP HA   H  N N 361 
TRP HB2  H  N N 362 
TRP HB3  H  N N 363 
TRP HD1  H  N N 364 
TRP HE1  H  N N 365 
TRP HE3  H  N N 366 
TRP HZ2  H  N N 367 
TRP HZ3  H  N N 368 
TRP HH2  H  N N 369 
TRP HXT  H  N N 370 
TYR N    N  N N 371 
TYR CA   C  N S 372 
TYR C    C  N N 373 
TYR O    O  N N 374 
TYR CB   C  N N 375 
TYR CG   C  Y N 376 
TYR CD1  C  Y N 377 
TYR CD2  C  Y N 378 
TYR CE1  C  Y N 379 
TYR CE2  C  Y N 380 
TYR CZ   C  Y N 381 
TYR OH   O  N N 382 
TYR OXT  O  N N 383 
TYR H    H  N N 384 
TYR H2   H  N N 385 
TYR HA   H  N N 386 
TYR HB2  H  N N 387 
TYR HB3  H  N N 388 
TYR HD1  H  N N 389 
TYR HD2  H  N N 390 
TYR HE1  H  N N 391 
TYR HE2  H  N N 392 
TYR HH   H  N N 393 
TYR HXT  H  N N 394 
VAL N    N  N N 395 
VAL CA   C  N S 396 
VAL C    C  N N 397 
VAL O    O  N N 398 
VAL CB   C  N N 399 
VAL CG1  C  N N 400 
VAL CG2  C  N N 401 
VAL OXT  O  N N 402 
VAL H    H  N N 403 
VAL H2   H  N N 404 
VAL HA   H  N N 405 
VAL HB   H  N N 406 
VAL HG11 H  N N 407 
VAL HG12 H  N N 408 
VAL HG13 H  N N 409 
VAL HG21 H  N N 410 
VAL HG22 H  N N 411 
VAL HG23 H  N N 412 
VAL HXT  H  N N 413 
# 
loop_
_chem_comp_bond.comp_id 
_chem_comp_bond.atom_id_1 
_chem_comp_bond.atom_id_2 
_chem_comp_bond.value_order 
_chem_comp_bond.pdbx_aromatic_flag 
_chem_comp_bond.pdbx_stereo_config 
_chem_comp_bond.pdbx_ordinal 
ALA N   CA   sing N N 1   
ALA N   H    sing N N 2   
ALA N   H2   sing N N 3   
ALA CA  C    sing N N 4   
ALA CA  CB   sing N N 5   
ALA CA  HA   sing N N 6   
ALA C   O    doub N N 7   
ALA C   OXT  sing N N 8   
ALA CB  HB1  sing N N 9   
ALA CB  HB2  sing N N 10  
ALA CB  HB3  sing N N 11  
ALA OXT HXT  sing N N 12  
ARG N   CA   sing N N 13  
ARG N   H    sing N N 14  
ARG N   H2   sing N N 15  
ARG CA  C    sing N N 16  
ARG CA  CB   sing N N 17  
ARG CA  HA   sing N N 18  
ARG C   O    doub N N 19  
ARG C   OXT  sing N N 20  
ARG CB  CG   sing N N 21  
ARG CB  HB2  sing N N 22  
ARG CB  HB3  sing N N 23  
ARG CG  CD   sing N N 24  
ARG CG  HG2  sing N N 25  
ARG CG  HG3  sing N N 26  
ARG CD  NE   sing N N 27  
ARG CD  HD2  sing N N 28  
ARG CD  HD3  sing N N 29  
ARG NE  CZ   sing N N 30  
ARG NE  HE   sing N N 31  
ARG CZ  NH1  sing N N 32  
ARG CZ  NH2  doub N N 33  
ARG NH1 HH11 sing N N 34  
ARG NH1 HH12 sing N N 35  
ARG NH2 HH21 sing N N 36  
ARG NH2 HH22 sing N N 37  
ARG OXT HXT  sing N N 38  
ASN N   CA   sing N N 39  
ASN N   H    sing N N 40  
ASN N   H2   sing N N 41  
ASN CA  C    sing N N 42  
ASN CA  CB   sing N N 43  
ASN CA  HA   sing N N 44  
ASN C   O    doub N N 45  
ASN C   OXT  sing N N 46  
ASN CB  CG   sing N N 47  
ASN CB  HB2  sing N N 48  
ASN CB  HB3  sing N N 49  
ASN CG  OD1  doub N N 50  
ASN CG  ND2  sing N N 51  
ASN ND2 HD21 sing N N 52  
ASN ND2 HD22 sing N N 53  
ASN OXT HXT  sing N N 54  
ASP N   CA   sing N N 55  
ASP N   H    sing N N 56  
ASP N   H2   sing N N 57  
ASP CA  C    sing N N 58  
ASP CA  CB   sing N N 59  
ASP CA  HA   sing N N 60  
ASP C   O    doub N N 61  
ASP C   OXT  sing N N 62  
ASP CB  CG   sing N N 63  
ASP CB  HB2  sing N N 64  
ASP CB  HB3  sing N N 65  
ASP CG  OD1  doub N N 66  
ASP CG  OD2  sing N N 67  
ASP OD2 HD2  sing N N 68  
ASP OXT HXT  sing N N 69  
CYS N   CA   sing N N 70  
CYS N   H    sing N N 71  
CYS N   H2   sing N N 72  
CYS CA  C    sing N N 73  
CYS CA  CB   sing N N 74  
CYS CA  HA   sing N N 75  
CYS C   O    doub N N 76  
CYS C   OXT  sing N N 77  
CYS CB  SG   sing N N 78  
CYS CB  HB2  sing N N 79  
CYS CB  HB3  sing N N 80  
CYS SG  HG   sing N N 81  
CYS OXT HXT  sing N N 82  
GLN N   CA   sing N N 83  
GLN N   H    sing N N 84  
GLN N   H2   sing N N 85  
GLN CA  C    sing N N 86  
GLN CA  CB   sing N N 87  
GLN CA  HA   sing N N 88  
GLN C   O    doub N N 89  
GLN C   OXT  sing N N 90  
GLN CB  CG   sing N N 91  
GLN CB  HB2  sing N N 92  
GLN CB  HB3  sing N N 93  
GLN CG  CD   sing N N 94  
GLN CG  HG2  sing N N 95  
GLN CG  HG3  sing N N 96  
GLN CD  OE1  doub N N 97  
GLN CD  NE2  sing N N 98  
GLN NE2 HE21 sing N N 99  
GLN NE2 HE22 sing N N 100 
GLN OXT HXT  sing N N 101 
GLU N   CA   sing N N 102 
GLU N   H    sing N N 103 
GLU N   H2   sing N N 104 
GLU CA  C    sing N N 105 
GLU CA  CB   sing N N 106 
GLU CA  HA   sing N N 107 
GLU C   O    doub N N 108 
GLU C   OXT  sing N N 109 
GLU CB  CG   sing N N 110 
GLU CB  HB2  sing N N 111 
GLU CB  HB3  sing N N 112 
GLU CG  CD   sing N N 113 
GLU CG  HG2  sing N N 114 
GLU CG  HG3  sing N N 115 
GLU CD  OE1  doub N N 116 
GLU CD  OE2  sing N N 117 
GLU OE2 HE2  sing N N 118 
GLU OXT HXT  sing N N 119 
GLY N   CA   sing N N 120 
GLY N   H    sing N N 121 
GLY N   H2   sing N N 122 
GLY CA  C    sing N N 123 
GLY CA  HA2  sing N N 124 
GLY CA  HA3  sing N N 125 
GLY C   O    doub N N 126 
GLY C   OXT  sing N N 127 
GLY OXT HXT  sing N N 128 
HIS N   CA   sing N N 129 
HIS N   H    sing N N 130 
HIS N   H2   sing N N 131 
HIS CA  C    sing N N 132 
HIS CA  CB   sing N N 133 
HIS CA  HA   sing N N 134 
HIS C   O    doub N N 135 
HIS C   OXT  sing N N 136 
HIS CB  CG   sing N N 137 
HIS CB  HB2  sing N N 138 
HIS CB  HB3  sing N N 139 
HIS CG  ND1  sing Y N 140 
HIS CG  CD2  doub Y N 141 
HIS ND1 CE1  doub Y N 142 
HIS ND1 HD1  sing N N 143 
HIS CD2 NE2  sing Y N 144 
HIS CD2 HD2  sing N N 145 
HIS CE1 NE2  sing Y N 146 
HIS CE1 HE1  sing N N 147 
HIS NE2 HE2  sing N N 148 
HIS OXT HXT  sing N N 149 
HOH O   H1   sing N N 150 
HOH O   H2   sing N N 151 
ILE N   CA   sing N N 152 
ILE N   H    sing N N 153 
ILE N   H2   sing N N 154 
ILE CA  C    sing N N 155 
ILE CA  CB   sing N N 156 
ILE CA  HA   sing N N 157 
ILE C   O    doub N N 158 
ILE C   OXT  sing N N 159 
ILE CB  CG1  sing N N 160 
ILE CB  CG2  sing N N 161 
ILE CB  HB   sing N N 162 
ILE CG1 CD1  sing N N 163 
ILE CG1 HG12 sing N N 164 
ILE CG1 HG13 sing N N 165 
ILE CG2 HG21 sing N N 166 
ILE CG2 HG22 sing N N 167 
ILE CG2 HG23 sing N N 168 
ILE CD1 HD11 sing N N 169 
ILE CD1 HD12 sing N N 170 
ILE CD1 HD13 sing N N 171 
ILE OXT HXT  sing N N 172 
LEU N   CA   sing N N 173 
LEU N   H    sing N N 174 
LEU N   H2   sing N N 175 
LEU CA  C    sing N N 176 
LEU CA  CB   sing N N 177 
LEU CA  HA   sing N N 178 
LEU C   O    doub N N 179 
LEU C   OXT  sing N N 180 
LEU CB  CG   sing N N 181 
LEU CB  HB2  sing N N 182 
LEU CB  HB3  sing N N 183 
LEU CG  CD1  sing N N 184 
LEU CG  CD2  sing N N 185 
LEU CG  HG   sing N N 186 
LEU CD1 HD11 sing N N 187 
LEU CD1 HD12 sing N N 188 
LEU CD1 HD13 sing N N 189 
LEU CD2 HD21 sing N N 190 
LEU CD2 HD22 sing N N 191 
LEU CD2 HD23 sing N N 192 
LEU OXT HXT  sing N N 193 
LYS N   CA   sing N N 194 
LYS N   H    sing N N 195 
LYS N   H2   sing N N 196 
LYS CA  C    sing N N 197 
LYS CA  CB   sing N N 198 
LYS CA  HA   sing N N 199 
LYS C   O    doub N N 200 
LYS C   OXT  sing N N 201 
LYS CB  CG   sing N N 202 
LYS CB  HB2  sing N N 203 
LYS CB  HB3  sing N N 204 
LYS CG  CD   sing N N 205 
LYS CG  HG2  sing N N 206 
LYS CG  HG3  sing N N 207 
LYS CD  CE   sing N N 208 
LYS CD  HD2  sing N N 209 
LYS CD  HD3  sing N N 210 
LYS CE  NZ   sing N N 211 
LYS CE  HE2  sing N N 212 
LYS CE  HE3  sing N N 213 
LYS NZ  HZ1  sing N N 214 
LYS NZ  HZ2  sing N N 215 
LYS NZ  HZ3  sing N N 216 
LYS OXT HXT  sing N N 217 
MET N   CA   sing N N 218 
MET N   H    sing N N 219 
MET N   H2   sing N N 220 
MET CA  C    sing N N 221 
MET CA  CB   sing N N 222 
MET CA  HA   sing N N 223 
MET C   O    doub N N 224 
MET C   OXT  sing N N 225 
MET CB  CG   sing N N 226 
MET CB  HB2  sing N N 227 
MET CB  HB3  sing N N 228 
MET CG  SD   sing N N 229 
MET CG  HG2  sing N N 230 
MET CG  HG3  sing N N 231 
MET SD  CE   sing N N 232 
MET CE  HE1  sing N N 233 
MET CE  HE2  sing N N 234 
MET CE  HE3  sing N N 235 
MET OXT HXT  sing N N 236 
MPD C1  C2   sing N N 237 
MPD C1  H11  sing N N 238 
MPD C1  H12  sing N N 239 
MPD C1  H13  sing N N 240 
MPD C2  O2   sing N N 241 
MPD C2  CM   sing N N 242 
MPD C2  C3   sing N N 243 
MPD O2  HO2  sing N N 244 
MPD CM  HM1  sing N N 245 
MPD CM  HM2  sing N N 246 
MPD CM  HM3  sing N N 247 
MPD C3  C4   sing N N 248 
MPD C3  H31  sing N N 249 
MPD C3  H32  sing N N 250 
MPD C4  O4   sing N N 251 
MPD C4  C5   sing N N 252 
MPD C4  H4   sing N N 253 
MPD O4  HO4  sing N N 254 
MPD C5  H51  sing N N 255 
MPD C5  H52  sing N N 256 
MPD C5  H53  sing N N 257 
PHE N   CA   sing N N 258 
PHE N   H    sing N N 259 
PHE N   H2   sing N N 260 
PHE CA  C    sing N N 261 
PHE CA  CB   sing N N 262 
PHE CA  HA   sing N N 263 
PHE C   O    doub N N 264 
PHE C   OXT  sing N N 265 
PHE CB  CG   sing N N 266 
PHE CB  HB2  sing N N 267 
PHE CB  HB3  sing N N 268 
PHE CG  CD1  doub Y N 269 
PHE CG  CD2  sing Y N 270 
PHE CD1 CE1  sing Y N 271 
PHE CD1 HD1  sing N N 272 
PHE CD2 CE2  doub Y N 273 
PHE CD2 HD2  sing N N 274 
PHE CE1 CZ   doub Y N 275 
PHE CE1 HE1  sing N N 276 
PHE CE2 CZ   sing Y N 277 
PHE CE2 HE2  sing N N 278 
PHE CZ  HZ   sing N N 279 
PHE OXT HXT  sing N N 280 
PRO N   CA   sing N N 281 
PRO N   CD   sing N N 282 
PRO N   H    sing N N 283 
PRO CA  C    sing N N 284 
PRO CA  CB   sing N N 285 
PRO CA  HA   sing N N 286 
PRO C   O    doub N N 287 
PRO C   OXT  sing N N 288 
PRO CB  CG   sing N N 289 
PRO CB  HB2  sing N N 290 
PRO CB  HB3  sing N N 291 
PRO CG  CD   sing N N 292 
PRO CG  HG2  sing N N 293 
PRO CG  HG3  sing N N 294 
PRO CD  HD2  sing N N 295 
PRO CD  HD3  sing N N 296 
PRO OXT HXT  sing N N 297 
SER N   CA   sing N N 298 
SER N   H    sing N N 299 
SER N   H2   sing N N 300 
SER CA  C    sing N N 301 
SER CA  CB   sing N N 302 
SER CA  HA   sing N N 303 
SER C   O    doub N N 304 
SER C   OXT  sing N N 305 
SER CB  OG   sing N N 306 
SER CB  HB2  sing N N 307 
SER CB  HB3  sing N N 308 
SER OG  HG   sing N N 309 
SER OXT HXT  sing N N 310 
THR N   CA   sing N N 311 
THR N   H    sing N N 312 
THR N   H2   sing N N 313 
THR CA  C    sing N N 314 
THR CA  CB   sing N N 315 
THR CA  HA   sing N N 316 
THR C   O    doub N N 317 
THR C   OXT  sing N N 318 
THR CB  OG1  sing N N 319 
THR CB  CG2  sing N N 320 
THR CB  HB   sing N N 321 
THR OG1 HG1  sing N N 322 
THR CG2 HG21 sing N N 323 
THR CG2 HG22 sing N N 324 
THR CG2 HG23 sing N N 325 
THR OXT HXT  sing N N 326 
TRP N   CA   sing N N 327 
TRP N   H    sing N N 328 
TRP N   H2   sing N N 329 
TRP CA  C    sing N N 330 
TRP CA  CB   sing N N 331 
TRP CA  HA   sing N N 332 
TRP C   O    doub N N 333 
TRP C   OXT  sing N N 334 
TRP CB  CG   sing N N 335 
TRP CB  HB2  sing N N 336 
TRP CB  HB3  sing N N 337 
TRP CG  CD1  doub Y N 338 
TRP CG  CD2  sing Y N 339 
TRP CD1 NE1  sing Y N 340 
TRP CD1 HD1  sing N N 341 
TRP CD2 CE2  doub Y N 342 
TRP CD2 CE3  sing Y N 343 
TRP NE1 CE2  sing Y N 344 
TRP NE1 HE1  sing N N 345 
TRP CE2 CZ2  sing Y N 346 
TRP CE3 CZ3  doub Y N 347 
TRP CE3 HE3  sing N N 348 
TRP CZ2 CH2  doub Y N 349 
TRP CZ2 HZ2  sing N N 350 
TRP CZ3 CH2  sing Y N 351 
TRP CZ3 HZ3  sing N N 352 
TRP CH2 HH2  sing N N 353 
TRP OXT HXT  sing N N 354 
TYR N   CA   sing N N 355 
TYR N   H    sing N N 356 
TYR N   H2   sing N N 357 
TYR CA  C    sing N N 358 
TYR CA  CB   sing N N 359 
TYR CA  HA   sing N N 360 
TYR C   O    doub N N 361 
TYR C   OXT  sing N N 362 
TYR CB  CG   sing N N 363 
TYR CB  HB2  sing N N 364 
TYR CB  HB3  sing N N 365 
TYR CG  CD1  doub Y N 366 
TYR CG  CD2  sing Y N 367 
TYR CD1 CE1  sing Y N 368 
TYR CD1 HD1  sing N N 369 
TYR CD2 CE2  doub Y N 370 
TYR CD2 HD2  sing N N 371 
TYR CE1 CZ   doub Y N 372 
TYR CE1 HE1  sing N N 373 
TYR CE2 CZ   sing Y N 374 
TYR CE2 HE2  sing N N 375 
TYR CZ  OH   sing N N 376 
TYR OH  HH   sing N N 377 
TYR OXT HXT  sing N N 378 
VAL N   CA   sing N N 379 
VAL N   H    sing N N 380 
VAL N   H2   sing N N 381 
VAL CA  C    sing N N 382 
VAL CA  CB   sing N N 383 
VAL CA  HA   sing N N 384 
VAL C   O    doub N N 385 
VAL C   OXT  sing N N 386 
VAL CB  CG1  sing N N 387 
VAL CB  CG2  sing N N 388 
VAL CB  HB   sing N N 389 
VAL CG1 HG11 sing N N 390 
VAL CG1 HG12 sing N N 391 
VAL CG1 HG13 sing N N 392 
VAL CG2 HG21 sing N N 393 
VAL CG2 HG22 sing N N 394 
VAL CG2 HG23 sing N N 395 
VAL OXT HXT  sing N N 396 
# 
_atom_sites.entry_id                    1MKP 
_atom_sites.fract_transf_matrix[1][1]   0.00602221 
_atom_sites.fract_transf_matrix[1][2]   -0.00363036 
_atom_sites.fract_transf_matrix[1][3]   0.00860278 
_atom_sites.fract_transf_matrix[2][1]   -0.00354778 
_atom_sites.fract_transf_matrix[2][2]   0.00857949 
_atom_sites.fract_transf_matrix[2][3]   0.00610409 
_atom_sites.fract_transf_matrix[3][1]   -0.01136334 
_atom_sites.fract_transf_matrix[3][2]   -0.00796660 
_atom_sites.fract_transf_matrix[3][3]   0.00459280 
_atom_sites.fract_transf_vector[1]      0.063085 
_atom_sites.fract_transf_vector[2]      0.694666 
_atom_sites.fract_transf_vector[3]      0.244658 
# 
loop_
_atom_type.symbol 
C  
CL 
N  
O  
S  
# 
loop_
_atom_site.group_PDB 
_atom_site.id 
_atom_site.type_symbol 
_atom_site.label_atom_id 
_atom_site.label_alt_id 
_atom_site.label_comp_id 
_atom_site.label_asym_id 
_atom_site.label_entity_id 
_atom_site.label_seq_id 
_atom_site.pdbx_PDB_ins_code 
_atom_site.Cartn_x 
_atom_site.Cartn_y 
_atom_site.Cartn_z 
_atom_site.occupancy 
_atom_site.B_iso_or_equiv 
_atom_site.pdbx_formal_charge 
_atom_site.auth_seq_id 
_atom_site.auth_comp_id 
_atom_site.auth_asym_id 
_atom_site.auth_atom_id 
_atom_site.pdbx_PDB_model_num 
ATOM   1    N  N   . ALA A 1 1   ? -11.703 -16.581 1.893   1.00 64.94 ? 204 ALA A N   1 
ATOM   2    C  CA  . ALA A 1 1   ? -10.795 -17.327 2.816   1.00 65.13 ? 204 ALA A CA  1 
ATOM   3    C  C   . ALA A 1 1   ? -9.924  -16.366 3.632   1.00 65.41 ? 204 ALA A C   1 
ATOM   4    O  O   . ALA A 1 1   ? -9.870  -16.480 4.856   1.00 66.14 ? 204 ALA A O   1 
ATOM   5    C  CB  . ALA A 1 1   ? -9.919  -18.326 2.040   1.00 64.16 ? 204 ALA A CB  1 
ATOM   6    N  N   . SER A 1 2   ? -9.238  -15.434 2.966   1.00 64.88 ? 205 SER A N   1 
ATOM   7    C  CA  . SER A 1 2   ? -8.388  -14.465 3.671   1.00 64.01 ? 205 SER A CA  1 
ATOM   8    C  C   . SER A 1 2   ? -8.775  -13.019 3.354   1.00 63.01 ? 205 SER A C   1 
ATOM   9    O  O   . SER A 1 2   ? -9.172  -12.715 2.231   1.00 62.73 ? 205 SER A O   1 
ATOM   10   C  CB  . SER A 1 2   ? -6.901  -14.698 3.359   1.00 64.39 ? 205 SER A CB  1 
ATOM   11   O  OG  . SER A 1 2   ? -6.616  -14.516 1.985   1.00 65.15 ? 205 SER A OG  1 
ATOM   12   N  N   . PHE A 1 3   ? -8.644  -12.132 4.339   1.00 62.10 ? 206 PHE A N   1 
ATOM   13   C  CA  . PHE A 1 3   ? -9.008  -10.721 4.160   1.00 61.37 ? 206 PHE A CA  1 
ATOM   14   C  C   . PHE A 1 3   ? -7.844  -9.759  4.409   1.00 59.54 ? 206 PHE A C   1 
ATOM   15   O  O   . PHE A 1 3   ? -6.820  -10.147 4.971   1.00 59.78 ? 206 PHE A O   1 
ATOM   16   C  CB  . PHE A 1 3   ? -10.160 -10.358 5.105   1.00 63.29 ? 206 PHE A CB  1 
ATOM   17   C  CG  . PHE A 1 3   ? -11.354 -11.252 4.974   1.00 65.78 ? 206 PHE A CG  1 
ATOM   18   C  CD1 . PHE A 1 3   ? -12.033 -11.356 3.764   1.00 66.50 ? 206 PHE A CD1 1 
ATOM   19   C  CD2 . PHE A 1 3   ? -11.792 -12.010 6.058   1.00 66.78 ? 206 PHE A CD2 1 
ATOM   20   C  CE1 . PHE A 1 3   ? -13.129 -12.202 3.629   1.00 67.13 ? 206 PHE A CE1 1 
ATOM   21   C  CE2 . PHE A 1 3   ? -12.887 -12.861 5.938   1.00 67.54 ? 206 PHE A CE2 1 
ATOM   22   C  CZ  . PHE A 1 3   ? -13.558 -12.957 4.718   1.00 67.58 ? 206 PHE A CZ  1 
ATOM   23   N  N   . PRO A 1 4   ? -7.968  -8.502  3.941   1.00 57.30 ? 207 PRO A N   1 
ATOM   24   C  CA  . PRO A 1 4   ? -6.935  -7.476  4.120   1.00 55.35 ? 207 PRO A CA  1 
ATOM   25   C  C   . PRO A 1 4   ? -6.658  -7.244  5.599   1.00 53.38 ? 207 PRO A C   1 
ATOM   26   O  O   . PRO A 1 4   ? -7.580  -7.200  6.408   1.00 53.13 ? 207 PRO A O   1 
ATOM   27   C  CB  . PRO A 1 4   ? -7.574  -6.247  3.480   1.00 55.67 ? 207 PRO A CB  1 
ATOM   28   C  CG  . PRO A 1 4   ? -8.324  -6.847  2.340   1.00 56.90 ? 207 PRO A CG  1 
ATOM   29   C  CD  . PRO A 1 4   ? -9.005  -8.026  3.005   1.00 57.06 ? 207 PRO A CD  1 
ATOM   30   N  N   . VAL A 1 5   ? -5.383  -7.123  5.944   1.00 51.28 ? 208 VAL A N   1 
ATOM   31   C  CA  . VAL A 1 5   ? -4.985  -6.920  7.330   1.00 49.37 ? 208 VAL A CA  1 
ATOM   32   C  C   . VAL A 1 5   ? -4.851  -5.442  7.648   1.00 48.22 ? 208 VAL A C   1 
ATOM   33   O  O   . VAL A 1 5   ? -4.361  -4.675  6.824   1.00 48.19 ? 208 VAL A O   1 
ATOM   34   C  CB  . VAL A 1 5   ? -3.640  -7.619  7.625   1.00 49.55 ? 208 VAL A CB  1 
ATOM   35   C  CG1 . VAL A 1 5   ? -3.286  -7.510  9.106   1.00 49.48 ? 208 VAL A CG1 1 
ATOM   36   C  CG2 . VAL A 1 5   ? -3.704  -9.075  7.197   1.00 49.35 ? 208 VAL A CG2 1 
ATOM   37   N  N   . GLU A 1 6   ? -5.313  -5.042  8.830   1.00 47.34 ? 209 GLU A N   1 
ATOM   38   C  CA  . GLU A 1 6   ? -5.207  -3.651  9.258   1.00 46.99 ? 209 GLU A CA  1 
ATOM   39   C  C   . GLU A 1 6   ? -3.837  -3.494  9.915   1.00 46.12 ? 209 GLU A C   1 
ATOM   40   O  O   . GLU A 1 6   ? -3.569  -4.089  10.960  1.00 46.72 ? 209 GLU A O   1 
ATOM   41   C  CB  . GLU A 1 6   ? -6.316  -3.298  10.249  1.00 47.58 ? 209 GLU A CB  1 
ATOM   42   C  CG  . GLU A 1 6   ? -6.373  -1.819  10.598  1.00 50.29 ? 209 GLU A CG  1 
ATOM   43   C  CD  . GLU A 1 6   ? -7.478  -1.470  11.592  1.00 52.52 ? 209 GLU A CD  1 
ATOM   44   O  OE1 . GLU A 1 6   ? -7.516  -2.067  12.692  1.00 53.41 ? 209 GLU A OE1 1 
ATOM   45   O  OE2 . GLU A 1 6   ? -8.298  -0.573  11.281  1.00 53.17 ? 209 GLU A OE2 1 
ATOM   46   N  N   . ILE A 1 7   ? -2.953  -2.750  9.258   1.00 44.86 ? 210 ILE A N   1 
ATOM   47   C  CA  . ILE A 1 7   ? -1.598  -2.515  9.757   1.00 43.21 ? 210 ILE A CA  1 
ATOM   48   C  C   . ILE A 1 7   ? -1.636  -1.449  10.856  1.00 43.14 ? 210 ILE A C   1 
ATOM   49   O  O   . ILE A 1 7   ? -1.029  -1.603  11.920  1.00 43.10 ? 210 ILE A O   1 
ATOM   50   C  CB  . ILE A 1 7   ? -0.676  -2.086  8.600   1.00 41.56 ? 210 ILE A CB  1 
ATOM   51   C  CG1 . ILE A 1 7   ? -0.756  -3.123  7.480   1.00 40.16 ? 210 ILE A CG1 1 
ATOM   52   C  CG2 . ILE A 1 7   ? 0.759   -1.955  9.074   1.00 41.02 ? 210 ILE A CG2 1 
ATOM   53   C  CD1 . ILE A 1 7   ? -0.419  -4.540  7.922   1.00 38.94 ? 210 ILE A CD1 1 
ATOM   54   N  N   . LEU A 1 8   ? -2.350  -0.368  10.568  1.00 42.40 ? 211 LEU A N   1 
ATOM   55   C  CA  . LEU A 1 8   ? -2.559  0.731   11.500  1.00 42.58 ? 211 LEU A CA  1 
ATOM   56   C  C   . LEU A 1 8   ? -4.034  1.051   11.332  1.00 43.00 ? 211 LEU A C   1 
ATOM   57   O  O   . LEU A 1 8   ? -4.641  0.657   10.337  1.00 43.39 ? 211 LEU A O   1 
ATOM   58   C  CB  . LEU A 1 8   ? -1.738  1.959   11.108  1.00 42.28 ? 211 LEU A CB  1 
ATOM   59   C  CG  . LEU A 1 8   ? -0.222  1.992   11.294  1.00 41.85 ? 211 LEU A CG  1 
ATOM   60   C  CD1 . LEU A 1 8   ? 0.276   3.378   10.914  1.00 40.74 ? 211 LEU A CD1 1 
ATOM   61   C  CD2 . LEU A 1 8   ? 0.141   1.678   12.738  1.00 41.49 ? 211 LEU A CD2 1 
ATOM   62   N  N   . PRO A 1 9   ? -4.647  1.732   12.311  1.00 42.97 ? 212 PRO A N   1 
ATOM   63   C  CA  . PRO A 1 9   ? -6.068  2.056   12.167  1.00 42.35 ? 212 PRO A CA  1 
ATOM   64   C  C   . PRO A 1 9   ? -6.306  2.791   10.854  1.00 42.26 ? 212 PRO A C   1 
ATOM   65   O  O   . PRO A 1 9   ? -5.624  3.773   10.566  1.00 41.81 ? 212 PRO A O   1 
ATOM   66   C  CB  . PRO A 1 9   ? -6.321  2.958   13.371  1.00 42.64 ? 212 PRO A CB  1 
ATOM   67   C  CG  . PRO A 1 9   ? -5.426  2.357   14.408  1.00 42.51 ? 212 PRO A CG  1 
ATOM   68   C  CD  . PRO A 1 9   ? -4.144  2.154   13.630  1.00 42.53 ? 212 PRO A CD  1 
ATOM   69   N  N   . PHE A 1 10  ? -7.224  2.261   10.041  1.00 41.96 ? 213 PHE A N   1 
ATOM   70   C  CA  . PHE A 1 10  ? -7.595  2.832   8.736   1.00 41.81 ? 213 PHE A CA  1 
ATOM   71   C  C   . PHE A 1 10  ? -6.636  2.555   7.589   1.00 40.91 ? 213 PHE A C   1 
ATOM   72   O  O   . PHE A 1 10  ? -6.818  3.073   6.494   1.00 41.49 ? 213 PHE A O   1 
ATOM   73   C  CB  . PHE A 1 10  ? -7.831  4.344   8.835   1.00 43.56 ? 213 PHE A CB  1 
ATOM   74   C  CG  . PHE A 1 10  ? -8.827  4.722   9.882   1.00 45.97 ? 213 PHE A CG  1 
ATOM   75   C  CD1 . PHE A 1 10  ? -10.136 4.248   9.813   1.00 46.66 ? 213 PHE A CD1 1 
ATOM   76   C  CD2 . PHE A 1 10  ? -8.445  5.495   10.976  1.00 46.54 ? 213 PHE A CD2 1 
ATOM   77   C  CE1 . PHE A 1 10  ? -11.051 4.534   10.826  1.00 47.50 ? 213 PHE A CE1 1 
ATOM   78   C  CE2 . PHE A 1 10  ? -9.349  5.787   11.994  1.00 47.16 ? 213 PHE A CE2 1 
ATOM   79   C  CZ  . PHE A 1 10  ? -10.657 5.303   11.920  1.00 47.51 ? 213 PHE A CZ  1 
ATOM   80   N  N   . LEU A 1 11  ? -5.618  1.741   7.837   1.00 39.39 ? 214 LEU A N   1 
ATOM   81   C  CA  . LEU A 1 11  ? -4.641  1.403   6.816   1.00 37.83 ? 214 LEU A CA  1 
ATOM   82   C  C   . LEU A 1 11  ? -4.659  -0.103  6.627   1.00 37.72 ? 214 LEU A C   1 
ATOM   83   O  O   . LEU A 1 11  ? -4.344  -0.865  7.541   1.00 37.02 ? 214 LEU A O   1 
ATOM   84   C  CB  . LEU A 1 11  ? -3.252  1.881   7.231   1.00 37.67 ? 214 LEU A CB  1 
ATOM   85   C  CG  . LEU A 1 11  ? -2.073  1.511   6.329   1.00 38.29 ? 214 LEU A CG  1 
ATOM   86   C  CD1 . LEU A 1 11  ? -2.267  2.071   4.927   1.00 38.04 ? 214 LEU A CD1 1 
ATOM   87   C  CD2 . LEU A 1 11  ? -0.782  2.037   6.939   1.00 37.58 ? 214 LEU A CD2 1 
ATOM   88   N  N   . TYR A 1 12  ? -5.060  -0.527  5.436   1.00 37.99 ? 215 TYR A N   1 
ATOM   89   C  CA  . TYR A 1 12  ? -5.153  -1.939  5.115   1.00 38.73 ? 215 TYR A CA  1 
ATOM   90   C  C   . TYR A 1 12  ? -4.215  -2.370  4.011   1.00 39.23 ? 215 TYR A C   1 
ATOM   91   O  O   . TYR A 1 12  ? -3.992  -1.641  3.048   1.00 39.12 ? 215 TYR A O   1 
ATOM   92   C  CB  . TYR A 1 12  ? -6.585  -2.292  4.712   1.00 39.46 ? 215 TYR A CB  1 
ATOM   93   C  CG  . TYR A 1 12  ? -7.557  -2.292  5.862   1.00 39.44 ? 215 TYR A CG  1 
ATOM   94   C  CD1 . TYR A 1 12  ? -8.241  -1.130  6.224   1.00 39.48 ? 215 TYR A CD1 1 
ATOM   95   C  CD2 . TYR A 1 12  ? -7.781  -3.450  6.600   1.00 38.98 ? 215 TYR A CD2 1 
ATOM   96   C  CE1 . TYR A 1 12  ? -9.126  -1.123  7.296   1.00 40.11 ? 215 TYR A CE1 1 
ATOM   97   C  CE2 . TYR A 1 12  ? -8.657  -3.456  7.671   1.00 40.32 ? 215 TYR A CE2 1 
ATOM   98   C  CZ  . TYR A 1 12  ? -9.329  -2.291  8.017   1.00 41.07 ? 215 TYR A CZ  1 
ATOM   99   O  OH  . TYR A 1 12  ? -10.204 -2.302  9.085   1.00 43.06 ? 215 TYR A OH  1 
ATOM   100  N  N   . LEU A 1 13  ? -3.695  -3.580  4.154   1.00 40.10 ? 216 LEU A N   1 
ATOM   101  C  CA  . LEU A 1 13  ? -2.794  -4.158  3.178   1.00 41.73 ? 216 LEU A CA  1 
ATOM   102  C  C   . LEU A 1 13  ? -3.402  -5.475  2.733   1.00 43.96 ? 216 LEU A C   1 
ATOM   103  O  O   . LEU A 1 13  ? -3.688  -6.351  3.555   1.00 43.70 ? 216 LEU A O   1 
ATOM   104  C  CB  . LEU A 1 13  ? -1.423  -4.414  3.801   1.00 40.75 ? 216 LEU A CB  1 
ATOM   105  C  CG  . LEU A 1 13  ? -0.420  -5.207  2.960   1.00 40.18 ? 216 LEU A CG  1 
ATOM   106  C  CD1 . LEU A 1 13  ? 0.104   -4.355  1.816   1.00 39.00 ? 216 LEU A CD1 1 
ATOM   107  C  CD2 . LEU A 1 13  ? 0.719   -5.663  3.841   1.00 39.79 ? 216 LEU A CD2 1 
ATOM   108  N  N   . GLY A 1 14  ? -3.628  -5.602  1.433   1.00 46.68 ? 217 GLY A N   1 
ATOM   109  C  CA  . GLY A 1 14  ? -4.198  -6.826  0.913   1.00 49.73 ? 217 GLY A CA  1 
ATOM   110  C  C   . GLY A 1 14  ? -3.207  -7.583  0.056   1.00 52.40 ? 217 GLY A C   1 
ATOM   111  O  O   . GLY A 1 14  ? -2.472  -6.981  -0.725  1.00 52.78 ? 217 GLY A O   1 
ATOM   112  N  N   . CYS A 1 15  ? -3.126  -8.893  0.263   1.00 54.85 ? 218 CYS A N   1 
ATOM   113  C  CA  . CYS A 1 15  ? -2.242  -9.741  -0.531  1.00 56.83 ? 218 CYS A CA  1 
ATOM   114  C  C   . CYS A 1 15  ? -3.035  -10.086 -1.800  1.00 57.77 ? 218 CYS A C   1 
ATOM   115  O  O   . CYS A 1 15  ? -4.270  -10.040 -1.795  1.00 56.96 ? 218 CYS A O   1 
ATOM   116  C  CB  . CYS A 1 15  ? -1.876  -11.014 0.250   1.00 57.02 ? 218 CYS A CB  1 
ATOM   117  S  SG  . CYS A 1 15  ? -0.712  -12.105 -0.604  1.00 57.86 ? 218 CYS A SG  1 
ATOM   118  N  N   . ALA A 1 16  ? -2.337  -10.398 -2.889  1.00 59.07 ? 219 ALA A N   1 
ATOM   119  C  CA  . ALA A 1 16  ? -2.998  -10.736 -4.151  1.00 59.96 ? 219 ALA A CA  1 
ATOM   120  C  C   . ALA A 1 16  ? -4.093  -11.801 -3.967  1.00 60.67 ? 219 ALA A C   1 
ATOM   121  O  O   . ALA A 1 16  ? -5.183  -11.699 -4.538  1.00 60.55 ? 219 ALA A O   1 
ATOM   122  C  CB  . ALA A 1 16  ? -1.957  -11.206 -5.176  1.00 60.30 ? 219 ALA A CB  1 
ATOM   123  N  N   . LYS A 1 17  ? -3.808  -12.779 -3.111  1.00 61.60 ? 220 LYS A N   1 
ATOM   124  C  CA  . LYS A 1 17  ? -4.731  -13.872 -2.827  1.00 62.62 ? 220 LYS A CA  1 
ATOM   125  C  C   . LYS A 1 17  ? -5.816  -13.539 -1.789  1.00 63.55 ? 220 LYS A C   1 
ATOM   126  O  O   . LYS A 1 17  ? -6.452  -14.446 -1.250  1.00 63.60 ? 220 LYS A O   1 
ATOM   127  C  CB  . LYS A 1 17  ? -3.943  -15.105 -2.392  1.00 61.47 ? 220 LYS A CB  1 
ATOM   128  N  N   . ASP A 1 18  ? -6.032  -12.251 -1.516  1.00 64.78 ? 221 ASP A N   1 
ATOM   129  C  CA  . ASP A 1 18  ? -7.048  -11.821 -0.545  1.00 65.90 ? 221 ASP A CA  1 
ATOM   130  C  C   . ASP A 1 18  ? -8.414  -11.538 -1.181  1.00 66.28 ? 221 ASP A C   1 
ATOM   131  O  O   . ASP A 1 18  ? -8.501  -11.255 -2.381  1.00 66.44 ? 221 ASP A O   1 
ATOM   132  C  CB  . ASP A 1 18  ? -6.578  -10.578 0.232   1.00 66.16 ? 221 ASP A CB  1 
ATOM   133  C  CG  . ASP A 1 18  ? -5.574  -10.907 1.339   1.00 66.73 ? 221 ASP A CG  1 
ATOM   134  O  OD1 . ASP A 1 18  ? -5.187  -12.088 1.494   1.00 66.96 ? 221 ASP A OD1 1 
ATOM   135  O  OD2 . ASP A 1 18  ? -5.171  -9.973  2.068   1.00 66.95 ? 221 ASP A OD2 1 
ATOM   136  N  N   . SER A 1 19  ? -9.468  -11.618 -0.366  1.00 66.50 ? 222 SER A N   1 
ATOM   137  C  CA  . SER A 1 19  ? -10.838 -11.368 -0.820  1.00 66.63 ? 222 SER A CA  1 
ATOM   138  C  C   . SER A 1 19  ? -11.096 -9.868  -0.920  1.00 65.50 ? 222 SER A C   1 
ATOM   139  O  O   . SER A 1 19  ? -11.355 -9.197  0.080   1.00 65.71 ? 222 SER A O   1 
ATOM   140  C  CB  . SER A 1 19  ? -11.866 -12.017 0.123   1.00 67.29 ? 222 SER A CB  1 
ATOM   141  O  OG  . SER A 1 19  ? -11.742 -13.434 0.136   1.00 69.02 ? 222 SER A OG  1 
ATOM   142  N  N   . THR A 1 20  ? -11.007 -9.359  -2.143  1.00 63.99 ? 223 THR A N   1 
ATOM   143  C  CA  . THR A 1 20  ? -11.213 -7.945  -2.431  1.00 62.04 ? 223 THR A CA  1 
ATOM   144  C  C   . THR A 1 20  ? -12.684 -7.621  -2.740  1.00 60.05 ? 223 THR A C   1 
ATOM   145  O  O   . THR A 1 20  ? -12.990 -6.683  -3.478  1.00 59.67 ? 223 THR A O   1 
ATOM   146  C  CB  . THR A 1 20  ? -10.277 -7.482  -3.595  1.00 62.74 ? 223 THR A CB  1 
ATOM   147  O  OG1 . THR A 1 20  ? -10.509 -8.267  -4.776  1.00 62.59 ? 223 THR A OG1 1 
ATOM   148  C  CG2 . THR A 1 20  ? -8.821  -7.636  -3.184  1.00 63.12 ? 223 THR A CG2 1 
ATOM   149  N  N   . ASN A 1 21  ? -13.583 -8.400  -2.146  1.00 57.78 ? 224 ASN A N   1 
ATOM   150  C  CA  . ASN A 1 21  ? -15.022 -8.243  -2.322  1.00 55.46 ? 224 ASN A CA  1 
ATOM   151  C  C   . ASN A 1 21  ? -15.499 -6.882  -1.812  1.00 53.92 ? 224 ASN A C   1 
ATOM   152  O  O   . ASN A 1 21  ? -15.132 -6.469  -0.717  1.00 53.35 ? 224 ASN A O   1 
ATOM   153  C  CB  . ASN A 1 21  ? -15.734 -9.361  -1.571  1.00 55.81 ? 224 ASN A CB  1 
ATOM   154  C  CG  . ASN A 1 21  ? -17.220 -9.338  -1.774  1.00 56.18 ? 224 ASN A CG  1 
ATOM   155  O  OD1 . ASN A 1 21  ? -17.953 -8.673  -1.040  1.00 55.94 ? 224 ASN A OD1 1 
ATOM   156  N  ND2 . ASN A 1 21  ? -17.685 -10.070 -2.775  1.00 56.72 ? 224 ASN A ND2 1 
ATOM   157  N  N   . LEU A 1 22  ? -16.351 -6.214  -2.587  1.00 52.66 ? 225 LEU A N   1 
ATOM   158  C  CA  . LEU A 1 22  ? -16.858 -4.889  -2.221  1.00 51.52 ? 225 LEU A CA  1 
ATOM   159  C  C   . LEU A 1 22  ? -17.623 -4.821  -0.911  1.00 51.57 ? 225 LEU A C   1 
ATOM   160  O  O   . LEU A 1 22  ? -17.588 -3.804  -0.223  1.00 51.33 ? 225 LEU A O   1 
ATOM   161  C  CB  . LEU A 1 22  ? -17.719 -4.297  -3.332  1.00 50.07 ? 225 LEU A CB  1 
ATOM   162  C  CG  . LEU A 1 22  ? -17.044 -3.950  -4.658  1.00 49.57 ? 225 LEU A CG  1 
ATOM   163  C  CD1 . LEU A 1 22  ? -17.957 -3.021  -5.433  1.00 49.01 ? 225 LEU A CD1 1 
ATOM   164  C  CD2 . LEU A 1 22  ? -15.696 -3.281  -4.436  1.00 48.62 ? 225 LEU A CD2 1 
ATOM   165  N  N   . ASP A 1 23  ? -18.350 -5.881  -0.589  1.00 51.90 ? 226 ASP A N   1 
ATOM   166  C  CA  . ASP A 1 23  ? -19.105 -5.912  0.653   1.00 52.72 ? 226 ASP A CA  1 
ATOM   167  C  C   . ASP A 1 23  ? -18.141 -5.985  1.835   1.00 52.44 ? 226 ASP A C   1 
ATOM   168  O  O   . ASP A 1 23  ? -18.327 -5.299  2.843   1.00 52.98 ? 226 ASP A O   1 
ATOM   169  C  CB  . ASP A 1 23  ? -20.083 -7.091  0.660   1.00 54.16 ? 226 ASP A CB  1 
ATOM   170  C  CG  . ASP A 1 23  ? -21.293 -6.860  -0.241  1.00 56.10 ? 226 ASP A CG  1 
ATOM   171  O  OD1 . ASP A 1 23  ? -21.358 -5.823  -0.941  1.00 57.30 ? 226 ASP A OD1 1 
ATOM   172  O  OD2 . ASP A 1 23  ? -22.193 -7.725  -0.246  1.00 57.54 ? 226 ASP A OD2 1 
ATOM   173  N  N   . VAL A 1 24  ? -17.090 -6.786  1.675   1.00 51.54 ? 227 VAL A N   1 
ATOM   174  C  CA  . VAL A 1 24  ? -16.062 -6.953  2.697   1.00 49.93 ? 227 VAL A CA  1 
ATOM   175  C  C   . VAL A 1 24  ? -15.390 -5.607  2.964   1.00 49.76 ? 227 VAL A C   1 
ATOM   176  O  O   . VAL A 1 24  ? -15.128 -5.255  4.107   1.00 49.67 ? 227 VAL A O   1 
ATOM   177  C  CB  . VAL A 1 24  ? -14.989 -7.966  2.239   1.00 49.53 ? 227 VAL A CB  1 
ATOM   178  C  CG1 . VAL A 1 24  ? -13.880 -8.064  3.258   1.00 49.83 ? 227 VAL A CG1 1 
ATOM   179  C  CG2 . VAL A 1 24  ? -15.608 -9.327  2.022   1.00 49.56 ? 227 VAL A CG2 1 
ATOM   180  N  N   . LEU A 1 25  ? -15.142 -4.845  1.905   1.00 49.65 ? 228 LEU A N   1 
ATOM   181  C  CA  . LEU A 1 25  ? -14.503 -3.544  2.046   1.00 49.64 ? 228 LEU A CA  1 
ATOM   182  C  C   . LEU A 1 25  ? -15.415 -2.541  2.740   1.00 50.07 ? 228 LEU A C   1 
ATOM   183  O  O   . LEU A 1 25  ? -14.961 -1.762  3.574   1.00 49.37 ? 228 LEU A O   1 
ATOM   184  C  CB  . LEU A 1 25  ? -14.067 -3.000  0.683   1.00 49.56 ? 228 LEU A CB  1 
ATOM   185  C  CG  . LEU A 1 25  ? -13.080 -3.807  -0.170  1.00 49.57 ? 228 LEU A CG  1 
ATOM   186  C  CD1 . LEU A 1 25  ? -12.702 -2.991  -1.400  1.00 48.80 ? 228 LEU A CD1 1 
ATOM   187  C  CD2 . LEU A 1 25  ? -11.836 -4.175  0.623   1.00 48.50 ? 228 LEU A CD2 1 
ATOM   188  N  N   . GLU A 1 26  ? -16.698 -2.559  2.381   1.00 51.21 ? 229 GLU A N   1 
ATOM   189  C  CA  . GLU A 1 26  ? -17.681 -1.656  2.979   1.00 52.18 ? 229 GLU A CA  1 
ATOM   190  C  C   . GLU A 1 26  ? -17.744 -1.939  4.474   1.00 53.05 ? 229 GLU A C   1 
ATOM   191  O  O   . GLU A 1 26  ? -17.732 -1.019  5.297   1.00 52.95 ? 229 GLU A O   1 
ATOM   192  C  CB  . GLU A 1 26  ? -19.056 -1.871  2.346   1.00 51.70 ? 229 GLU A CB  1 
ATOM   193  N  N   . GLU A 1 27  ? -17.745 -3.228  4.807   1.00 53.23 ? 230 GLU A N   1 
ATOM   194  C  CA  . GLU A 1 27  ? -17.811 -3.690  6.184   1.00 53.64 ? 230 GLU A CA  1 
ATOM   195  C  C   . GLU A 1 27  ? -16.623 -3.224  7.023   1.00 52.82 ? 230 GLU A C   1 
ATOM   196  O  O   . GLU A 1 27  ? -16.772 -2.961  8.216   1.00 53.02 ? 230 GLU A O   1 
ATOM   197  C  CB  . GLU A 1 27  ? -17.892 -5.213  6.213   1.00 56.01 ? 230 GLU A CB  1 
ATOM   198  C  CG  . GLU A 1 27  ? -18.025 -5.803  7.608   1.00 59.98 ? 230 GLU A CG  1 
ATOM   199  C  CD  . GLU A 1 27  ? -17.610 -7.265  7.671   1.00 62.70 ? 230 GLU A CD  1 
ATOM   200  O  OE1 . GLU A 1 27  ? -17.783 -7.993  6.663   1.00 64.17 ? 230 GLU A OE1 1 
ATOM   201  O  OE2 . GLU A 1 27  ? -17.099 -7.682  8.735   1.00 63.94 ? 230 GLU A OE2 1 
ATOM   202  N  N   . PHE A 1 28  ? -15.442 -3.155  6.407   1.00 51.63 ? 231 PHE A N   1 
ATOM   203  C  CA  . PHE A 1 28  ? -14.230 -2.717  7.105   1.00 49.44 ? 231 PHE A CA  1 
ATOM   204  C  C   . PHE A 1 28  ? -14.117 -1.195  7.096   1.00 48.08 ? 231 PHE A C   1 
ATOM   205  O  O   . PHE A 1 28  ? -13.151 -0.642  7.613   1.00 48.65 ? 231 PHE A O   1 
ATOM   206  C  CB  . PHE A 1 28  ? -12.966 -3.294  6.455   1.00 49.37 ? 231 PHE A CB  1 
ATOM   207  C  CG  . PHE A 1 28  ? -12.800 -4.784  6.610   1.00 49.98 ? 231 PHE A CG  1 
ATOM   208  C  CD1 . PHE A 1 28  ? -13.824 -5.583  7.094   1.00 50.93 ? 231 PHE A CD1 1 
ATOM   209  C  CD2 . PHE A 1 28  ? -11.602 -5.391  6.242   1.00 50.28 ? 231 PHE A CD2 1 
ATOM   210  C  CE1 . PHE A 1 28  ? -13.658 -6.964  7.208   1.00 51.25 ? 231 PHE A CE1 1 
ATOM   211  C  CE2 . PHE A 1 28  ? -11.423 -6.767  6.351   1.00 50.48 ? 231 PHE A CE2 1 
ATOM   212  C  CZ  . PHE A 1 28  ? -12.452 -7.555  6.834   1.00 50.98 ? 231 PHE A CZ  1 
ATOM   213  N  N   . GLY A 1 29  ? -15.078 -0.521  6.474   1.00 46.50 ? 232 GLY A N   1 
ATOM   214  C  CA  . GLY A 1 29  ? -15.037 0.929   6.423   1.00 44.98 ? 232 GLY A CA  1 
ATOM   215  C  C   . GLY A 1 29  ? -13.985 1.468   5.469   1.00 44.24 ? 232 GLY A C   1 
ATOM   216  O  O   . GLY A 1 29  ? -13.497 2.588   5.636   1.00 44.44 ? 232 GLY A O   1 
ATOM   217  N  N   . ILE A 1 30  ? -13.622 0.658   4.478   1.00 43.08 ? 233 ILE A N   1 
ATOM   218  C  CA  . ILE A 1 30  ? -12.635 1.047   3.478   1.00 41.31 ? 233 ILE A CA  1 
ATOM   219  C  C   . ILE A 1 30  ? -13.358 1.810   2.375   1.00 41.10 ? 233 ILE A C   1 
ATOM   220  O  O   . ILE A 1 30  ? -14.337 1.313   1.821   1.00 41.73 ? 233 ILE A O   1 
ATOM   221  C  CB  . ILE A 1 30  ? -11.941 -0.193  2.875   1.00 39.81 ? 233 ILE A CB  1 
ATOM   222  C  CG1 . ILE A 1 30  ? -11.178 -0.941  3.967   1.00 37.82 ? 233 ILE A CG1 1 
ATOM   223  C  CG2 . ILE A 1 30  ? -11.004 0.215   1.752   1.00 38.88 ? 233 ILE A CG2 1 
ATOM   224  C  CD1 . ILE A 1 30  ? -10.510 -2.207  3.485   1.00 37.33 ? 233 ILE A CD1 1 
ATOM   225  N  N   . LYS A 1 31  ? -12.903 3.027   2.096   1.00 40.01 ? 234 LYS A N   1 
ATOM   226  C  CA  . LYS A 1 31  ? -13.513 3.853   1.067   1.00 39.21 ? 234 LYS A CA  1 
ATOM   227  C  C   . LYS A 1 31  ? -12.495 4.270   0.015   1.00 39.23 ? 234 LYS A C   1 
ATOM   228  O  O   . LYS A 1 31  ? -12.862 4.751   -1.047  1.00 39.36 ? 234 LYS A O   1 
ATOM   229  C  CB  . LYS A 1 31  ? -14.166 5.077   1.695   1.00 38.54 ? 234 LYS A CB  1 
ATOM   230  N  N   . TYR A 1 32  ? -11.213 4.088   0.318   1.00 39.05 ? 235 TYR A N   1 
ATOM   231  C  CA  . TYR A 1 32  ? -10.140 4.442   -0.609  1.00 38.62 ? 235 TYR A CA  1 
ATOM   232  C  C   . TYR A 1 32  ? -9.375  3.205   -1.046  1.00 38.33 ? 235 TYR A C   1 
ATOM   233  O  O   . TYR A 1 32  ? -9.028  2.357   -0.228  1.00 38.33 ? 235 TYR A O   1 
ATOM   234  C  CB  . TYR A 1 32  ? -9.157  5.406   0.049   1.00 40.40 ? 235 TYR A CB  1 
ATOM   235  C  CG  . TYR A 1 32  ? -9.656  6.820   0.186   1.00 42.75 ? 235 TYR A CG  1 
ATOM   236  C  CD1 . TYR A 1 32  ? -10.675 7.141   1.087   1.00 43.50 ? 235 TYR A CD1 1 
ATOM   237  C  CD2 . TYR A 1 32  ? -9.113  7.841   -0.590  1.00 43.24 ? 235 TYR A CD2 1 
ATOM   238  C  CE1 . TYR A 1 32  ? -11.140 8.446   1.204   1.00 44.34 ? 235 TYR A CE1 1 
ATOM   239  C  CE2 . TYR A 1 32  ? -9.568  9.145   -0.483  1.00 44.12 ? 235 TYR A CE2 1 
ATOM   240  C  CZ  . TYR A 1 32  ? -10.581 9.441   0.413   1.00 44.93 ? 235 TYR A CZ  1 
ATOM   241  O  OH  . TYR A 1 32  ? -11.038 10.734  0.500   1.00 46.77 ? 235 TYR A OH  1 
ATOM   242  N  N   . ILE A 1 33  ? -9.098  3.108   -2.339  1.00 37.67 ? 236 ILE A N   1 
ATOM   243  C  CA  . ILE A 1 33  ? -8.356  1.966   -2.864  1.00 36.49 ? 236 ILE A CA  1 
ATOM   244  C  C   . ILE A 1 33  ? -7.166  2.455   -3.670  1.00 35.92 ? 236 ILE A C   1 
ATOM   245  O  O   . ILE A 1 33  ? -7.318  3.243   -4.604  1.00 35.97 ? 236 ILE A O   1 
ATOM   246  C  CB  . ILE A 1 33  ? -9.235  1.077   -3.776  1.00 36.35 ? 236 ILE A CB  1 
ATOM   247  C  CG1 . ILE A 1 33  ? -10.404 0.488   -2.989  1.00 34.97 ? 236 ILE A CG1 1 
ATOM   248  C  CG2 . ILE A 1 33  ? -8.405  -0.051  -4.385  1.00 35.96 ? 236 ILE A CG2 1 
ATOM   249  C  CD1 . ILE A 1 33  ? -11.386 -0.251  -3.856  1.00 33.74 ? 236 ILE A CD1 1 
ATOM   250  N  N   . LEU A 1 34  ? -5.976  2.022   -3.266  1.00 35.15 ? 237 LEU A N   1 
ATOM   251  C  CA  . LEU A 1 34  ? -4.743  2.375   -3.957  1.00 34.09 ? 237 LEU A CA  1 
ATOM   252  C  C   . LEU A 1 34  ? -4.290  1.085   -4.624  1.00 33.49 ? 237 LEU A C   1 
ATOM   253  O  O   . LEU A 1 34  ? -3.909  0.120   -3.954  1.00 32.23 ? 237 LEU A O   1 
ATOM   254  C  CB  . LEU A 1 34  ? -3.673  2.831   -2.968  1.00 33.82 ? 237 LEU A CB  1 
ATOM   255  C  CG  . LEU A 1 34  ? -2.636  3.863   -3.430  1.00 33.70 ? 237 LEU A CG  1 
ATOM   256  C  CD1 . LEU A 1 34  ? -1.329  3.535   -2.755  1.00 32.88 ? 237 LEU A CD1 1 
ATOM   257  C  CD2 . LEU A 1 34  ? -2.455  3.887   -4.939  1.00 32.98 ? 237 LEU A CD2 1 
ATOM   258  N  N   . ASN A 1 35  ? -4.380  1.059   -5.945  1.00 33.17 ? 238 ASN A N   1 
ATOM   259  C  CA  . ASN A 1 35  ? -3.985  -0.114  -6.699  1.00 33.51 ? 238 ASN A CA  1 
ATOM   260  C  C   . ASN A 1 35  ? -2.570  0.091   -7.186  1.00 33.58 ? 238 ASN A C   1 
ATOM   261  O  O   . ASN A 1 35  ? -2.269  1.091   -7.840  1.00 33.47 ? 238 ASN A O   1 
ATOM   262  C  CB  . ASN A 1 35  ? -4.922  -0.319  -7.889  1.00 33.01 ? 238 ASN A CB  1 
ATOM   263  C  CG  . ASN A 1 35  ? -4.739  -1.672  -8.561  1.00 33.07 ? 238 ASN A CG  1 
ATOM   264  O  OD1 . ASN A 1 35  ? -5.474  -2.005  -9.488  1.00 34.27 ? 238 ASN A OD1 1 
ATOM   265  N  ND2 . ASN A 1 35  ? -3.774  -2.457  -8.097  1.00 32.38 ? 238 ASN A ND2 1 
ATOM   266  N  N   . VAL A 1 36  ? -1.692  -0.833  -6.818  1.00 34.21 ? 239 VAL A N   1 
ATOM   267  C  CA  . VAL A 1 36  ? -0.300  -0.765  -7.233  1.00 34.61 ? 239 VAL A CA  1 
ATOM   268  C  C   . VAL A 1 36  ? 0.080   -1.925  -8.165  1.00 35.12 ? 239 VAL A C   1 
ATOM   269  O  O   . VAL A 1 36  ? 1.246   -2.313  -8.251  1.00 35.37 ? 239 VAL A O   1 
ATOM   270  C  CB  . VAL A 1 36  ? 0.671   -0.637  -6.019  1.00 33.65 ? 239 VAL A CB  1 
ATOM   271  C  CG1 . VAL A 1 36  ? 0.490   0.710   -5.375  1.00 33.17 ? 239 VAL A CG1 1 
ATOM   272  C  CG2 . VAL A 1 36  ? 0.422   -1.729  -4.993  1.00 33.58 ? 239 VAL A CG2 1 
ATOM   273  N  N   . THR A 1 37  ? -0.921  -2.484  -8.850  1.00 35.71 ? 240 THR A N   1 
ATOM   274  C  CA  . THR A 1 37  ? -0.685  -3.555  -9.816  1.00 36.18 ? 240 THR A CA  1 
ATOM   275  C  C   . THR A 1 37  ? 0.004   -2.857  -10.996 1.00 37.27 ? 240 THR A C   1 
ATOM   276  O  O   . THR A 1 37  ? -0.432  -1.787  -11.432 1.00 36.78 ? 240 THR A O   1 
ATOM   277  C  CB  . THR A 1 37  ? -1.999  -4.193  -10.309 1.00 35.47 ? 240 THR A CB  1 
ATOM   278  O  OG1 . THR A 1 37  ? -2.723  -4.734  -9.199  1.00 36.26 ? 240 THR A OG1 1 
ATOM   279  C  CG2 . THR A 1 37  ? -1.709  -5.306  -11.291 1.00 33.79 ? 240 THR A CG2 1 
ATOM   280  N  N   . PRO A 1 38  ? 1.100   -3.441  -11.513 1.00 37.85 ? 241 PRO A N   1 
ATOM   281  C  CA  . PRO A 1 38  ? 1.838   -2.852  -12.635 1.00 39.01 ? 241 PRO A CA  1 
ATOM   282  C  C   . PRO A 1 38  ? 1.169   -2.863  -14.009 1.00 40.48 ? 241 PRO A C   1 
ATOM   283  O  O   . PRO A 1 38  ? 0.208   -3.594  -14.248 1.00 41.38 ? 241 PRO A O   1 
ATOM   284  C  CB  . PRO A 1 38  ? 3.132   -3.656  -12.641 1.00 38.07 ? 241 PRO A CB  1 
ATOM   285  C  CG  . PRO A 1 38  ? 2.684   -4.999  -12.160 1.00 37.84 ? 241 PRO A CG  1 
ATOM   286  C  CD  . PRO A 1 38  ? 1.768   -4.662  -11.025 1.00 37.04 ? 241 PRO A CD  1 
ATOM   287  N  N   . ASN A 1 39  ? 1.691   -2.017  -14.894 1.00 41.86 ? 242 ASN A N   1 
ATOM   288  C  CA  . ASN A 1 39  ? 1.233   -1.882  -16.277 1.00 43.03 ? 242 ASN A CA  1 
ATOM   289  C  C   . ASN A 1 39  ? -0.199  -1.421  -16.464 1.00 43.45 ? 242 ASN A C   1 
ATOM   290  O  O   . ASN A 1 39  ? -0.907  -1.913  -17.344 1.00 44.36 ? 242 ASN A O   1 
ATOM   291  C  CB  . ASN A 1 39  ? 1.453   -3.190  -17.040 1.00 43.54 ? 242 ASN A CB  1 
ATOM   292  C  CG  . ASN A 1 39  ? 2.888   -3.652  -16.993 1.00 44.65 ? 242 ASN A CG  1 
ATOM   293  O  OD1 . ASN A 1 39  ? 3.818   -2.839  -16.971 1.00 46.17 ? 242 ASN A OD1 1 
ATOM   294  N  ND2 . ASN A 1 39  ? 3.080   -4.964  -16.951 1.00 44.46 ? 242 ASN A ND2 1 
ATOM   295  N  N   . LEU A 1 40  ? -0.627  -0.472  -15.646 1.00 43.81 ? 243 LEU A N   1 
ATOM   296  C  CA  . LEU A 1 40  ? -1.982  0.046   -15.752 1.00 44.20 ? 243 LEU A CA  1 
ATOM   297  C  C   . LEU A 1 40  ? -1.885  1.551   -15.904 1.00 44.80 ? 243 LEU A C   1 
ATOM   298  O  O   . LEU A 1 40  ? -0.927  2.166   -15.428 1.00 45.26 ? 243 LEU A O   1 
ATOM   299  C  CB  . LEU A 1 40  ? -2.804  -0.317  -14.511 1.00 43.56 ? 243 LEU A CB  1 
ATOM   300  C  CG  . LEU A 1 40  ? -3.011  -1.803  -14.201 1.00 43.23 ? 243 LEU A CG  1 
ATOM   301  C  CD1 . LEU A 1 40  ? -3.768  -1.936  -12.898 1.00 43.68 ? 243 LEU A CD1 1 
ATOM   302  C  CD2 . LEU A 1 40  ? -3.761  -2.501  -15.324 1.00 42.58 ? 243 LEU A CD2 1 
ATOM   303  N  N   . PRO A 1 41  ? -2.835  2.160   -16.632 1.00 45.35 ? 244 PRO A N   1 
ATOM   304  C  CA  . PRO A 1 41  ? -2.824  3.612   -16.828 1.00 45.96 ? 244 PRO A CA  1 
ATOM   305  C  C   . PRO A 1 41  ? -3.132  4.357   -15.536 1.00 46.28 ? 244 PRO A C   1 
ATOM   306  O  O   . PRO A 1 41  ? -3.763  3.814   -14.626 1.00 46.52 ? 244 PRO A O   1 
ATOM   307  C  CB  . PRO A 1 41  ? -3.926  3.824   -17.864 1.00 45.64 ? 244 PRO A CB  1 
ATOM   308  C  CG  . PRO A 1 41  ? -4.881  2.716   -17.564 1.00 45.95 ? 244 PRO A CG  1 
ATOM   309  C  CD  . PRO A 1 41  ? -3.950  1.546   -17.371 1.00 45.16 ? 244 PRO A CD  1 
ATOM   310  N  N   . ASN A 1 42  ? -2.665  5.593   -15.453 1.00 46.58 ? 245 ASN A N   1 
ATOM   311  C  CA  . ASN A 1 42  ? -2.908  6.407   -14.278 1.00 47.00 ? 245 ASN A CA  1 
ATOM   312  C  C   . ASN A 1 42  ? -4.391  6.782   -14.239 1.00 47.40 ? 245 ASN A C   1 
ATOM   313  O  O   . ASN A 1 42  ? -4.950  7.231   -15.238 1.00 47.66 ? 245 ASN A O   1 
ATOM   314  C  CB  . ASN A 1 42  ? -2.032  7.657   -14.335 1.00 47.69 ? 245 ASN A CB  1 
ATOM   315  C  CG  . ASN A 1 42  ? -2.248  8.579   -13.152 1.00 48.79 ? 245 ASN A CG  1 
ATOM   316  O  OD1 . ASN A 1 42  ? -2.714  9.706   -13.311 1.00 50.28 ? 245 ASN A OD1 1 
ATOM   317  N  ND2 . ASN A 1 42  ? -1.909  8.107   -11.961 1.00 48.25 ? 245 ASN A ND2 1 
ATOM   318  N  N   . LEU A 1 43  ? -5.028  6.533   -13.098 1.00 47.53 ? 246 LEU A N   1 
ATOM   319  C  CA  . LEU A 1 43  ? -6.443  6.840   -12.882 1.00 47.23 ? 246 LEU A CA  1 
ATOM   320  C  C   . LEU A 1 43  ? -6.676  7.264   -11.441 1.00 47.78 ? 246 LEU A C   1 
ATOM   321  O  O   . LEU A 1 43  ? -5.969  6.844   -10.528 1.00 47.68 ? 246 LEU A O   1 
ATOM   322  C  CB  . LEU A 1 43  ? -7.327  5.611   -13.125 1.00 47.05 ? 246 LEU A CB  1 
ATOM   323  C  CG  . LEU A 1 43  ? -7.630  5.066   -14.518 1.00 47.45 ? 246 LEU A CG  1 
ATOM   324  C  CD1 . LEU A 1 43  ? -8.234  3.678   -14.396 1.00 47.25 ? 246 LEU A CD1 1 
ATOM   325  C  CD2 . LEU A 1 43  ? -8.576  5.990   -15.248 1.00 47.12 ? 246 LEU A CD2 1 
ATOM   326  N  N   . PHE A 1 44  ? -7.694  8.088   -11.251 1.00 48.50 ? 247 PHE A N   1 
ATOM   327  C  CA  . PHE A 1 44  ? -8.105  8.548   -9.936  1.00 48.67 ? 247 PHE A CA  1 
ATOM   328  C  C   . PHE A 1 44  ? -9.512  9.068   -10.162 1.00 47.92 ? 247 PHE A C   1 
ATOM   329  O  O   . PHE A 1 44  ? -9.712  10.198  -10.597 1.00 47.16 ? 247 PHE A O   1 
ATOM   330  C  CB  . PHE A 1 44  ? -7.187  9.647   -9.395  1.00 50.63 ? 247 PHE A CB  1 
ATOM   331  C  CG  . PHE A 1 44  ? -7.454  10.011  -7.951  1.00 53.45 ? 247 PHE A CG  1 
ATOM   332  C  CD1 . PHE A 1 44  ? -8.734  9.896   -7.404  1.00 54.84 ? 247 PHE A CD1 1 
ATOM   333  C  CD2 . PHE A 1 44  ? -6.430  10.486  -7.143  1.00 54.99 ? 247 PHE A CD2 1 
ATOM   334  C  CE1 . PHE A 1 44  ? -8.991  10.246  -6.082  1.00 55.32 ? 247 PHE A CE1 1 
ATOM   335  C  CE2 . PHE A 1 44  ? -6.676  10.840  -5.813  1.00 55.73 ? 247 PHE A CE2 1 
ATOM   336  C  CZ  . PHE A 1 44  ? -7.963  10.719  -5.284  1.00 55.40 ? 247 PHE A CZ  1 
ATOM   337  N  N   . GLU A 1 45  ? -10.483 8.199   -9.929  1.00 47.51 ? 248 GLU A N   1 
ATOM   338  C  CA  . GLU A 1 45  ? -11.879 8.538   -10.116 1.00 48.52 ? 248 GLU A CA  1 
ATOM   339  C  C   . GLU A 1 45  ? -12.663 7.852   -9.022  1.00 49.31 ? 248 GLU A C   1 
ATOM   340  O  O   . GLU A 1 45  ? -12.109 7.048   -8.268  1.00 49.34 ? 248 GLU A O   1 
ATOM   341  C  CB  . GLU A 1 45  ? -12.378 7.991   -11.457 1.00 48.68 ? 248 GLU A CB  1 
ATOM   342  C  CG  . GLU A 1 45  ? -11.496 8.283   -12.661 1.00 49.18 ? 248 GLU A CG  1 
ATOM   343  C  CD  . GLU A 1 45  ? -11.499 9.743   -13.075 1.00 49.25 ? 248 GLU A CD  1 
ATOM   344  O  OE1 . GLU A 1 45  ? -12.388 10.503  -12.628 1.00 49.31 ? 248 GLU A OE1 1 
ATOM   345  O  OE2 . GLU A 1 45  ? -10.612 10.126  -13.868 1.00 49.07 ? 248 GLU A OE2 1 
ATOM   346  N  N   . ASN A 1 46  ? -13.955 8.165   -8.941  1.00 50.30 ? 249 ASN A N   1 
ATOM   347  C  CA  . ASN A 1 46  ? -14.831 7.531   -7.959  1.00 51.18 ? 249 ASN A CA  1 
ATOM   348  C  C   . ASN A 1 46  ? -15.435 6.300   -8.618  1.00 51.43 ? 249 ASN A C   1 
ATOM   349  O  O   . ASN A 1 46  ? -15.912 6.373   -9.746  1.00 51.75 ? 249 ASN A O   1 
ATOM   350  C  CB  . ASN A 1 46  ? -15.950 8.477   -7.526  1.00 51.71 ? 249 ASN A CB  1 
ATOM   351  C  CG  . ASN A 1 46  ? -15.428 9.713   -6.825  1.00 52.83 ? 249 ASN A CG  1 
ATOM   352  O  OD1 . ASN A 1 46  ? -14.697 9.626   -5.838  1.00 53.31 ? 249 ASN A OD1 1 
ATOM   353  N  ND2 . ASN A 1 46  ? -15.800 10.875  -7.334  1.00 53.67 ? 249 ASN A ND2 1 
ATOM   354  N  N   . ALA A 1 47  ? -15.353 5.161   -7.940  1.00 51.80 ? 250 ALA A N   1 
ATOM   355  C  CA  . ALA A 1 47  ? -15.897 3.910   -8.455  1.00 52.12 ? 250 ALA A CA  1 
ATOM   356  C  C   . ALA A 1 47  ? -16.894 3.379   -7.436  1.00 52.47 ? 250 ALA A C   1 
ATOM   357  O  O   . ALA A 1 47  ? -16.513 2.753   -6.444  1.00 52.53 ? 250 ALA A O   1 
ATOM   358  C  CB  . ALA A 1 47  ? -14.779 2.902   -8.694  1.00 52.33 ? 250 ALA A CB  1 
ATOM   359  N  N   . GLY A 1 48  ? -18.174 3.635   -7.686  1.00 52.89 ? 251 GLY A N   1 
ATOM   360  C  CA  . GLY A 1 48  ? -19.203 3.211   -6.762  1.00 53.26 ? 251 GLY A CA  1 
ATOM   361  C  C   . GLY A 1 48  ? -19.002 4.001   -5.483  1.00 53.95 ? 251 GLY A C   1 
ATOM   362  O  O   . GLY A 1 48  ? -18.808 5.224   -5.522  1.00 54.22 ? 251 GLY A O   1 
ATOM   363  N  N   . GLU A 1 49  ? -18.965 3.289   -4.360  1.00 54.14 ? 252 GLU A N   1 
ATOM   364  C  CA  . GLU A 1 49  ? -18.773 3.898   -3.042  1.00 54.43 ? 252 GLU A CA  1 
ATOM   365  C  C   . GLU A 1 49  ? -17.303 4.172   -2.711  1.00 52.93 ? 252 GLU A C   1 
ATOM   366  O  O   . GLU A 1 49  ? -16.990 4.590   -1.596  1.00 53.18 ? 252 GLU A O   1 
ATOM   367  C  CB  . GLU A 1 49  ? -19.337 2.968   -1.957  1.00 56.48 ? 252 GLU A CB  1 
ATOM   368  C  CG  . GLU A 1 49  ? -20.839 2.764   -2.011  1.00 59.58 ? 252 GLU A CG  1 
ATOM   369  C  CD  . GLU A 1 49  ? -21.603 4.053   -1.775  1.00 61.59 ? 252 GLU A CD  1 
ATOM   370  O  OE1 . GLU A 1 49  ? -21.714 4.475   -0.600  1.00 62.69 ? 252 GLU A OE1 1 
ATOM   371  O  OE2 . GLU A 1 49  ? -22.078 4.648   -2.770  1.00 61.89 ? 252 GLU A OE2 1 
ATOM   372  N  N   . PHE A 1 50  ? -16.410 3.982   -3.679  1.00 50.89 ? 253 PHE A N   1 
ATOM   373  C  CA  . PHE A 1 50  ? -14.985 4.151   -3.428  1.00 48.30 ? 253 PHE A CA  1 
ATOM   374  C  C   . PHE A 1 50  ? -14.282 5.201   -4.248  1.00 47.36 ? 253 PHE A C   1 
ATOM   375  O  O   . PHE A 1 50  ? -14.777 5.629   -5.285  1.00 46.85 ? 253 PHE A O   1 
ATOM   376  C  CB  . PHE A 1 50  ? -14.276 2.819   -3.657  1.00 46.93 ? 253 PHE A CB  1 
ATOM   377  C  CG  . PHE A 1 50  ? -14.955 1.667   -3.000  1.00 46.40 ? 253 PHE A CG  1 
ATOM   378  C  CD1 . PHE A 1 50  ? -16.059 1.069   -3.591  1.00 46.50 ? 253 PHE A CD1 1 
ATOM   379  C  CD2 . PHE A 1 50  ? -14.527 1.210   -1.764  1.00 46.57 ? 253 PHE A CD2 1 
ATOM   380  C  CE1 . PHE A 1 50  ? -16.732 0.035   -2.957  1.00 47.10 ? 253 PHE A CE1 1 
ATOM   381  C  CE2 . PHE A 1 50  ? -15.192 0.176   -1.120  1.00 46.68 ? 253 PHE A CE2 1 
ATOM   382  C  CZ  . PHE A 1 50  ? -16.298 -0.412  -1.717  1.00 47.06 ? 253 PHE A CZ  1 
ATOM   383  N  N   . LYS A 1 51  ? -13.133 5.631   -3.733  1.00 46.92 ? 254 LYS A N   1 
ATOM   384  C  CA  . LYS A 1 51  ? -12.265 6.592   -4.400  1.00 46.41 ? 254 LYS A CA  1 
ATOM   385  C  C   . LYS A 1 51  ? -11.105 5.719   -4.832  1.00 44.48 ? 254 LYS A C   1 
ATOM   386  O  O   . LYS A 1 51  ? -10.290 5.288   -4.020  1.00 44.32 ? 254 LYS A O   1 
ATOM   387  C  CB  . LYS A 1 51  ? -11.822 7.702   -3.450  1.00 48.38 ? 254 LYS A CB  1 
ATOM   388  C  CG  . LYS A 1 51  ? -12.566 9.000   -3.711  1.00 51.64 ? 254 LYS A CG  1 
ATOM   389  C  CD  . LYS A 1 51  ? -12.636 9.894   -2.485  1.00 54.50 ? 254 LYS A CD  1 
ATOM   390  C  CE  . LYS A 1 51  ? -13.702 10.982  -2.658  1.00 55.95 ? 254 LYS A CE  1 
ATOM   391  N  NZ  . LYS A 1 51  ? -15.066 10.406  -2.910  1.00 56.16 ? 254 LYS A NZ  1 
ATOM   392  N  N   . TYR A 1 52  ? -11.118 5.384   -6.112  1.00 42.30 ? 255 TYR A N   1 
ATOM   393  C  CA  . TYR A 1 52  ? -10.138 4.502   -6.709  1.00 40.19 ? 255 TYR A CA  1 
ATOM   394  C  C   . TYR A 1 52  ? -8.937  5.204   -7.322  1.00 39.01 ? 255 TYR A C   1 
ATOM   395  O  O   . TYR A 1 52  ? -9.089  6.091   -8.160  1.00 39.14 ? 255 TYR A O   1 
ATOM   396  C  CB  . TYR A 1 52  ? -10.855 3.654   -7.756  1.00 39.65 ? 255 TYR A CB  1 
ATOM   397  C  CG  . TYR A 1 52  ? -10.001 2.633   -8.456  1.00 39.28 ? 255 TYR A CG  1 
ATOM   398  C  CD1 . TYR A 1 52  ? -9.752  1.388   -7.873  1.00 38.99 ? 255 TYR A CD1 1 
ATOM   399  C  CD2 . TYR A 1 52  ? -9.475  2.893   -9.723  1.00 38.43 ? 255 TYR A CD2 1 
ATOM   400  C  CE1 . TYR A 1 52  ? -9.002  0.428   -8.536  1.00 38.37 ? 255 TYR A CE1 1 
ATOM   401  C  CE2 . TYR A 1 52  ? -8.727  1.940   -10.393 1.00 38.63 ? 255 TYR A CE2 1 
ATOM   402  C  CZ  . TYR A 1 52  ? -8.498  0.714   -9.795  1.00 38.75 ? 255 TYR A CZ  1 
ATOM   403  O  OH  . TYR A 1 52  ? -7.770  -0.229  -10.466 1.00 40.12 ? 255 TYR A OH  1 
ATOM   404  N  N   . LYS A 1 53  ? -7.746  4.777   -6.909  1.00 37.89 ? 256 LYS A N   1 
ATOM   405  C  CA  . LYS A 1 53  ? -6.494  5.326   -7.417  1.00 37.44 ? 256 LYS A CA  1 
ATOM   406  C  C   . LYS A 1 53  ? -5.646  4.189   -7.992  1.00 37.26 ? 256 LYS A C   1 
ATOM   407  O  O   . LYS A 1 53  ? -5.491  3.136   -7.382  1.00 37.05 ? 256 LYS A O   1 
ATOM   408  C  CB  . LYS A 1 53  ? -5.717  6.052   -6.319  1.00 36.88 ? 256 LYS A CB  1 
ATOM   409  C  CG  . LYS A 1 53  ? -4.681  7.036   -6.860  1.00 36.63 ? 256 LYS A CG  1 
ATOM   410  C  CD  . LYS A 1 53  ? -3.665  7.430   -5.804  1.00 36.58 ? 256 LYS A CD  1 
ATOM   411  C  CE  . LYS A 1 53  ? -3.055  8.800   -6.080  1.00 36.44 ? 256 LYS A CE  1 
ATOM   412  N  NZ  . LYS A 1 53  ? -2.438  8.911   -7.417  1.00 35.34 ? 256 LYS A NZ  1 
ATOM   413  N  N   . GLN A 1 54  ? -5.047  4.444   -9.141  1.00 37.37 ? 257 GLN A N   1 
ATOM   414  C  CA  . GLN A 1 54  ? -4.244  3.459   -9.840  1.00 38.20 ? 257 GLN A CA  1 
ATOM   415  C  C   . GLN A 1 54  ? -2.996  4.189   -10.344 1.00 38.68 ? 257 GLN A C   1 
ATOM   416  O  O   . GLN A 1 54  ? -3.101  5.115   -11.139 1.00 39.22 ? 257 GLN A O   1 
ATOM   417  C  CB  . GLN A 1 54  ? -5.087  2.965   -11.014 1.00 39.06 ? 257 GLN A CB  1 
ATOM   418  C  CG  . GLN A 1 54  ? -4.669  1.703   -11.713 1.00 39.67 ? 257 GLN A CG  1 
ATOM   419  C  CD  . GLN A 1 54  ? -5.655  1.336   -12.815 1.00 40.21 ? 257 GLN A CD  1 
ATOM   420  O  OE1 . GLN A 1 54  ? -5.701  1.979   -13.864 1.00 40.65 ? 257 GLN A OE1 1 
ATOM   421  N  NE2 . GLN A 1 54  ? -6.453  0.307   -12.578 1.00 39.29 ? 257 GLN A NE2 1 
ATOM   422  N  N   . ILE A 1 55  ? -1.819  3.826   -9.845  1.00 39.44 ? 258 ILE A N   1 
ATOM   423  C  CA  . ILE A 1 55  ? -0.594  4.485   -10.298 1.00 39.80 ? 258 ILE A CA  1 
ATOM   424  C  C   . ILE A 1 55  ? 0.055   3.728   -11.454 1.00 40.00 ? 258 ILE A C   1 
ATOM   425  O  O   . ILE A 1 55  ? 0.004   2.500   -11.510 1.00 40.05 ? 258 ILE A O   1 
ATOM   426  C  CB  . ILE A 1 55  ? 0.422   4.692   -9.152  1.00 39.38 ? 258 ILE A CB  1 
ATOM   427  C  CG1 . ILE A 1 55  ? 0.746   3.367   -8.474  1.00 39.12 ? 258 ILE A CG1 1 
ATOM   428  C  CG2 . ILE A 1 55  ? -0.124  5.694   -8.144  1.00 39.17 ? 258 ILE A CG2 1 
ATOM   429  C  CD1 . ILE A 1 55  ? 1.764   3.494   -7.373  1.00 40.04 ? 258 ILE A CD1 1 
ATOM   430  N  N   . PRO A 1 56  ? 0.644   4.460   -12.412 1.00 40.76 ? 259 PRO A N   1 
ATOM   431  C  CA  . PRO A 1 56  ? 1.309   3.910   -13.595 1.00 41.49 ? 259 PRO A CA  1 
ATOM   432  C  C   . PRO A 1 56  ? 2.706   3.326   -13.349 1.00 42.73 ? 259 PRO A C   1 
ATOM   433  O  O   . PRO A 1 56  ? 3.723   3.942   -13.675 1.00 43.19 ? 259 PRO A O   1 
ATOM   434  C  CB  . PRO A 1 56  ? 1.350   5.110   -14.531 1.00 41.07 ? 259 PRO A CB  1 
ATOM   435  C  CG  . PRO A 1 56  ? 1.584   6.237   -13.588 1.00 40.20 ? 259 PRO A CG  1 
ATOM   436  C  CD  . PRO A 1 56  ? 0.623   5.934   -12.467 1.00 40.63 ? 259 PRO A CD  1 
ATOM   437  N  N   . ILE A 1 57  ? 2.743   2.136   -12.768 1.00 43.66 ? 260 ILE A N   1 
ATOM   438  C  CA  . ILE A 1 57  ? 3.993   1.451   -12.488 1.00 44.66 ? 260 ILE A CA  1 
ATOM   439  C  C   . ILE A 1 57  ? 4.261   0.555   -13.685 1.00 45.98 ? 260 ILE A C   1 
ATOM   440  O  O   . ILE A 1 57  ? 3.340   0.171   -14.397 1.00 47.10 ? 260 ILE A O   1 
ATOM   441  C  CB  . ILE A 1 57  ? 3.854   0.552   -11.254 1.00 44.44 ? 260 ILE A CB  1 
ATOM   442  C  CG1 . ILE A 1 57  ? 3.299   1.358   -10.095 1.00 45.03 ? 260 ILE A CG1 1 
ATOM   443  C  CG2 . ILE A 1 57  ? 5.192   -0.033  -10.849 1.00 44.85 ? 260 ILE A CG2 1 
ATOM   444  C  CD1 . ILE A 1 57  ? 2.857   0.500   -8.957  1.00 46.72 ? 260 ILE A CD1 1 
ATOM   445  N  N   . SER A 1 58  ? 5.526   0.253   -13.930 1.00 46.93 ? 261 SER A N   1 
ATOM   446  C  CA  . SER A 1 58  ? 5.902   -0.628  -15.021 1.00 47.67 ? 261 SER A CA  1 
ATOM   447  C  C   . SER A 1 58  ? 6.613   -1.793  -14.355 1.00 47.78 ? 261 SER A C   1 
ATOM   448  O  O   . SER A 1 58  ? 7.331   -1.601  -13.372 1.00 47.78 ? 261 SER A O   1 
ATOM   449  C  CB  . SER A 1 58  ? 6.854   0.082   -15.978 1.00 48.30 ? 261 SER A CB  1 
ATOM   450  O  OG  . SER A 1 58  ? 7.178   -0.754  -17.074 1.00 50.32 ? 261 SER A OG  1 
ATOM   451  N  N   . ASP A 1 59  ? 6.387   -3.008  -14.838 1.00 48.09 ? 262 ASP A N   1 
ATOM   452  C  CA  . ASP A 1 59  ? 7.069   -4.141  -14.225 1.00 49.08 ? 262 ASP A CA  1 
ATOM   453  C  C   . ASP A 1 59  ? 8.471   -4.337  -14.790 1.00 48.52 ? 262 ASP A C   1 
ATOM   454  O  O   . ASP A 1 59  ? 9.125   -5.342  -14.518 1.00 49.23 ? 262 ASP A O   1 
ATOM   455  C  CB  . ASP A 1 59  ? 6.236   -5.432  -14.301 1.00 50.94 ? 262 ASP A CB  1 
ATOM   456  C  CG  . ASP A 1 59  ? 5.987   -5.907  -15.721 1.00 53.14 ? 262 ASP A CG  1 
ATOM   457  O  OD1 . ASP A 1 59  ? 6.409   -5.239  -16.696 1.00 54.42 ? 262 ASP A OD1 1 
ATOM   458  O  OD2 . ASP A 1 59  ? 5.350   -6.977  -15.851 1.00 54.22 ? 262 ASP A OD2 1 
ATOM   459  N  N   . HIS A 1 60  ? 8.919   -3.368  -15.584 1.00 48.05 ? 263 HIS A N   1 
ATOM   460  C  CA  . HIS A 1 60  ? 10.249  -3.399  -16.179 1.00 47.53 ? 263 HIS A CA  1 
ATOM   461  C  C   . HIS A 1 60  ? 11.255  -3.121  -15.066 1.00 46.91 ? 263 HIS A C   1 
ATOM   462  O  O   . HIS A 1 60  ? 10.995  -2.316  -14.175 1.00 47.30 ? 263 HIS A O   1 
ATOM   463  C  CB  . HIS A 1 60  ? 10.356  -2.335  -17.273 1.00 47.13 ? 263 HIS A CB  1 
ATOM   464  C  CG  . HIS A 1 60  ? 11.571  -2.473  -18.138 1.00 46.82 ? 263 HIS A CG  1 
ATOM   465  N  ND1 . HIS A 1 60  ? 12.749  -1.809  -17.880 1.00 46.95 ? 263 HIS A ND1 1 
ATOM   466  C  CD2 . HIS A 1 60  ? 11.777  -3.170  -19.281 1.00 46.45 ? 263 HIS A CD2 1 
ATOM   467  C  CE1 . HIS A 1 60  ? 13.628  -2.080  -18.828 1.00 46.27 ? 263 HIS A CE1 1 
ATOM   468  N  NE2 . HIS A 1 60  ? 13.063  -2.904  -19.690 1.00 46.04 ? 263 HIS A NE2 1 
ATOM   469  N  N   . TRP A 1 61  ? 12.405  -3.781  -15.132 1.00 46.70 ? 264 TRP A N   1 
ATOM   470  C  CA  . TRP A 1 61  ? 13.447  -3.639  -14.116 1.00 46.67 ? 264 TRP A CA  1 
ATOM   471  C  C   . TRP A 1 61  ? 13.922  -2.218  -13.828 1.00 47.35 ? 264 TRP A C   1 
ATOM   472  O  O   . TRP A 1 61  ? 14.427  -1.938  -12.741 1.00 48.53 ? 264 TRP A O   1 
ATOM   473  C  CB  . TRP A 1 61  ? 14.648  -4.535  -14.456 1.00 45.35 ? 264 TRP A CB  1 
ATOM   474  C  CG  . TRP A 1 61  ? 15.393  -4.162  -15.710 1.00 43.28 ? 264 TRP A CG  1 
ATOM   475  C  CD1 . TRP A 1 61  ? 15.251  -4.723  -16.947 1.00 42.38 ? 264 TRP A CD1 1 
ATOM   476  C  CD2 . TRP A 1 61  ? 16.396  -3.143  -15.843 1.00 42.47 ? 264 TRP A CD2 1 
ATOM   477  N  NE1 . TRP A 1 61  ? 16.099  -4.113  -17.842 1.00 42.31 ? 264 TRP A NE1 1 
ATOM   478  C  CE2 . TRP A 1 61  ? 16.812  -3.141  -17.192 1.00 42.41 ? 264 TRP A CE2 1 
ATOM   479  C  CE3 . TRP A 1 61  ? 16.983  -2.231  -14.956 1.00 41.75 ? 264 TRP A CE3 1 
ATOM   480  C  CZ2 . TRP A 1 61  ? 17.783  -2.262  -17.673 1.00 42.18 ? 264 TRP A CZ2 1 
ATOM   481  C  CZ3 . TRP A 1 61  ? 17.944  -1.358  -15.431 1.00 41.51 ? 264 TRP A CZ3 1 
ATOM   482  C  CH2 . TRP A 1 61  ? 18.337  -1.380  -16.781 1.00 42.03 ? 264 TRP A CH2 1 
ATOM   483  N  N   . SER A 1 62  ? 13.781  -1.327  -14.801 1.00 48.02 ? 265 SER A N   1 
ATOM   484  C  CA  . SER A 1 62  ? 14.222  0.049   -14.630 1.00 49.00 ? 265 SER A CA  1 
ATOM   485  C  C   . SER A 1 62  ? 13.214  0.916   -13.901 1.00 50.11 ? 265 SER A C   1 
ATOM   486  O  O   . SER A 1 62  ? 13.532  2.039   -13.505 1.00 50.55 ? 265 SER A O   1 
ATOM   487  C  CB  . SER A 1 62  ? 14.536  0.669   -15.985 1.00 48.78 ? 265 SER A CB  1 
ATOM   488  O  OG  . SER A 1 62  ? 13.376  0.705   -16.795 1.00 47.56 ? 265 SER A OG  1 
ATOM   489  N  N   . GLN A 1 63  ? 12.002  0.398   -13.723 1.00 51.50 ? 266 GLN A N   1 
ATOM   490  C  CA  . GLN A 1 63  ? 10.949  1.146   -13.045 1.00 52.62 ? 266 GLN A CA  1 
ATOM   491  C  C   . GLN A 1 63  ? 11.280  1.482   -11.605 1.00 51.17 ? 266 GLN A C   1 
ATOM   492  O  O   . GLN A 1 63  ? 11.713  0.632   -10.828 1.00 51.25 ? 266 GLN A O   1 
ATOM   493  C  CB  . GLN A 1 63  ? 9.619   0.390   -13.083 1.00 55.77 ? 266 GLN A CB  1 
ATOM   494  C  CG  . GLN A 1 63  ? 8.456   1.122   -12.378 1.00 59.57 ? 266 GLN A CG  1 
ATOM   495  C  CD  . GLN A 1 63  ? 8.035   2.400   -13.093 1.00 61.42 ? 266 GLN A CD  1 
ATOM   496  O  OE1 . GLN A 1 63  ? 7.377   2.352   -14.135 1.00 63.37 ? 266 GLN A OE1 1 
ATOM   497  N  NE2 . GLN A 1 63  ? 8.422   3.547   -12.542 1.00 62.55 ? 266 GLN A NE2 1 
ATOM   498  N  N   . ASN A 1 64  ? 11.052  2.744   -11.270 1.00 49.90 ? 267 ASN A N   1 
ATOM   499  C  CA  . ASN A 1 64  ? 11.277  3.261   -9.936  1.00 49.15 ? 267 ASN A CA  1 
ATOM   500  C  C   . ASN A 1 64  ? 9.910   3.447   -9.268  1.00 47.53 ? 267 ASN A C   1 
ATOM   501  O  O   . ASN A 1 64  ? 9.100   4.256   -9.717  1.00 47.47 ? 267 ASN A O   1 
ATOM   502  C  CB  . ASN A 1 64  ? 12.012  4.599   -10.045 1.00 51.06 ? 267 ASN A CB  1 
ATOM   503  C  CG  . ASN A 1 64  ? 12.075  5.341   -8.734  1.00 52.78 ? 267 ASN A CG  1 
ATOM   504  O  OD1 . ASN A 1 64  ? 11.141  6.056   -8.373  1.00 53.99 ? 267 ASN A OD1 1 
ATOM   505  N  ND2 . ASN A 1 64  ? 13.182  5.191   -8.016  1.00 53.78 ? 267 ASN A ND2 1 
ATOM   506  N  N   . LEU A 1 65  ? 9.630   2.651   -8.241  1.00 45.30 ? 268 LEU A N   1 
ATOM   507  C  CA  . LEU A 1 65  ? 8.367   2.759   -7.520  1.00 43.08 ? 268 LEU A CA  1 
ATOM   508  C  C   . LEU A 1 65  ? 8.416   3.904   -6.516  1.00 42.57 ? 268 LEU A C   1 
ATOM   509  O  O   . LEU A 1 65  ? 7.421   4.583   -6.291  1.00 41.95 ? 268 LEU A O   1 
ATOM   510  C  CB  . LEU A 1 65  ? 8.060   1.454   -6.786  1.00 41.26 ? 268 LEU A CB  1 
ATOM   511  C  CG  . LEU A 1 65  ? 6.812   1.430   -5.898  1.00 39.68 ? 268 LEU A CG  1 
ATOM   512  C  CD1 . LEU A 1 65  ? 5.553   1.507   -6.737  1.00 38.43 ? 268 LEU A CD1 1 
ATOM   513  C  CD2 . LEU A 1 65  ? 6.804   0.172   -5.073  1.00 38.33 ? 268 LEU A CD2 1 
ATOM   514  N  N   . SER A 1 66  ? 9.597   4.138   -5.956  1.00 42.70 ? 269 SER A N   1 
ATOM   515  C  CA  . SER A 1 66  ? 9.796   5.181   -4.955  1.00 43.42 ? 269 SER A CA  1 
ATOM   516  C  C   . SER A 1 66  ? 9.327   6.582   -5.327  1.00 43.43 ? 269 SER A C   1 
ATOM   517  O  O   . SER A 1 66  ? 9.010   7.380   -4.449  1.00 44.37 ? 269 SER A O   1 
ATOM   518  C  CB  . SER A 1 66  ? 11.264  5.229   -4.512  1.00 43.88 ? 269 SER A CB  1 
ATOM   519  O  OG  . SER A 1 66  ? 12.118  5.626   -5.572  1.00 44.85 ? 269 SER A OG  1 
ATOM   520  N  N   . GLN A 1 67  ? 9.278   6.886   -6.616  1.00 43.17 ? 270 GLN A N   1 
ATOM   521  C  CA  . GLN A 1 67  ? 8.851   8.209   -7.058  1.00 43.07 ? 270 GLN A CA  1 
ATOM   522  C  C   . GLN A 1 67  ? 7.375   8.415   -6.769  1.00 42.56 ? 270 GLN A C   1 
ATOM   523  O  O   . GLN A 1 67  ? 6.909   9.551   -6.695  1.00 43.31 ? 270 GLN A O   1 
ATOM   524  C  CB  . GLN A 1 67  ? 9.100   8.385   -8.555  1.00 44.02 ? 270 GLN A CB  1 
ATOM   525  C  CG  . GLN A 1 67  ? 8.309   7.410   -9.401  1.00 46.05 ? 270 GLN A CG  1 
ATOM   526  C  CD  . GLN A 1 67  ? 8.490   7.621   -10.883 1.00 46.82 ? 270 GLN A CD  1 
ATOM   527  O  OE1 . GLN A 1 67  ? 8.831   6.687   -11.609 1.00 46.95 ? 270 GLN A OE1 1 
ATOM   528  N  NE2 . GLN A 1 67  ? 8.235   8.843   -11.352 1.00 46.45 ? 270 GLN A NE2 1 
ATOM   529  N  N   . PHE A 1 68  ? 6.643   7.311   -6.633  1.00 41.37 ? 271 PHE A N   1 
ATOM   530  C  CA  . PHE A 1 68  ? 5.209   7.352   -6.357  1.00 39.94 ? 271 PHE A CA  1 
ATOM   531  C  C   . PHE A 1 68  ? 4.909   7.400   -4.870  1.00 38.70 ? 271 PHE A C   1 
ATOM   532  O  O   . PHE A 1 68  ? 3.754   7.522   -4.467  1.00 38.52 ? 271 PHE A O   1 
ATOM   533  C  CB  . PHE A 1 68  ? 4.513   6.150   -6.988  1.00 40.80 ? 271 PHE A CB  1 
ATOM   534  C  CG  . PHE A 1 68  ? 4.627   6.108   -8.479  1.00 42.37 ? 271 PHE A CG  1 
ATOM   535  C  CD1 . PHE A 1 68  ? 4.184   7.183   -9.254  1.00 42.93 ? 271 PHE A CD1 1 
ATOM   536  C  CD2 . PHE A 1 68  ? 5.203   5.013   -9.114  1.00 43.14 ? 271 PHE A CD2 1 
ATOM   537  C  CE1 . PHE A 1 68  ? 4.313   7.171   -10.640 1.00 42.94 ? 271 PHE A CE1 1 
ATOM   538  C  CE2 . PHE A 1 68  ? 5.337   4.987   -10.503 1.00 43.99 ? 271 PHE A CE2 1 
ATOM   539  C  CZ  . PHE A 1 68  ? 4.892   6.072   -11.266 1.00 43.63 ? 271 PHE A CZ  1 
ATOM   540  N  N   . PHE A 1 69  ? 5.953   7.308   -4.056  1.00 37.58 ? 272 PHE A N   1 
ATOM   541  C  CA  . PHE A 1 69  ? 5.797   7.355   -2.613  1.00 37.15 ? 272 PHE A CA  1 
ATOM   542  C  C   . PHE A 1 69  ? 5.082   8.625   -2.156  1.00 38.71 ? 272 PHE A C   1 
ATOM   543  O  O   . PHE A 1 69  ? 4.108   8.546   -1.410  1.00 39.53 ? 272 PHE A O   1 
ATOM   544  C  CB  . PHE A 1 69  ? 7.154   7.218   -1.909  1.00 34.90 ? 272 PHE A CB  1 
ATOM   545  C  CG  . PHE A 1 69  ? 7.715   5.817   -1.921  1.00 32.69 ? 272 PHE A CG  1 
ATOM   546  C  CD1 . PHE A 1 69  ? 6.958   4.749   -2.382  1.00 31.73 ? 272 PHE A CD1 1 
ATOM   547  C  CD2 . PHE A 1 69  ? 8.999   5.569   -1.456  1.00 31.74 ? 272 PHE A CD2 1 
ATOM   548  C  CE1 . PHE A 1 69  ? 7.472   3.463   -2.378  1.00 31.67 ? 272 PHE A CE1 1 
ATOM   549  C  CE2 . PHE A 1 69  ? 9.522   4.283   -1.448  1.00 31.39 ? 272 PHE A CE2 1 
ATOM   550  C  CZ  . PHE A 1 69  ? 8.756   3.228   -1.909  1.00 32.06 ? 272 PHE A CZ  1 
ATOM   551  N  N   . PRO A 1 70  ? 5.535   9.814   -2.608  1.00 39.73 ? 273 PRO A N   1 
ATOM   552  C  CA  . PRO A 1 70  ? 4.832   11.017  -2.157  1.00 39.82 ? 273 PRO A CA  1 
ATOM   553  C  C   . PRO A 1 70  ? 3.331   11.032  -2.419  1.00 40.36 ? 273 PRO A C   1 
ATOM   554  O  O   . PRO A 1 70  ? 2.552   11.278  -1.495  1.00 41.32 ? 273 PRO A O   1 
ATOM   555  C  CB  . PRO A 1 70  ? 5.571   12.154  -2.875  1.00 39.07 ? 273 PRO A CB  1 
ATOM   556  C  CG  . PRO A 1 70  ? 6.299   11.485  -3.988  1.00 39.82 ? 273 PRO A CG  1 
ATOM   557  C  CD  . PRO A 1 70  ? 6.725   10.180  -3.393  1.00 39.75 ? 273 PRO A CD  1 
ATOM   558  N  N   . GLU A 1 71  ? 2.909   10.706  -3.635  1.00 40.64 ? 274 GLU A N   1 
ATOM   559  C  CA  . GLU A 1 71  ? 1.476   10.726  -3.927  1.00 41.58 ? 274 GLU A CA  1 
ATOM   560  C  C   . GLU A 1 71  ? 0.707   9.580   -3.284  1.00 41.25 ? 274 GLU A C   1 
ATOM   561  O  O   . GLU A 1 71  ? -0.498  9.691   -3.049  1.00 41.67 ? 274 GLU A O   1 
ATOM   562  C  CB  . GLU A 1 71  ? 1.209   10.767  -5.431  1.00 42.79 ? 274 GLU A CB  1 
ATOM   563  C  CG  . GLU A 1 71  ? 1.542   9.496   -6.171  1.00 44.69 ? 274 GLU A CG  1 
ATOM   564  C  CD  . GLU A 1 71  ? 1.272   9.621   -7.650  1.00 45.67 ? 274 GLU A CD  1 
ATOM   565  O  OE1 . GLU A 1 71  ? 2.184   10.049  -8.391  1.00 45.95 ? 274 GLU A OE1 1 
ATOM   566  O  OE2 . GLU A 1 71  ? 0.143   9.301   -8.071  1.00 46.84 ? 274 GLU A OE2 1 
ATOM   567  N  N   . ALA A 1 72  ? 1.401   8.481   -3.007  1.00 40.37 ? 275 ALA A N   1 
ATOM   568  C  CA  . ALA A 1 72  ? 0.774   7.328   -2.380  1.00 39.58 ? 275 ALA A CA  1 
ATOM   569  C  C   . ALA A 1 72  ? 0.538   7.641   -0.912  1.00 39.49 ? 275 ALA A C   1 
ATOM   570  O  O   . ALA A 1 72  ? -0.522  7.349   -0.365  1.00 39.58 ? 275 ALA A O   1 
ATOM   571  C  CB  . ALA A 1 72  ? 1.659   6.110   -2.519  1.00 39.02 ? 275 ALA A CB  1 
ATOM   572  N  N   . ILE A 1 73  ? 1.529   8.269   -0.292  1.00 39.81 ? 276 ILE A N   1 
ATOM   573  C  CA  . ILE A 1 73  ? 1.469   8.641   1.117   1.00 40.68 ? 276 ILE A CA  1 
ATOM   574  C  C   . ILE A 1 73  ? 0.397   9.700   1.353   1.00 41.49 ? 276 ILE A C   1 
ATOM   575  O  O   . ILE A 1 73  ? -0.354  9.626   2.325   1.00 41.12 ? 276 ILE A O   1 
ATOM   576  C  CB  . ILE A 1 73  ? 2.849   9.136   1.612   1.00 40.22 ? 276 ILE A CB  1 
ATOM   577  C  CG1 . ILE A 1 73  ? 3.830   7.961   1.630   1.00 39.85 ? 276 ILE A CG1 1 
ATOM   578  C  CG2 . ILE A 1 73  ? 2.736   9.758   2.996   1.00 41.18 ? 276 ILE A CG2 1 
ATOM   579  C  CD1 . ILE A 1 73  ? 5.217   8.300   2.112   1.00 39.75 ? 276 ILE A CD1 1 
ATOM   580  N  N   . SER A 1 74  ? 0.319   10.663  0.438   1.00 42.46 ? 277 SER A N   1 
ATOM   581  C  CA  . SER A 1 74  ? -0.664  11.742  0.502   1.00 43.38 ? 277 SER A CA  1 
ATOM   582  C  C   . SER A 1 74  ? -2.094  11.175  0.416   1.00 43.54 ? 277 SER A C   1 
ATOM   583  O  O   . SER A 1 74  ? -3.001  11.635  1.109   1.00 44.27 ? 277 SER A O   1 
ATOM   584  C  CB  . SER A 1 74  ? -0.406  12.727  -0.644  1.00 43.98 ? 277 SER A CB  1 
ATOM   585  O  OG  . SER A 1 74  ? -1.251  13.861  -0.563  1.00 46.94 ? 277 SER A OG  1 
ATOM   586  N  N   . PHE A 1 75  ? -2.272  10.164  -0.426  1.00 43.27 ? 278 PHE A N   1 
ATOM   587  C  CA  . PHE A 1 75  ? -3.559  9.505   -0.619  1.00 42.50 ? 278 PHE A CA  1 
ATOM   588  C  C   . PHE A 1 75  ? -3.938  8.700   0.631   1.00 42.86 ? 278 PHE A C   1 
ATOM   589  O  O   . PHE A 1 75  ? -5.055  8.814   1.137   1.00 43.02 ? 278 PHE A O   1 
ATOM   590  C  CB  . PHE A 1 75  ? -3.461  8.591   -1.848  1.00 41.73 ? 278 PHE A CB  1 
ATOM   591  C  CG  . PHE A 1 75  ? -4.733  7.862   -2.193  1.00 40.40 ? 278 PHE A CG  1 
ATOM   592  C  CD1 . PHE A 1 75  ? -5.743  8.493   -2.906  1.00 40.42 ? 278 PHE A CD1 1 
ATOM   593  C  CD2 . PHE A 1 75  ? -4.891  6.519   -1.858  1.00 39.89 ? 278 PHE A CD2 1 
ATOM   594  C  CE1 . PHE A 1 75  ? -6.889  7.791   -3.288  1.00 40.51 ? 278 PHE A CE1 1 
ATOM   595  C  CE2 . PHE A 1 75  ? -6.031  5.810   -2.234  1.00 39.26 ? 278 PHE A CE2 1 
ATOM   596  C  CZ  . PHE A 1 75  ? -7.028  6.444   -2.948  1.00 39.69 ? 278 PHE A CZ  1 
ATOM   597  N  N   . ILE A 1 76  ? -3.002  7.891   1.124   1.00 43.36 ? 279 ILE A N   1 
ATOM   598  C  CA  . ILE A 1 76  ? -3.236  7.069   2.309   1.00 43.73 ? 279 ILE A CA  1 
ATOM   599  C  C   . ILE A 1 76  ? -3.563  7.959   3.496   1.00 45.23 ? 279 ILE A C   1 
ATOM   600  O  O   . ILE A 1 76  ? -4.483  7.679   4.259   1.00 45.33 ? 279 ILE A O   1 
ATOM   601  C  CB  . ILE A 1 76  ? -1.982  6.244   2.694   1.00 42.71 ? 279 ILE A CB  1 
ATOM   602  C  CG1 . ILE A 1 76  ? -1.691  5.174   1.647   1.00 41.59 ? 279 ILE A CG1 1 
ATOM   603  C  CG2 . ILE A 1 76  ? -2.173  5.585   4.052   1.00 42.81 ? 279 ILE A CG2 1 
ATOM   604  C  CD1 . ILE A 1 76  ? -0.539  4.277   2.024   1.00 39.57 ? 279 ILE A CD1 1 
ATOM   605  N  N   . ASP A 1 77  ? -2.793  9.034   3.634   1.00 47.04 ? 280 ASP A N   1 
ATOM   606  C  CA  . ASP A 1 77  ? -2.952  9.979   4.728   1.00 48.69 ? 280 ASP A CA  1 
ATOM   607  C  C   . ASP A 1 77  ? -4.278  10.719  4.683   1.00 50.02 ? 280 ASP A C   1 
ATOM   608  O  O   . ASP A 1 77  ? -4.927  10.903  5.711   1.00 50.33 ? 280 ASP A O   1 
ATOM   609  C  CB  . ASP A 1 77  ? -1.801  10.978  4.717   1.00 49.44 ? 280 ASP A CB  1 
ATOM   610  C  CG  . ASP A 1 77  ? -1.248  11.238  6.094   1.00 50.46 ? 280 ASP A CG  1 
ATOM   611  O  OD1 . ASP A 1 77  ? -1.304  10.328  6.949   1.00 50.54 ? 280 ASP A OD1 1 
ATOM   612  O  OD2 . ASP A 1 77  ? -0.751  12.357  6.323   1.00 51.99 ? 280 ASP A OD2 1 
ATOM   613  N  N   . GLU A 1 78  ? -4.689  11.133  3.487   1.00 51.35 ? 281 GLU A N   1 
ATOM   614  C  CA  . GLU A 1 78  ? -5.945  11.853  3.327   1.00 52.21 ? 281 GLU A CA  1 
ATOM   615  C  C   . GLU A 1 78  ? -7.115  10.967  3.750   1.00 51.40 ? 281 GLU A C   1 
ATOM   616  O  O   . GLU A 1 78  ? -8.104  11.451  4.303   1.00 51.93 ? 281 GLU A O   1 
ATOM   617  C  CB  . GLU A 1 78  ? -6.125  12.298  1.878   1.00 54.69 ? 281 GLU A CB  1 
ATOM   618  C  CG  . GLU A 1 78  ? -7.217  13.341  1.690   1.00 58.61 ? 281 GLU A CG  1 
ATOM   619  C  CD  . GLU A 1 78  ? -8.031  13.108  0.433   1.00 61.07 ? 281 GLU A CD  1 
ATOM   620  O  OE1 . GLU A 1 78  ? -7.444  13.071  -0.674  1.00 62.61 ? 281 GLU A OE1 1 
ATOM   621  O  OE2 . GLU A 1 78  ? -9.261  12.943  0.557   1.00 62.55 ? 281 GLU A OE2 1 
ATOM   622  N  N   . ALA A 1 79  ? -6.982  9.668   3.504   1.00 49.98 ? 282 ALA A N   1 
ATOM   623  C  CA  . ALA A 1 79  ? -8.011  8.703   3.862   1.00 49.02 ? 282 ALA A CA  1 
ATOM   624  C  C   . ALA A 1 79  ? -8.064  8.523   5.374   1.00 48.54 ? 282 ALA A C   1 
ATOM   625  O  O   . ALA A 1 79  ? -9.130  8.604   5.982   1.00 47.99 ? 282 ALA A O   1 
ATOM   626  C  CB  . ALA A 1 79  ? -7.731  7.367   3.191   1.00 48.70 ? 282 ALA A CB  1 
ATOM   627  N  N   . ARG A 1 80  ? -6.899  8.293   5.972   1.00 48.02 ? 283 ARG A N   1 
ATOM   628  C  CA  . ARG A 1 80  ? -6.786  8.083   7.410   1.00 47.86 ? 283 ARG A CA  1 
ATOM   629  C  C   . ARG A 1 80  ? -7.166  9.323   8.204   1.00 48.70 ? 283 ARG A C   1 
ATOM   630  O  O   . ARG A 1 80  ? -7.693  9.215   9.313   1.00 48.17 ? 283 ARG A O   1 
ATOM   631  C  CB  . ARG A 1 80  ? -5.367  7.650   7.769   1.00 46.81 ? 283 ARG A CB  1 
ATOM   632  C  CG  . ARG A 1 80  ? -4.902  6.416   7.028   1.00 45.62 ? 283 ARG A CG  1 
ATOM   633  C  CD  . ARG A 1 80  ? -3.591  5.919   7.571   1.00 44.85 ? 283 ARG A CD  1 
ATOM   634  N  NE  . ARG A 1 80  ? -3.742  5.312   8.890   1.00 44.83 ? 283 ARG A NE  1 
ATOM   635  C  CZ  . ARG A 1 80  ? -3.087  5.702   9.981   1.00 44.46 ? 283 ARG A CZ  1 
ATOM   636  N  NH1 . ARG A 1 80  ? -2.231  6.713   9.927   1.00 43.56 ? 283 ARG A NH1 1 
ATOM   637  N  NH2 . ARG A 1 80  ? -3.266  5.056   11.125  1.00 44.40 ? 283 ARG A NH2 1 
ATOM   638  N  N   . GLY A 1 81  ? -6.896  10.492  7.623   1.00 49.81 ? 284 GLY A N   1 
ATOM   639  C  CA  . GLY A 1 81  ? -7.223  11.752  8.263   1.00 50.77 ? 284 GLY A CA  1 
ATOM   640  C  C   . GLY A 1 81  ? -8.726  11.881  8.420   1.00 52.13 ? 284 GLY A C   1 
ATOM   641  O  O   . GLY A 1 81  ? -9.208  12.306  9.466   1.00 53.34 ? 284 GLY A O   1 
ATOM   642  N  N   . LYS A 1 82  ? -9.466  11.471  7.397   1.00 52.67 ? 285 LYS A N   1 
ATOM   643  C  CA  . LYS A 1 82  ? -10.926 11.527  7.409   1.00 52.94 ? 285 LYS A CA  1 
ATOM   644  C  C   . LYS A 1 82  ? -11.533 10.304  8.094   1.00 52.57 ? 285 LYS A C   1 
ATOM   645  O  O   . LYS A 1 82  ? -12.734 10.068  7.997   1.00 52.93 ? 285 LYS A O   1 
ATOM   646  C  CB  . LYS A 1 82  ? -11.456 11.612  5.976   1.00 53.94 ? 285 LYS A CB  1 
ATOM   647  C  CG  . LYS A 1 82  ? -11.011 12.853  5.219   1.00 56.78 ? 285 LYS A CG  1 
ATOM   648  C  CD  . LYS A 1 82  ? -11.459 12.793  3.754   1.00 57.36 ? 285 LYS A CD  1 
ATOM   649  C  CE  . LYS A 1 82  ? -11.640 14.230  3.154   1.00 59.61 ? 285 LYS A CE  1 
ATOM   650  N  NZ  . LYS A 1 82  ? -10.538 14.708  2.214   1.00 58.74 ? 285 LYS A NZ  1 
ATOM   651  N  N   . ASN A 1 83  ? -10.702 9.530   8.787   1.00 52.39 ? 286 ASN A N   1 
ATOM   652  C  CA  . ASN A 1 83  ? -11.147 8.318   9.472   1.00 52.19 ? 286 ASN A CA  1 
ATOM   653  C  C   . ASN A 1 83  ? -11.799 7.307   8.533   1.00 52.01 ? 286 ASN A C   1 
ATOM   654  O  O   . ASN A 1 83  ? -12.766 6.631   8.895   1.00 51.16 ? 286 ASN A O   1 
ATOM   655  C  CB  . ASN A 1 83  ? -12.078 8.659   10.633  1.00 53.22 ? 286 ASN A CB  1 
ATOM   656  C  CG  . ASN A 1 83  ? -11.320 9.049   11.888  1.00 54.90 ? 286 ASN A CG  1 
ATOM   657  O  OD1 . ASN A 1 83  ? -11.627 8.569   12.976  1.00 56.11 ? 286 ASN A OD1 1 
ATOM   658  N  ND2 . ASN A 1 83  ? -10.312 9.905   11.741  1.00 54.82 ? 286 ASN A ND2 1 
ATOM   659  N  N   . CYS A 1 84  ? -11.236 7.209   7.329   1.00 51.65 ? 287 CYS A N   1 
ATOM   660  C  CA  . CYS A 1 84  ? -11.704 6.295   6.294   1.00 50.78 ? 287 CYS A CA  1 
ATOM   661  C  C   . CYS A 1 84  ? -10.630 5.278   5.972   1.00 48.86 ? 287 CYS A C   1 
ATOM   662  O  O   . CYS A 1 84  ? -9.467  5.631   5.780   1.00 47.97 ? 287 CYS A O   1 
ATOM   663  C  CB  . CYS A 1 84  ? -12.036 7.055   5.013   1.00 52.09 ? 287 CYS A CB  1 
ATOM   664  S  SG  . CYS A 1 84  ? -13.542 8.006   5.096   1.00 57.50 ? 287 CYS A SG  1 
ATOM   665  N  N   . GLY A 1 85  ? -11.032 4.017   5.887   1.00 47.36 ? 288 GLY A N   1 
ATOM   666  C  CA  . GLY A 1 85  ? -10.089 2.966   5.562   1.00 45.40 ? 288 GLY A CA  1 
ATOM   667  C  C   . GLY A 1 85  ? -9.550  3.099   4.149   1.00 43.79 ? 288 GLY A C   1 
ATOM   668  O  O   . GLY A 1 85  ? -10.278 3.467   3.219   1.00 43.41 ? 288 GLY A O   1 
ATOM   669  N  N   . VAL A 1 86  ? -8.251  2.865   4.004   1.00 42.33 ? 289 VAL A N   1 
ATOM   670  C  CA  . VAL A 1 86  ? -7.595  2.921   2.702   1.00 40.73 ? 289 VAL A CA  1 
ATOM   671  C  C   . VAL A 1 86  ? -6.944  1.560   2.496   1.00 40.03 ? 289 VAL A C   1 
ATOM   672  O  O   . VAL A 1 86  ? -6.415  0.976   3.443   1.00 39.75 ? 289 VAL A O   1 
ATOM   673  C  CB  . VAL A 1 86  ? -6.538  4.055   2.620   1.00 40.23 ? 289 VAL A CB  1 
ATOM   674  C  CG1 . VAL A 1 86  ? -5.461  3.866   3.664   1.00 39.25 ? 289 VAL A CG1 1 
ATOM   675  C  CG2 . VAL A 1 86  ? -5.929  4.108   1.227   1.00 39.40 ? 289 VAL A CG2 1 
ATOM   676  N  N   . LEU A 1 87  ? -7.053  1.026   1.282   1.00 39.04 ? 290 LEU A N   1 
ATOM   677  C  CA  . LEU A 1 87  ? -6.481  -0.279  0.964   1.00 37.56 ? 290 LEU A CA  1 
ATOM   678  C  C   . LEU A 1 87  ? -5.366  -0.177  -0.056  1.00 37.79 ? 290 LEU A C   1 
ATOM   679  O  O   . LEU A 1 87  ? -5.529  0.444   -1.101  1.00 38.01 ? 290 LEU A O   1 
ATOM   680  C  CB  . LEU A 1 87  ? -7.559  -1.229  0.426   1.00 35.48 ? 290 LEU A CB  1 
ATOM   681  C  CG  . LEU A 1 87  ? -7.106  -2.599  -0.098  1.00 33.66 ? 290 LEU A CG  1 
ATOM   682  C  CD1 . LEU A 1 87  ? -6.521  -3.439  1.025   1.00 32.19 ? 290 LEU A CD1 1 
ATOM   683  C  CD2 . LEU A 1 87  ? -8.270  -3.324  -0.739  1.00 32.44 ? 290 LEU A CD2 1 
ATOM   684  N  N   . VAL A 1 88  ? -4.218  -0.757  0.273   1.00 37.78 ? 291 VAL A N   1 
ATOM   685  C  CA  . VAL A 1 88  ? -3.088  -0.782  -0.645  1.00 37.16 ? 291 VAL A CA  1 
ATOM   686  C  C   . VAL A 1 88  ? -3.112  -2.217  -1.160  1.00 37.54 ? 291 VAL A C   1 
ATOM   687  O  O   . VAL A 1 88  ? -2.999  -3.167  -0.380  1.00 37.42 ? 291 VAL A O   1 
ATOM   688  C  CB  . VAL A 1 88  ? -1.760  -0.473  0.065   1.00 35.94 ? 291 VAL A CB  1 
ATOM   689  C  CG1 . VAL A 1 88  ? -0.636  -0.449  -0.945  1.00 34.41 ? 291 VAL A CG1 1 
ATOM   690  C  CG2 . VAL A 1 88  ? -1.855  0.868   0.783   1.00 34.17 ? 291 VAL A CG2 1 
ATOM   691  N  N   . HIS A 1 89  ? -3.302  -2.376  -2.464  1.00 37.44 ? 292 HIS A N   1 
ATOM   692  C  CA  . HIS A 1 89  ? -3.402  -3.708  -3.030  1.00 38.52 ? 292 HIS A CA  1 
ATOM   693  C  C   . HIS A 1 89  ? -2.727  -3.827  -4.389  1.00 37.96 ? 292 HIS A C   1 
ATOM   694  O  O   . HIS A 1 89  ? -2.606  -2.847  -5.123  1.00 37.14 ? 292 HIS A O   1 
ATOM   695  C  CB  . HIS A 1 89  ? -4.893  -4.069  -3.158  1.00 41.28 ? 292 HIS A CB  1 
ATOM   696  C  CG  . HIS A 1 89  ? -5.159  -5.521  -3.423  1.00 44.32 ? 292 HIS A CG  1 
ATOM   697  N  ND1 . HIS A 1 89  ? -5.208  -6.051  -4.695  1.00 45.57 ? 292 HIS A ND1 1 
ATOM   698  C  CD2 . HIS A 1 89  ? -5.416  -6.549  -2.578  1.00 44.96 ? 292 HIS A CD2 1 
ATOM   699  C  CE1 . HIS A 1 89  ? -5.484  -7.342  -4.624  1.00 45.69 ? 292 HIS A CE1 1 
ATOM   700  N  NE2 . HIS A 1 89  ? -5.614  -7.670  -3.351  1.00 45.96 ? 292 HIS A NE2 1 
ATOM   701  N  N   . SER A 1 90  ? -2.276  -5.043  -4.693  1.00 37.89 ? 293 SER A N   1 
ATOM   702  C  CA  . SER A 1 90  ? -1.647  -5.378  -5.962  1.00 37.22 ? 293 SER A CA  1 
ATOM   703  C  C   . SER A 1 90  ? -2.073  -6.796  -6.293  1.00 37.49 ? 293 SER A C   1 
ATOM   704  O  O   . SER A 1 90  ? -2.078  -7.670  -5.425  1.00 37.09 ? 293 SER A O   1 
ATOM   705  C  CB  . SER A 1 90  ? -0.123  -5.316  -5.871  1.00 37.14 ? 293 SER A CB  1 
ATOM   706  O  OG  . SER A 1 90  ? 0.473   -5.875  -7.034  1.00 35.84 ? 293 SER A OG  1 
ATOM   707  N  N   . LEU A 1 91  ? -2.487  -7.004  -7.534  1.00 38.19 ? 294 LEU A N   1 
ATOM   708  C  CA  . LEU A 1 91  ? -2.904  -8.322  -7.997  1.00 39.05 ? 294 LEU A CA  1 
ATOM   709  C  C   . LEU A 1 91  ? -1.690  -9.195  -8.299  1.00 39.22 ? 294 LEU A C   1 
ATOM   710  O  O   . LEU A 1 91  ? -1.805  -10.417 -8.374  1.00 39.41 ? 294 LEU A O   1 
ATOM   711  C  CB  . LEU A 1 91  ? -3.730  -8.187  -9.272  1.00 39.69 ? 294 LEU A CB  1 
ATOM   712  C  CG  . LEU A 1 91  ? -5.219  -7.903  -9.163  1.00 40.86 ? 294 LEU A CG  1 
ATOM   713  C  CD1 . LEU A 1 91  ? -5.740  -7.455  -10.510 1.00 42.46 ? 294 LEU A CD1 1 
ATOM   714  C  CD2 . LEU A 1 91  ? -5.935  -9.156  -8.704  1.00 41.02 ? 294 LEU A CD2 1 
ATOM   715  N  N   . ALA A 1 92  ? -0.530  -8.556  -8.457  1.00 39.06 ? 295 ALA A N   1 
ATOM   716  C  CA  . ALA A 1 92  ? 0.713   -9.241  -8.795  1.00 39.17 ? 295 ALA A CA  1 
ATOM   717  C  C   . ALA A 1 92  ? 1.488   -9.887  -7.651  1.00 39.48 ? 295 ALA A C   1 
ATOM   718  O  O   . ALA A 1 92  ? 2.421   -10.646 -7.883  1.00 40.57 ? 295 ALA A O   1 
ATOM   719  C  CB  . ALA A 1 92  ? 1.623   -8.293  -9.561  1.00 38.93 ? 295 ALA A CB  1 
ATOM   720  N  N   . GLY A 1 93  ? 1.128   -9.575  -6.418  1.00 39.96 ? 296 GLY A N   1 
ATOM   721  C  CA  . GLY A 1 93  ? 1.846   -10.145 -5.298  1.00 39.81 ? 296 GLY A CA  1 
ATOM   722  C  C   . GLY A 1 93  ? 1.742   -9.216  -4.115  1.00 39.43 ? 296 GLY A C   1 
ATOM   723  O  O   . GLY A 1 93  ? 0.891   -8.327  -4.101  1.00 40.82 ? 296 GLY A O   1 
ATOM   724  N  N   . ILE A 1 94  ? 2.624   -9.385  -3.139  1.00 38.39 ? 297 ILE A N   1 
ATOM   725  C  CA  . ILE A 1 94  ? 2.584   -8.550  -1.949  1.00 37.11 ? 297 ILE A CA  1 
ATOM   726  C  C   . ILE A 1 94  ? 3.693   -7.507  -1.911  1.00 37.02 ? 297 ILE A C   1 
ATOM   727  O  O   . ILE A 1 94  ? 3.595   -6.523  -1.191  1.00 37.73 ? 297 ILE A O   1 
ATOM   728  C  CB  . ILE A 1 94  ? 2.669   -9.420  -0.669  1.00 36.27 ? 297 ILE A CB  1 
ATOM   729  C  CG1 . ILE A 1 94  ? 2.204   -8.627  0.553   1.00 35.37 ? 297 ILE A CG1 1 
ATOM   730  C  CG2 . ILE A 1 94  ? 4.095   -9.906  -0.459  1.00 34.85 ? 297 ILE A CG2 1 
ATOM   731  C  CD1 . ILE A 1 94  ? 0.773   -8.133  0.466   1.00 34.89 ? 297 ILE A CD1 1 
ATOM   732  N  N   . SER A 1 95  ? 4.714   -7.693  -2.734  1.00 36.01 ? 298 SER A N   1 
ATOM   733  C  CA  . SER A 1 95  ? 5.859   -6.797  -2.746  1.00 35.06 ? 298 SER A CA  1 
ATOM   734  C  C   . SER A 1 95  ? 5.632   -5.293  -2.928  1.00 35.44 ? 298 SER A C   1 
ATOM   735  O  O   . SER A 1 95  ? 6.092   -4.499  -2.109  1.00 35.65 ? 298 SER A O   1 
ATOM   736  C  CB  . SER A 1 95  ? 6.897   -7.312  -3.732  1.00 34.40 ? 298 SER A CB  1 
ATOM   737  O  OG  . SER A 1 95  ? 7.329   -8.599  -3.338  1.00 33.16 ? 298 SER A OG  1 
ATOM   738  N  N   . ARG A 1 96  ? 4.951   -4.887  -3.993  1.00 34.95 ? 299 ARG A N   1 
ATOM   739  C  CA  . ARG A 1 96  ? 4.726   -3.463  -4.216  1.00 33.76 ? 299 ARG A CA  1 
ATOM   740  C  C   . ARG A 1 96  ? 3.800   -2.837  -3.188  1.00 33.53 ? 299 ARG A C   1 
ATOM   741  O  O   . ARG A 1 96  ? 3.985   -1.687  -2.801  1.00 33.54 ? 299 ARG A O   1 
ATOM   742  C  CB  . ARG A 1 96  ? 4.189   -3.214  -5.616  1.00 34.01 ? 299 ARG A CB  1 
ATOM   743  C  CG  . ARG A 1 96  ? 5.191   -3.506  -6.697  1.00 34.37 ? 299 ARG A CG  1 
ATOM   744  C  CD  . ARG A 1 96  ? 4.641   -3.142  -8.054  1.00 35.23 ? 299 ARG A CD  1 
ATOM   745  N  NE  . ARG A 1 96  ? 5.642   -3.339  -9.095  1.00 36.79 ? 299 ARG A NE  1 
ATOM   746  C  CZ  . ARG A 1 96  ? 5.861   -4.495  -9.714  1.00 37.24 ? 299 ARG A CZ  1 
ATOM   747  N  NH1 . ARG A 1 96  ? 5.140   -5.570  -9.402  1.00 36.23 ? 299 ARG A NH1 1 
ATOM   748  N  NH2 . ARG A 1 96  ? 6.820   -4.576  -10.630 1.00 37.15 ? 299 ARG A NH2 1 
ATOM   749  N  N   . SER A 1 97  ? 2.791   -3.582  -2.761  1.00 32.90 ? 300 SER A N   1 
ATOM   750  C  CA  . SER A 1 97  ? 1.865   -3.061  -1.773  1.00 31.98 ? 300 SER A CA  1 
ATOM   751  C  C   . SER A 1 97  ? 2.546   -2.907  -0.407  1.00 31.35 ? 300 SER A C   1 
ATOM   752  O  O   . SER A 1 97  ? 2.493   -1.834  0.190   1.00 31.34 ? 300 SER A O   1 
ATOM   753  C  CB  . SER A 1 97  ? 0.600   -3.920  -1.711  1.00 31.36 ? 300 SER A CB  1 
ATOM   754  O  OG  . SER A 1 97  ? 0.914   -5.299  -1.755  1.00 34.15 ? 300 SER A OG  1 
ATOM   755  N  N   . VAL A 1 98  ? 3.242   -3.940  0.063   1.00 30.40 ? 301 VAL A N   1 
ATOM   756  C  CA  . VAL A 1 98  ? 3.925   -3.838  1.349   1.00 30.15 ? 301 VAL A CA  1 
ATOM   757  C  C   . VAL A 1 98  ? 5.033   -2.787  1.297   1.00 29.66 ? 301 VAL A C   1 
ATOM   758  O  O   . VAL A 1 98  ? 5.353   -2.176  2.306   1.00 31.21 ? 301 VAL A O   1 
ATOM   759  C  CB  . VAL A 1 98  ? 4.498   -5.204  1.847   1.00 30.61 ? 301 VAL A CB  1 
ATOM   760  C  CG1 . VAL A 1 98  ? 5.643   -5.681  0.963   1.00 32.30 ? 301 VAL A CG1 1 
ATOM   761  C  CG2 . VAL A 1 98  ? 4.976   -5.080  3.289   1.00 30.47 ? 301 VAL A CG2 1 
ATOM   762  N  N   . THR A 1 99  ? 5.598   -2.555  0.118   1.00 28.74 ? 302 THR A N   1 
ATOM   763  C  CA  . THR A 1 99  ? 6.648   -1.558  -0.029  1.00 27.52 ? 302 THR A CA  1 
ATOM   764  C  C   . THR A 1 99  ? 6.050   -0.167  0.141   1.00 27.87 ? 302 THR A C   1 
ATOM   765  O  O   . THR A 1 99  ? 6.635   0.688   0.797   1.00 29.10 ? 302 THR A O   1 
ATOM   766  C  CB  . THR A 1 99  ? 7.339   -1.672  -1.398  1.00 27.18 ? 302 THR A CB  1 
ATOM   767  O  OG1 . THR A 1 99  ? 8.089   -2.889  -1.444  1.00 28.04 ? 302 THR A OG1 1 
ATOM   768  C  CG2 . THR A 1 99  ? 8.278   -0.501  -1.648  1.00 25.57 ? 302 THR A CG2 1 
ATOM   769  N  N   . VAL A 1 100 ? 4.877   0.058   -0.436  1.00 27.57 ? 303 VAL A N   1 
ATOM   770  C  CA  . VAL A 1 100 ? 4.223   1.352   -0.311  1.00 27.23 ? 303 VAL A CA  1 
ATOM   771  C  C   . VAL A 1 100 ? 3.772   1.548   1.127   1.00 27.81 ? 303 VAL A C   1 
ATOM   772  O  O   . VAL A 1 100 ? 3.836   2.650   1.665   1.00 28.20 ? 303 VAL A O   1 
ATOM   773  C  CB  . VAL A 1 100 ? 3.030   1.460   -1.262  1.00 26.79 ? 303 VAL A CB  1 
ATOM   774  C  CG1 . VAL A 1 100 ? 2.223   2.705   -0.958  1.00 26.43 ? 303 VAL A CG1 1 
ATOM   775  C  CG2 . VAL A 1 100 ? 3.535   1.513   -2.689  1.00 26.22 ? 303 VAL A CG2 1 
ATOM   776  N  N   . THR A 1 101 ? 3.352   0.458   1.758   1.00 28.35 ? 304 THR A N   1 
ATOM   777  C  CA  . THR A 1 101 ? 2.901   0.487   3.145   1.00 28.71 ? 304 THR A CA  1 
ATOM   778  C  C   . THR A 1 101 ? 4.071   0.830   4.072   1.00 29.38 ? 304 THR A C   1 
ATOM   779  O  O   . THR A 1 101 ? 3.959   1.718   4.917   1.00 30.06 ? 304 THR A O   1 
ATOM   780  C  CB  . THR A 1 101 ? 2.280   -0.867  3.534   1.00 28.29 ? 304 THR A CB  1 
ATOM   781  O  OG1 . THR A 1 101 ? 1.157   -1.126  2.686   1.00 28.30 ? 304 THR A OG1 1 
ATOM   782  C  CG2 . THR A 1 101 ? 1.813   -0.869  4.973   1.00 27.90 ? 304 THR A CG2 1 
ATOM   783  N  N   . VAL A 1 102 ? 5.202   0.150   3.883   1.00 29.98 ? 305 VAL A N   1 
ATOM   784  C  CA  . VAL A 1 102 ? 6.398   0.400   4.686   1.00 30.33 ? 305 VAL A CA  1 
ATOM   785  C  C   . VAL A 1 102 ? 6.861   1.854   4.508   1.00 31.51 ? 305 VAL A C   1 
ATOM   786  O  O   . VAL A 1 102 ? 7.198   2.531   5.485   1.00 32.54 ? 305 VAL A O   1 
ATOM   787  C  CB  . VAL A 1 102 ? 7.550   -0.576  4.312   1.00 28.90 ? 305 VAL A CB  1 
ATOM   788  C  CG1 . VAL A 1 102 ? 8.862   -0.133  4.949   1.00 27.02 ? 305 VAL A CG1 1 
ATOM   789  C  CG2 . VAL A 1 102 ? 7.213   -1.978  4.781   1.00 27.99 ? 305 VAL A CG2 1 
ATOM   790  N  N   . ALA A 1 103 ? 6.836   2.346   3.271   1.00 31.59 ? 306 ALA A N   1 
ATOM   791  C  CA  . ALA A 1 103 ? 7.248   3.718   3.000   1.00 31.88 ? 306 ALA A CA  1 
ATOM   792  C  C   . ALA A 1 103 ? 6.374   4.673   3.806   1.00 32.97 ? 306 ALA A C   1 
ATOM   793  O  O   . ALA A 1 103 ? 6.871   5.610   4.438   1.00 33.83 ? 306 ALA A O   1 
ATOM   794  C  CB  . ALA A 1 103 ? 7.140   4.019   1.518   1.00 30.21 ? 306 ALA A CB  1 
ATOM   795  N  N   . TYR A 1 104 ? 5.072   4.404   3.819   1.00 33.59 ? 307 TYR A N   1 
ATOM   796  C  CA  . TYR A 1 104 ? 4.140   5.240   4.560   1.00 33.37 ? 307 TYR A CA  1 
ATOM   797  C  C   . TYR A 1 104 ? 4.476   5.237   6.047   1.00 33.62 ? 307 TYR A C   1 
ATOM   798  O  O   . TYR A 1 104 ? 4.521   6.289   6.671   1.00 33.99 ? 307 TYR A O   1 
ATOM   799  C  CB  . TYR A 1 104 ? 2.700   4.782   4.341   1.00 32.35 ? 307 TYR A CB  1 
ATOM   800  C  CG  . TYR A 1 104 ? 1.712   5.566   5.171   1.00 32.04 ? 307 TYR A CG  1 
ATOM   801  C  CD1 . TYR A 1 104 ? 1.260   6.817   4.759   1.00 31.80 ? 307 TYR A CD1 1 
ATOM   802  C  CD2 . TYR A 1 104 ? 1.273   5.078   6.400   1.00 31.49 ? 307 TYR A CD2 1 
ATOM   803  C  CE1 . TYR A 1 104 ? 0.398   7.563   5.558   1.00 32.94 ? 307 TYR A CE1 1 
ATOM   804  C  CE2 . TYR A 1 104 ? 0.419   5.811   7.203   1.00 31.63 ? 307 TYR A CE2 1 
ATOM   805  C  CZ  . TYR A 1 104 ? -0.013  7.050   6.782   1.00 32.80 ? 307 TYR A CZ  1 
ATOM   806  O  OH  . TYR A 1 104 ? -0.839  7.778   7.603   1.00 35.40 ? 307 TYR A OH  1 
ATOM   807  N  N   . LEU A 1 105 ? 4.720   4.054   6.607   1.00 34.08 ? 308 LEU A N   1 
ATOM   808  C  CA  . LEU A 1 105 ? 5.062   3.935   8.020   1.00 34.71 ? 308 LEU A CA  1 
ATOM   809  C  C   . LEU A 1 105 ? 6.367   4.662   8.330   1.00 35.53 ? 308 LEU A C   1 
ATOM   810  O  O   . LEU A 1 105 ? 6.500   5.304   9.368   1.00 35.80 ? 308 LEU A O   1 
ATOM   811  C  CB  . LEU A 1 105 ? 5.202   2.469   8.424   1.00 34.39 ? 308 LEU A CB  1 
ATOM   812  C  CG  . LEU A 1 105 ? 3.977   1.561   8.334   1.00 35.33 ? 308 LEU A CG  1 
ATOM   813  C  CD1 . LEU A 1 105 ? 4.314   0.211   8.931   1.00 35.69 ? 308 LEU A CD1 1 
ATOM   814  C  CD2 . LEU A 1 105 ? 2.828   2.165   9.085   1.00 35.07 ? 308 LEU A CD2 1 
ATOM   815  N  N   . MET A 1 106 ? 7.327   4.563   7.421   1.00 35.77 ? 309 MET A N   1 
ATOM   816  C  CA  . MET A 1 106 ? 8.612   5.206   7.610   1.00 35.43 ? 309 MET A CA  1 
ATOM   817  C  C   . MET A 1 106 ? 8.450   6.697   7.760   1.00 36.06 ? 309 MET A C   1 
ATOM   818  O  O   . MET A 1 106 ? 8.963   7.285   8.703   1.00 36.62 ? 309 MET A O   1 
ATOM   819  C  CB  . MET A 1 106 ? 9.526   4.916   6.430   1.00 34.55 ? 309 MET A CB  1 
ATOM   820  C  CG  . MET A 1 106 ? 10.032  3.505   6.388   1.00 33.74 ? 309 MET A CG  1 
ATOM   821  S  SD  . MET A 1 106 ? 10.867  3.212   4.850   1.00 34.24 ? 309 MET A SD  1 
ATOM   822  C  CE  . MET A 1 106 ? 12.263  4.224   5.020   1.00 33.16 ? 309 MET A CE  1 
ATOM   823  N  N   . GLN A 1 107 ? 7.703   7.306   6.851   1.00 36.88 ? 310 GLN A N   1 
ATOM   824  C  CA  . GLN A 1 107 ? 7.509   8.746   6.896   1.00 38.35 ? 310 GLN A CA  1 
ATOM   825  C  C   . GLN A 1 107 ? 6.588   9.226   8.010   1.00 39.49 ? 310 GLN A C   1 
ATOM   826  O  O   . GLN A 1 107 ? 6.940   10.127  8.770   1.00 40.07 ? 310 GLN A O   1 
ATOM   827  C  CB  . GLN A 1 107 ? 6.991   9.239   5.557   1.00 38.74 ? 310 GLN A CB  1 
ATOM   828  C  CG  . GLN A 1 107 ? 6.878   10.734  5.472   1.00 39.13 ? 310 GLN A CG  1 
ATOM   829  C  CD  . GLN A 1 107 ? 6.853   11.205  4.044   1.00 41.06 ? 310 GLN A CD  1 
ATOM   830  O  OE1 . GLN A 1 107 ? 5.894   11.841  3.608   1.00 42.19 ? 310 GLN A OE1 1 
ATOM   831  N  NE2 . GLN A 1 107 ? 7.908   10.883  3.292   1.00 41.24 ? 310 GLN A NE2 1 
ATOM   832  N  N   . LYS A 1 108 ? 5.408   8.623   8.096   1.00 40.27 ? 311 LYS A N   1 
ATOM   833  C  CA  . LYS A 1 108 ? 4.413   8.980   9.099   1.00 40.43 ? 311 LYS A CA  1 
ATOM   834  C  C   . LYS A 1 108 ? 4.885   8.774   10.537  1.00 40.01 ? 311 LYS A C   1 
ATOM   835  O  O   . LYS A 1 108 ? 4.703   9.648   11.381  1.00 40.19 ? 311 LYS A O   1 
ATOM   836  C  CB  . LYS A 1 108 ? 3.132   8.182   8.864   1.00 41.13 ? 311 LYS A CB  1 
ATOM   837  C  CG  . LYS A 1 108 ? 2.001   8.516   9.815   1.00 43.01 ? 311 LYS A CG  1 
ATOM   838  C  CD  . LYS A 1 108 ? 1.471   9.921   9.575   1.00 44.19 ? 311 LYS A CD  1 
ATOM   839  C  CE  . LYS A 1 108 ? 0.269   10.214  10.461  1.00 44.57 ? 311 LYS A CE  1 
ATOM   840  N  NZ  . LYS A 1 108 ? -0.297  11.551  10.151  1.00 45.75 ? 311 LYS A NZ  1 
ATOM   841  N  N   . LEU A 1 109 ? 5.468   7.613   10.817  1.00 39.53 ? 312 LEU A N   1 
ATOM   842  C  CA  . LEU A 1 109 ? 5.945   7.302   12.164  1.00 39.57 ? 312 LEU A CA  1 
ATOM   843  C  C   . LEU A 1 109 ? 7.416   7.648   12.401  1.00 40.03 ? 312 LEU A C   1 
ATOM   844  O  O   . LEU A 1 109 ? 7.945   7.444   13.499  1.00 39.86 ? 312 LEU A O   1 
ATOM   845  C  CB  . LEU A 1 109 ? 5.696   5.826   12.492  1.00 38.30 ? 312 LEU A CB  1 
ATOM   846  C  CG  . LEU A 1 109 ? 4.248   5.343   12.396  1.00 36.92 ? 312 LEU A CG  1 
ATOM   847  C  CD1 . LEU A 1 109 ? 4.186   3.880   12.753  1.00 35.99 ? 312 LEU A CD1 1 
ATOM   848  C  CD2 . LEU A 1 109 ? 3.357   6.152   13.313  1.00 36.11 ? 312 LEU A CD2 1 
ATOM   849  N  N   . ASN A 1 110 ? 8.067   8.190   11.377  1.00 40.93 ? 313 ASN A N   1 
ATOM   850  C  CA  . ASN A 1 110 ? 9.469   8.564   11.477  1.00 41.63 ? 313 ASN A CA  1 
ATOM   851  C  C   . ASN A 1 110 ? 10.316  7.358   11.841  1.00 41.31 ? 313 ASN A C   1 
ATOM   852  O  O   . ASN A 1 110 ? 11.082  7.391   12.806  1.00 41.84 ? 313 ASN A O   1 
ATOM   853  C  CB  . ASN A 1 110 ? 9.643   9.654   12.526  1.00 44.20 ? 313 ASN A CB  1 
ATOM   854  C  CG  . ASN A 1 110 ? 10.318  10.866  11.968  1.00 46.96 ? 313 ASN A CG  1 
ATOM   855  O  OD1 . ASN A 1 110 ? 11.469  10.795  11.544  1.00 47.69 ? 313 ASN A OD1 1 
ATOM   856  N  ND2 . ASN A 1 110 ? 9.593   11.984  11.914  1.00 48.72 ? 313 ASN A ND2 1 
ATOM   857  N  N   . LEU A 1 111 ? 10.171  6.294   11.060  1.00 40.49 ? 314 LEU A N   1 
ATOM   858  C  CA  . LEU A 1 111 ? 10.895  5.057   11.299  1.00 39.96 ? 314 LEU A CA  1 
ATOM   859  C  C   . LEU A 1 111 ? 11.823  4.697   10.169  1.00 39.87 ? 314 LEU A C   1 
ATOM   860  O  O   . LEU A 1 111 ? 11.649  5.137   9.037   1.00 40.46 ? 314 LEU A O   1 
ATOM   861  C  CB  . LEU A 1 111 ? 9.915   3.904   11.447  1.00 40.36 ? 314 LEU A CB  1 
ATOM   862  C  CG  . LEU A 1 111 ? 8.962   3.928   12.624  1.00 41.06 ? 314 LEU A CG  1 
ATOM   863  C  CD1 . LEU A 1 111 ? 7.942   2.842   12.420  1.00 41.30 ? 314 LEU A CD1 1 
ATOM   864  C  CD2 . LEU A 1 111 ? 9.732   3.724   13.921  1.00 41.61 ? 314 LEU A CD2 1 
ATOM   865  N  N   . SER A 1 112 ? 12.790  3.849   10.483  1.00 39.34 ? 315 SER A N   1 
ATOM   866  C  CA  . SER A 1 112 ? 13.722  3.369   9.488   1.00 39.26 ? 315 SER A CA  1 
ATOM   867  C  C   . SER A 1 112 ? 12.967  2.272   8.740   1.00 40.08 ? 315 SER A C   1 
ATOM   868  O  O   . SER A 1 112 ? 11.935  1.784   9.215   1.00 41.59 ? 315 SER A O   1 
ATOM   869  C  CB  . SER A 1 112 ? 14.948  2.762   10.169  1.00 38.83 ? 315 SER A CB  1 
ATOM   870  O  OG  . SER A 1 112 ? 14.607  1.590   10.896  1.00 37.80 ? 315 SER A OG  1 
ATOM   871  N  N   . MET A 1 113 ? 13.480  1.879   7.581   1.00 39.46 ? 316 MET A N   1 
ATOM   872  C  CA  . MET A 1 113 ? 12.865  0.826   6.794   1.00 39.01 ? 316 MET A CA  1 
ATOM   873  C  C   . MET A 1 113 ? 12.699  -0.442  7.623   1.00 38.83 ? 316 MET A C   1 
ATOM   874  O  O   . MET A 1 113 ? 11.638  -1.061  7.607   1.00 38.54 ? 316 MET A O   1 
ATOM   875  C  CB  . MET A 1 113 ? 13.720  0.507   5.571   1.00 39.77 ? 316 MET A CB  1 
ATOM   876  C  CG  . MET A 1 113 ? 13.248  -0.721  4.824   1.00 39.95 ? 316 MET A CG  1 
ATOM   877  S  SD  . MET A 1 113 ? 14.438  -1.345  3.658   1.00 41.45 ? 316 MET A SD  1 
ATOM   878  C  CE  . MET A 1 113 ? 15.788  -1.797  4.757   1.00 39.46 ? 316 MET A CE  1 
ATOM   879  N  N   . ASN A 1 114 ? 13.748  -0.825  8.344   1.00 38.48 ? 317 ASN A N   1 
ATOM   880  C  CA  . ASN A 1 114 ? 13.699  -2.030  9.163   1.00 39.10 ? 317 ASN A CA  1 
ATOM   881  C  C   . ASN A 1 114 ? 12.675  -1.972  10.281  1.00 38.83 ? 317 ASN A C   1 
ATOM   882  O  O   . ASN A 1 114 ? 11.980  -2.954  10.538  1.00 39.22 ? 317 ASN A O   1 
ATOM   883  C  CB  . ASN A 1 114 ? 15.074  -2.356  9.722   1.00 40.29 ? 317 ASN A CB  1 
ATOM   884  C  CG  . ASN A 1 114 ? 15.992  -2.943  8.676   1.00 41.52 ? 317 ASN A CG  1 
ATOM   885  O  OD1 . ASN A 1 114 ? 15.542  -3.626  7.756   1.00 42.56 ? 317 ASN A OD1 1 
ATOM   886  N  ND2 . ASN A 1 114 ? 17.286  -2.684  8.810   1.00 42.07 ? 317 ASN A ND2 1 
ATOM   887  N  N   . ASP A 1 115 ? 12.579  -0.826  10.943  1.00 38.31 ? 318 ASP A N   1 
ATOM   888  C  CA  . ASP A 1 115 ? 11.611  -0.664  12.018  1.00 37.99 ? 318 ASP A CA  1 
ATOM   889  C  C   . ASP A 1 115 ? 10.189  -0.688  11.468  1.00 37.11 ? 318 ASP A C   1 
ATOM   890  O  O   . ASP A 1 115 ? 9.325   -1.384  11.999  1.00 36.75 ? 318 ASP A O   1 
ATOM   891  C  CB  . ASP A 1 115 ? 11.877  0.635   12.783  1.00 38.75 ? 318 ASP A CB  1 
ATOM   892  C  CG  . ASP A 1 115 ? 13.080  0.528   13.709  1.00 39.71 ? 318 ASP A CG  1 
ATOM   893  O  OD1 . ASP A 1 115 ? 13.468  -0.615  14.062  1.00 39.41 ? 318 ASP A OD1 1 
ATOM   894  O  OD2 . ASP A 1 115 ? 13.632  1.580   14.089  1.00 39.53 ? 318 ASP A OD2 1 
ATOM   895  N  N   . ALA A 1 116 ? 9.969   0.035   10.373  1.00 36.34 ? 319 ALA A N   1 
ATOM   896  C  CA  . ALA A 1 116 ? 8.658   0.093   9.735   1.00 35.64 ? 319 ALA A CA  1 
ATOM   897  C  C   . ALA A 1 116 ? 8.228   -1.300  9.270   1.00 35.72 ? 319 ALA A C   1 
ATOM   898  O  O   . ALA A 1 116 ? 7.078   -1.704  9.455   1.00 36.24 ? 319 ALA A O   1 
ATOM   899  C  CB  . ALA A 1 116 ? 8.694   1.056   8.565   1.00 34.85 ? 319 ALA A CB  1 
ATOM   900  N  N   . TYR A 1 117 ? 9.166   -2.048  8.702   1.00 35.23 ? 320 TYR A N   1 
ATOM   901  C  CA  . TYR A 1 117 ? 8.877   -3.391  8.227   1.00 34.94 ? 320 TYR A CA  1 
ATOM   902  C  C   . TYR A 1 117 ? 8.549   -4.320  9.404   1.00 35.07 ? 320 TYR A C   1 
ATOM   903  O  O   . TYR A 1 117 ? 7.687   -5.189  9.288   1.00 34.82 ? 320 TYR A O   1 
ATOM   904  C  CB  . TYR A 1 117 ? 10.051  -3.932  7.402   1.00 34.90 ? 320 TYR A CB  1 
ATOM   905  C  CG  . TYR A 1 117 ? 9.767   -5.268  6.754   1.00 35.40 ? 320 TYR A CG  1 
ATOM   906  C  CD1 . TYR A 1 117 ? 8.634   -5.452  5.948   1.00 35.41 ? 320 TYR A CD1 1 
ATOM   907  C  CD2 . TYR A 1 117 ? 10.599  -6.361  6.981   1.00 35.05 ? 320 TYR A CD2 1 
ATOM   908  C  CE1 . TYR A 1 117 ? 8.338   -6.697  5.394   1.00 35.50 ? 320 TYR A CE1 1 
ATOM   909  C  CE2 . TYR A 1 117 ? 10.312  -7.611  6.431   1.00 35.70 ? 320 TYR A CE2 1 
ATOM   910  C  CZ  . TYR A 1 117 ? 9.181   -7.773  5.643   1.00 35.90 ? 320 TYR A CZ  1 
ATOM   911  O  OH  . TYR A 1 117 ? 8.890   -9.020  5.129   1.00 37.03 ? 320 TYR A OH  1 
ATOM   912  N  N   . ASP A 1 118 ? 9.234   -4.137  10.534  1.00 35.32 ? 321 ASP A N   1 
ATOM   913  C  CA  . ASP A 1 118 ? 8.966   -4.949  11.719  1.00 35.24 ? 321 ASP A CA  1 
ATOM   914  C  C   . ASP A 1 118 ? 7.546   -4.699  12.184  1.00 34.73 ? 321 ASP A C   1 
ATOM   915  O  O   . ASP A 1 118 ? 6.888   -5.609  12.673  1.00 34.79 ? 321 ASP A O   1 
ATOM   916  C  CB  . ASP A 1 118 ? 9.927   -4.614  12.862  1.00 36.26 ? 321 ASP A CB  1 
ATOM   917  C  CG  . ASP A 1 118 ? 11.256  -5.326  12.738  1.00 37.79 ? 321 ASP A CG  1 
ATOM   918  O  OD1 . ASP A 1 118 ? 11.356  -6.285  11.938  1.00 39.02 ? 321 ASP A OD1 1 
ATOM   919  O  OD2 . ASP A 1 118 ? 12.201  -4.929  13.452  1.00 37.99 ? 321 ASP A OD2 1 
ATOM   920  N  N   . ILE A 1 119 ? 7.076   -3.462  12.038  1.00 34.23 ? 322 ILE A N   1 
ATOM   921  C  CA  . ILE A 1 119 ? 5.716   -3.128  12.438  1.00 34.31 ? 322 ILE A CA  1 
ATOM   922  C  C   . ILE A 1 119 ? 4.728   -3.887  11.563  1.00 35.67 ? 322 ILE A C   1 
ATOM   923  O  O   . ILE A 1 119 ? 3.726   -4.405  12.055  1.00 36.92 ? 322 ILE A O   1 
ATOM   924  C  CB  . ILE A 1 119 ? 5.448   -1.613  12.369  1.00 32.69 ? 322 ILE A CB  1 
ATOM   925  C  CG1 . ILE A 1 119 ? 6.207   -0.913  13.495  1.00 31.23 ? 322 ILE A CG1 1 
ATOM   926  C  CG2 . ILE A 1 119 ? 3.954   -1.322  12.491  1.00 31.33 ? 322 ILE A CG2 1 
ATOM   927  C  CD1 . ILE A 1 119 ? 5.876   0.543   13.625  1.00 30.21 ? 322 ILE A CD1 1 
ATOM   928  N  N   . VAL A 1 120 ? 5.029   -3.980  10.270  1.00 36.43 ? 323 VAL A N   1 
ATOM   929  C  CA  . VAL A 1 120 ? 4.163   -4.708  9.356   1.00 37.33 ? 323 VAL A CA  1 
ATOM   930  C  C   . VAL A 1 120 ? 4.127   -6.189  9.748   1.00 39.01 ? 323 VAL A C   1 
ATOM   931  O  O   . VAL A 1 120 ? 3.060   -6.801  9.778   1.00 39.47 ? 323 VAL A O   1 
ATOM   932  C  CB  . VAL A 1 120 ? 4.619   -4.542  7.891   1.00 36.22 ? 323 VAL A CB  1 
ATOM   933  C  CG1 . VAL A 1 120 ? 3.833   -5.472  6.979   1.00 35.40 ? 323 VAL A CG1 1 
ATOM   934  C  CG2 . VAL A 1 120 ? 4.435   -3.091  7.448   1.00 34.94 ? 323 VAL A CG2 1 
ATOM   935  N  N   . LYS A 1 121 ? 5.279   -6.745  10.115  1.00 40.58 ? 324 LYS A N   1 
ATOM   936  C  CA  . LYS A 1 121 ? 5.342   -8.146  10.512  1.00 42.63 ? 324 LYS A CA  1 
ATOM   937  C  C   . LYS A 1 121 ? 4.630   -8.453  11.835  1.00 43.11 ? 324 LYS A C   1 
ATOM   938  O  O   . LYS A 1 121 ? 4.402   -9.616  12.173  1.00 43.51 ? 324 LYS A O   1 
ATOM   939  C  CB  . LYS A 1 121 ? 6.789   -8.631  10.568  1.00 44.24 ? 324 LYS A CB  1 
ATOM   940  C  CG  . LYS A 1 121 ? 7.461   -8.751  9.213   1.00 46.85 ? 324 LYS A CG  1 
ATOM   941  C  CD  . LYS A 1 121 ? 8.299   -10.037 9.114   1.00 49.98 ? 324 LYS A CD  1 
ATOM   942  C  CE  . LYS A 1 121 ? 9.295   -10.199 10.281  1.00 51.72 ? 324 LYS A CE  1 
ATOM   943  N  NZ  . LYS A 1 121 ? 10.254  -9.055  10.455  1.00 52.37 ? 324 LYS A NZ  1 
ATOM   944  N  N   . MET A 1 122 ? 4.298   -7.418  12.595  1.00 43.51 ? 325 MET A N   1 
ATOM   945  C  CA  . MET A 1 122 ? 3.592   -7.612  13.858  1.00 44.37 ? 325 MET A CA  1 
ATOM   946  C  C   . MET A 1 122 ? 2.148   -7.964  13.540  1.00 45.24 ? 325 MET A C   1 
ATOM   947  O  O   . MET A 1 122 ? 1.558   -8.839  14.171  1.00 44.37 ? 325 MET A O   1 
ATOM   948  C  CB  . MET A 1 122 ? 3.614   -6.331  14.697  1.00 43.76 ? 325 MET A CB  1 
ATOM   949  C  CG  . MET A 1 122 ? 4.962   -5.974  15.293  1.00 42.79 ? 325 MET A CG  1 
ATOM   950  S  SD  . MET A 1 122 ? 4.888   -4.363  16.080  1.00 42.07 ? 325 MET A SD  1 
ATOM   951  C  CE  . MET A 1 122 ? 6.593   -4.088  16.422  1.00 42.14 ? 325 MET A CE  1 
ATOM   952  N  N   . LYS A 1 123 ? 1.607   -7.284  12.532  1.00 46.65 ? 326 LYS A N   1 
ATOM   953  C  CA  . LYS A 1 123 ? 0.227   -7.472  12.109  1.00 48.81 ? 326 LYS A CA  1 
ATOM   954  C  C   . LYS A 1 123 ? 0.023   -8.569  11.058  1.00 50.28 ? 326 LYS A C   1 
ATOM   955  O  O   . LYS A 1 123 ? -1.058  -9.148  10.971  1.00 50.55 ? 326 LYS A O   1 
ATOM   956  C  CB  . LYS A 1 123 ? -0.348  -6.140  11.613  1.00 48.55 ? 326 LYS A CB  1 
ATOM   957  C  CG  . LYS A 1 123 ? -0.060  -4.952  12.540  1.00 49.58 ? 326 LYS A CG  1 
ATOM   958  C  CD  . LYS A 1 123 ? -0.510  -5.200  13.995  1.00 50.96 ? 326 LYS A CD  1 
ATOM   959  C  CE  . LYS A 1 123 ? -1.966  -4.798  14.266  1.00 51.70 ? 326 LYS A CE  1 
ATOM   960  N  NZ  . LYS A 1 123 ? -2.203  -3.315  14.149  1.00 51.97 ? 326 LYS A NZ  1 
ATOM   961  N  N   . LYS A 1 124 ? 1.056   -8.866  10.272  1.00 52.01 ? 327 LYS A N   1 
ATOM   962  C  CA  . LYS A 1 124 ? 0.961   -9.897  9.237   1.00 53.62 ? 327 LYS A CA  1 
ATOM   963  C  C   . LYS A 1 124 ? 2.296   -10.642 9.194   1.00 55.04 ? 327 LYS A C   1 
ATOM   964  O  O   . LYS A 1 124 ? 3.096   -10.454 8.282   1.00 55.24 ? 327 LYS A O   1 
ATOM   965  C  CB  . LYS A 1 124 ? 0.642   -9.252  7.878   1.00 53.52 ? 327 LYS A CB  1 
ATOM   966  C  CG  . LYS A 1 124 ? 0.149   -10.215 6.811   1.00 54.43 ? 327 LYS A CG  1 
ATOM   967  C  CD  . LYS A 1 124 ? -0.488  -9.483  5.641   1.00 55.22 ? 327 LYS A CD  1 
ATOM   968  C  CE  . LYS A 1 124 ? -1.181  -10.456 4.676   1.00 56.17 ? 327 LYS A CE  1 
ATOM   969  N  NZ  . LYS A 1 124 ? -2.145  -9.748  3.760   1.00 56.42 ? 327 LYS A NZ  1 
ATOM   970  N  N   . SER A 1 125 ? 2.515   -11.499 10.189  1.00 57.12 ? 328 SER A N   1 
ATOM   971  C  CA  . SER A 1 125 ? 3.755   -12.274 10.335  1.00 59.00 ? 328 SER A CA  1 
ATOM   972  C  C   . SER A 1 125 ? 4.044   -13.292 9.234   1.00 60.07 ? 328 SER A C   1 
ATOM   973  O  O   . SER A 1 125 ? 5.160   -13.812 9.141   1.00 60.40 ? 328 SER A O   1 
ATOM   974  C  CB  . SER A 1 125 ? 3.750   -12.996 11.683  1.00 59.18 ? 328 SER A CB  1 
ATOM   975  O  OG  . SER A 1 125 ? 2.589   -13.803 11.807  1.00 59.39 ? 328 SER A OG  1 
ATOM   976  N  N   . ASN A 1 126 ? 3.032   -13.583 8.424   1.00 60.60 ? 329 ASN A N   1 
ATOM   977  C  CA  . ASN A 1 126 ? 3.149   -14.543 7.332   1.00 60.87 ? 329 ASN A CA  1 
ATOM   978  C  C   . ASN A 1 126 ? 3.799   -13.967 6.071   1.00 60.03 ? 329 ASN A C   1 
ATOM   979  O  O   . ASN A 1 126 ? 4.406   -14.695 5.283   1.00 60.35 ? 329 ASN A O   1 
ATOM   980  C  CB  . ASN A 1 126 ? 1.756   -15.048 6.968   1.00 62.45 ? 329 ASN A CB  1 
ATOM   981  C  CG  . ASN A 1 126 ? 0.849   -13.931 6.475   1.00 64.16 ? 329 ASN A CG  1 
ATOM   982  O  OD1 . ASN A 1 126 ? 0.843   -13.595 5.283   1.00 64.65 ? 329 ASN A OD1 1 
ATOM   983  N  ND2 . ASN A 1 126 ? 0.099   -13.330 7.393   1.00 64.66 ? 329 ASN A ND2 1 
ATOM   984  N  N   . ILE A 1 127 ? 3.624   -12.663 5.884   1.00 58.70 ? 330 ILE A N   1 
ATOM   985  C  CA  . ILE A 1 127 ? 4.128   -11.919 4.732   1.00 57.15 ? 330 ILE A CA  1 
ATOM   986  C  C   . ILE A 1 127 ? 5.510   -12.339 4.236   1.00 56.48 ? 330 ILE A C   1 
ATOM   987  O  O   . ILE A 1 127 ? 6.456   -12.452 5.015   1.00 56.71 ? 330 ILE A O   1 
ATOM   988  C  CB  . ILE A 1 127 ? 4.108   -10.397 5.034   1.00 56.84 ? 330 ILE A CB  1 
ATOM   989  C  CG1 . ILE A 1 127 ? 4.187   -9.594  3.745   1.00 56.52 ? 330 ILE A CG1 1 
ATOM   990  C  CG2 . ILE A 1 127 ? 5.239   -10.013 5.994   1.00 56.32 ? 330 ILE A CG2 1 
ATOM   991  C  CD1 . ILE A 1 127 ? 3.822   -8.160  3.949   1.00 56.71 ? 330 ILE A CD1 1 
ATOM   992  N  N   . SER A 1 128 ? 5.612   -12.593 2.936   1.00 55.38 ? 331 SER A N   1 
ATOM   993  C  CA  . SER A 1 128 ? 6.881   -12.995 2.335   1.00 54.35 ? 331 SER A CA  1 
ATOM   994  C  C   . SER A 1 128 ? 7.083   -12.305 0.991   1.00 52.40 ? 331 SER A C   1 
ATOM   995  O  O   . SER A 1 128 ? 6.673   -12.807 -0.060  1.00 52.07 ? 331 SER A O   1 
ATOM   996  C  CB  . SER A 1 128 ? 6.955   -14.519 2.180   1.00 55.16 ? 331 SER A CB  1 
ATOM   997  O  OG  . SER A 1 128 ? 5.828   -15.022 1.480   1.00 56.54 ? 331 SER A OG  1 
ATOM   998  N  N   . PRO A 1 129 ? 7.689   -11.111 1.013   1.00 50.45 ? 332 PRO A N   1 
ATOM   999  C  CA  . PRO A 1 129 ? 7.948   -10.343 -0.205  1.00 49.48 ? 332 PRO A CA  1 
ATOM   1000 C  C   . PRO A 1 129 ? 9.294   -10.713 -0.831  1.00 48.17 ? 332 PRO A C   1 
ATOM   1001 O  O   . PRO A 1 129 ? 10.056  -11.489 -0.257  1.00 48.43 ? 332 PRO A O   1 
ATOM   1002 C  CB  . PRO A 1 129 ? 7.984   -8.919  0.325   1.00 49.31 ? 332 PRO A CB  1 
ATOM   1003 C  CG  . PRO A 1 129 ? 8.702   -9.100  1.625   1.00 48.72 ? 332 PRO A CG  1 
ATOM   1004 C  CD  . PRO A 1 129 ? 8.047   -10.331 2.214   1.00 49.07 ? 332 PRO A CD  1 
ATOM   1005 N  N   . ASN A 1 130 ? 9.554   -10.212 -2.032  1.00 46.38 ? 333 ASN A N   1 
ATOM   1006 C  CA  . ASN A 1 130 ? 10.841  -10.464 -2.669  1.00 45.45 ? 333 ASN A CA  1 
ATOM   1007 C  C   . ASN A 1 130 ? 11.721  -9.291  -2.232  1.00 44.74 ? 333 ASN A C   1 
ATOM   1008 O  O   . ASN A 1 130 ? 11.262  -8.444  -1.461  1.00 45.38 ? 333 ASN A O   1 
ATOM   1009 C  CB  . ASN A 1 130 ? 10.720  -10.572 -4.202  1.00 45.02 ? 333 ASN A CB  1 
ATOM   1010 C  CG  . ASN A 1 130 ? 10.094  -9.349  -4.842  1.00 44.28 ? 333 ASN A CG  1 
ATOM   1011 O  OD1 . ASN A 1 130 ? 10.527  -8.216  -4.622  1.00 43.81 ? 333 ASN A OD1 1 
ATOM   1012 N  ND2 . ASN A 1 130 ? 9.076   -9.577  -5.664  1.00 43.70 ? 333 ASN A ND2 1 
ATOM   1013 N  N   . PHE A 1 131 ? 12.969  -9.228  -2.684  1.00 43.38 ? 334 PHE A N   1 
ATOM   1014 C  CA  . PHE A 1 131 ? 13.829  -8.129  -2.257  1.00 41.92 ? 334 PHE A CA  1 
ATOM   1015 C  C   . PHE A 1 131 ? 13.989  -7.009  -3.278  1.00 40.32 ? 334 PHE A C   1 
ATOM   1016 O  O   . PHE A 1 131 ? 14.814  -6.123  -3.080  1.00 40.23 ? 334 PHE A O   1 
ATOM   1017 C  CB  . PHE A 1 131 ? 15.205  -8.660  -1.853  1.00 43.83 ? 334 PHE A CB  1 
ATOM   1018 C  CG  . PHE A 1 131 ? 16.017  -9.177  -3.001  1.00 46.16 ? 334 PHE A CG  1 
ATOM   1019 C  CD1 . PHE A 1 131 ? 16.741  -8.303  -3.816  1.00 47.89 ? 334 PHE A CD1 1 
ATOM   1020 C  CD2 . PHE A 1 131 ? 16.049  -10.533 -3.286  1.00 46.98 ? 334 PHE A CD2 1 
ATOM   1021 C  CE1 . PHE A 1 131 ? 17.478  -8.772  -4.897  1.00 48.78 ? 334 PHE A CE1 1 
ATOM   1022 C  CE2 . PHE A 1 131 ? 16.783  -11.017 -4.361  1.00 48.04 ? 334 PHE A CE2 1 
ATOM   1023 C  CZ  . PHE A 1 131 ? 17.498  -10.135 -5.172  1.00 49.36 ? 334 PHE A CZ  1 
ATOM   1024 N  N   . ASN A 1 132 ? 13.173  -7.013  -4.329  1.00 38.82 ? 335 ASN A N   1 
ATOM   1025 C  CA  . ASN A 1 132 ? 13.269  -6.006  -5.392  1.00 38.04 ? 335 ASN A CA  1 
ATOM   1026 C  C   . ASN A 1 132 ? 13.172  -4.552  -4.961  1.00 37.19 ? 335 ASN A C   1 
ATOM   1027 O  O   . ASN A 1 132 ? 13.600  -3.664  -5.697  1.00 36.86 ? 335 ASN A O   1 
ATOM   1028 C  CB  . ASN A 1 132 ? 12.223  -6.258  -6.477  1.00 38.73 ? 335 ASN A CB  1 
ATOM   1029 C  CG  . ASN A 1 132 ? 12.390  -7.604  -7.153  1.00 40.13 ? 335 ASN A CG  1 
ATOM   1030 O  OD1 . ASN A 1 132 ? 13.359  -8.327  -6.907  1.00 41.63 ? 335 ASN A OD1 1 
ATOM   1031 N  ND2 . ASN A 1 132 ? 11.435  -7.954  -8.010  1.00 40.05 ? 335 ASN A ND2 1 
ATOM   1032 N  N   . PHE A 1 133 ? 12.639  -4.305  -3.770  1.00 36.45 ? 336 PHE A N   1 
ATOM   1033 C  CA  . PHE A 1 133 ? 12.476  -2.935  -3.301  1.00 35.95 ? 336 PHE A CA  1 
ATOM   1034 C  C   . PHE A 1 133 ? 13.316  -2.509  -2.105  1.00 36.20 ? 336 PHE A C   1 
ATOM   1035 O  O   . PHE A 1 133 ? 13.162  -1.394  -1.608  1.00 36.27 ? 336 PHE A O   1 
ATOM   1036 C  CB  . PHE A 1 133 ? 10.996  -2.643  -3.076  1.00 35.61 ? 336 PHE A CB  1 
ATOM   1037 C  CG  . PHE A 1 133 ? 10.144  -2.975  -4.263  1.00 35.80 ? 336 PHE A CG  1 
ATOM   1038 C  CD1 . PHE A 1 133 ? 9.946   -2.042  -5.278  1.00 36.05 ? 336 PHE A CD1 1 
ATOM   1039 C  CD2 . PHE A 1 133 ? 9.601   -4.252  -4.410  1.00 36.02 ? 336 PHE A CD2 1 
ATOM   1040 C  CE1 . PHE A 1 133 ? 9.222   -2.375  -6.431  1.00 36.76 ? 336 PHE A CE1 1 
ATOM   1041 C  CE2 . PHE A 1 133 ? 8.877   -4.601  -5.554  1.00 36.77 ? 336 PHE A CE2 1 
ATOM   1042 C  CZ  . PHE A 1 133 ? 8.688   -3.660  -6.570  1.00 37.32 ? 336 PHE A CZ  1 
ATOM   1043 N  N   . MET A 1 134 ? 14.234  -3.368  -1.668  1.00 36.74 ? 337 MET A N   1 
ATOM   1044 C  CA  . MET A 1 134 ? 15.114  -3.020  -0.551  1.00 36.78 ? 337 MET A CA  1 
ATOM   1045 C  C   . MET A 1 134 ? 15.902  -1.750  -0.873  1.00 36.37 ? 337 MET A C   1 
ATOM   1046 O  O   . MET A 1 134 ? 15.947  -0.827  -0.070  1.00 37.64 ? 337 MET A O   1 
ATOM   1047 C  CB  . MET A 1 134 ? 16.112  -4.140  -0.259  1.00 37.24 ? 337 MET A CB  1 
ATOM   1048 C  CG  . MET A 1 134 ? 15.521  -5.405  0.290   1.00 37.89 ? 337 MET A CG  1 
ATOM   1049 S  SD  . MET A 1 134 ? 16.850  -6.557  0.686   1.00 40.04 ? 337 MET A SD  1 
ATOM   1050 C  CE  . MET A 1 134 ? 15.967  -7.738  1.742   1.00 39.57 ? 337 MET A CE  1 
ATOM   1051 N  N   . GLY A 1 135 ? 16.505  -1.702  -2.056  1.00 35.26 ? 338 GLY A N   1 
ATOM   1052 C  CA  . GLY A 1 135 ? 17.285  -0.543  -2.441  1.00 34.76 ? 338 GLY A CA  1 
ATOM   1053 C  C   . GLY A 1 135 ? 16.512  0.760   -2.473  1.00 34.88 ? 338 GLY A C   1 
ATOM   1054 O  O   . GLY A 1 135 ? 17.031  1.809   -2.079  1.00 35.27 ? 338 GLY A O   1 
ATOM   1055 N  N   . GLN A 1 136 ? 15.266  0.705   -2.930  1.00 35.12 ? 339 GLN A N   1 
ATOM   1056 C  CA  . GLN A 1 136 ? 14.445  1.909   -3.010  1.00 35.31 ? 339 GLN A CA  1 
ATOM   1057 C  C   . GLN A 1 136 ? 13.972  2.375   -1.651  1.00 34.46 ? 339 GLN A C   1 
ATOM   1058 O  O   . GLN A 1 136 ? 13.855  3.575   -1.414  1.00 34.36 ? 339 GLN A O   1 
ATOM   1059 C  CB  . GLN A 1 136 ? 13.266  1.696   -3.949  1.00 36.36 ? 339 GLN A CB  1 
ATOM   1060 C  CG  . GLN A 1 136 ? 13.717  1.400   -5.357  1.00 39.42 ? 339 GLN A CG  1 
ATOM   1061 C  CD  . GLN A 1 136 ? 12.578  1.323   -6.326  1.00 41.33 ? 339 GLN A CD  1 
ATOM   1062 O  OE1 . GLN A 1 136 ? 12.262  0.255   -6.843  1.00 42.20 ? 339 GLN A OE1 1 
ATOM   1063 N  NE2 . GLN A 1 136 ? 11.953  2.463   -6.590  1.00 42.71 ? 339 GLN A NE2 1 
ATOM   1064 N  N   . LEU A 1 137 ? 13.713  1.427   -0.757  1.00 33.62 ? 340 LEU A N   1 
ATOM   1065 C  CA  . LEU A 1 137 ? 13.275  1.769   0.589   1.00 33.32 ? 340 LEU A CA  1 
ATOM   1066 C  C   . LEU A 1 137 ? 14.442  2.303   1.403   1.00 34.21 ? 340 LEU A C   1 
ATOM   1067 O  O   . LEU A 1 137 ? 14.284  3.256   2.159   1.00 34.74 ? 340 LEU A O   1 
ATOM   1068 C  CB  . LEU A 1 137 ? 12.631  0.570   1.279   1.00 31.04 ? 340 LEU A CB  1 
ATOM   1069 C  CG  . LEU A 1 137 ? 11.185  0.310   0.849   1.00 28.55 ? 340 LEU A CG  1 
ATOM   1070 C  CD1 . LEU A 1 137 ? 10.703  -0.967  1.457   1.00 27.30 ? 340 LEU A CD1 1 
ATOM   1071 C  CD2 . LEU A 1 137 ? 10.293  1.457   1.275   1.00 27.09 ? 340 LEU A CD2 1 
ATOM   1072 N  N   . LEU A 1 138 ? 15.620  1.712   1.212   1.00 35.01 ? 341 LEU A N   1 
ATOM   1073 C  CA  . LEU A 1 138 ? 16.827  2.145   1.912   1.00 36.12 ? 341 LEU A CA  1 
ATOM   1074 C  C   . LEU A 1 138 ? 17.192  3.547   1.460   1.00 37.39 ? 341 LEU A C   1 
ATOM   1075 O  O   . LEU A 1 138 ? 17.580  4.395   2.264   1.00 37.43 ? 341 LEU A O   1 
ATOM   1076 C  CB  . LEU A 1 138 ? 17.980  1.186   1.623   1.00 35.73 ? 341 LEU A CB  1 
ATOM   1077 C  CG  . LEU A 1 138 ? 17.993  -0.069  2.498   1.00 36.86 ? 341 LEU A CG  1 
ATOM   1078 C  CD1 . LEU A 1 138 ? 18.846  -1.169  1.888   1.00 36.95 ? 341 LEU A CD1 1 
ATOM   1079 C  CD2 . LEU A 1 138 ? 18.489  0.303   3.890   1.00 37.86 ? 341 LEU A CD2 1 
ATOM   1080 N  N   . ASP A 1 139 ? 17.029  3.787   0.165   1.00 39.01 ? 342 ASP A N   1 
ATOM   1081 C  CA  . ASP A 1 139 ? 17.322  5.080   -0.422  1.00 41.06 ? 342 ASP A CA  1 
ATOM   1082 C  C   . ASP A 1 139 ? 16.319  6.124   0.071   1.00 41.77 ? 342 ASP A C   1 
ATOM   1083 O  O   . ASP A 1 139 ? 16.686  7.266   0.358   1.00 42.22 ? 342 ASP A O   1 
ATOM   1084 C  CB  . ASP A 1 139 ? 17.280  4.967   -1.942  1.00 43.58 ? 342 ASP A CB  1 
ATOM   1085 C  CG  . ASP A 1 139 ? 17.877  6.173   -2.630  1.00 45.72 ? 342 ASP A CG  1 
ATOM   1086 O  OD1 . ASP A 1 139 ? 18.990  6.589   -2.238  1.00 47.22 ? 342 ASP A OD1 1 
ATOM   1087 O  OD2 . ASP A 1 139 ? 17.233  6.702   -3.561  1.00 47.46 ? 342 ASP A OD2 1 
ATOM   1088 N  N   . PHE A 1 140 ? 15.054  5.721   0.177   1.00 42.54 ? 343 PHE A N   1 
ATOM   1089 C  CA  . PHE A 1 140 ? 13.983  6.599   0.659   1.00 42.67 ? 343 PHE A CA  1 
ATOM   1090 C  C   . PHE A 1 140 ? 14.253  6.971   2.118   1.00 43.51 ? 343 PHE A C   1 
ATOM   1091 O  O   . PHE A 1 140 ? 13.883  8.052   2.570   1.00 42.95 ? 343 PHE A O   1 
ATOM   1092 C  CB  . PHE A 1 140 ? 12.636  5.877   0.551   1.00 41.56 ? 343 PHE A CB  1 
ATOM   1093 C  CG  . PHE A 1 140 ? 11.470  6.661   1.095   1.00 40.42 ? 343 PHE A CG  1 
ATOM   1094 C  CD1 . PHE A 1 140 ? 11.177  7.932   0.611   1.00 40.02 ? 343 PHE A CD1 1 
ATOM   1095 C  CD2 . PHE A 1 140 ? 10.651  6.115   2.082   1.00 39.92 ? 343 PHE A CD2 1 
ATOM   1096 C  CE1 . PHE A 1 140 ? 10.082  8.650   1.102   1.00 39.75 ? 343 PHE A CE1 1 
ATOM   1097 C  CE2 . PHE A 1 140 ? 9.556   6.819   2.581   1.00 39.29 ? 343 PHE A CE2 1 
ATOM   1098 C  CZ  . PHE A 1 140 ? 9.269   8.090   2.090   1.00 39.82 ? 343 PHE A CZ  1 
ATOM   1099 N  N   . GLU A 1 141 ? 14.913  6.069   2.838   1.00 45.10 ? 344 GLU A N   1 
ATOM   1100 C  CA  . GLU A 1 141 ? 15.251  6.282   4.239   1.00 47.40 ? 344 GLU A CA  1 
ATOM   1101 C  C   . GLU A 1 141 ? 16.160  7.492   4.396   1.00 49.84 ? 344 GLU A C   1 
ATOM   1102 O  O   . GLU A 1 141 ? 16.016  8.265   5.346   1.00 49.73 ? 344 GLU A O   1 
ATOM   1103 C  CB  . GLU A 1 141 ? 15.926  5.039   4.803   1.00 46.21 ? 344 GLU A CB  1 
ATOM   1104 C  CG  . GLU A 1 141 ? 16.185  5.097   6.287   1.00 46.59 ? 344 GLU A CG  1 
ATOM   1105 C  CD  . GLU A 1 141 ? 16.741  3.794   6.825   1.00 47.37 ? 344 GLU A CD  1 
ATOM   1106 O  OE1 . GLU A 1 141 ? 16.065  2.758   6.680   1.00 46.93 ? 344 GLU A OE1 1 
ATOM   1107 O  OE2 . GLU A 1 141 ? 17.852  3.798   7.392   1.00 48.23 ? 344 GLU A OE2 1 
ATOM   1108 N  N   . ARG A 1 142 ? 17.084  7.660   3.453   1.00 52.91 ? 345 ARG A N   1 
ATOM   1109 C  CA  . ARG A 1 142 ? 18.012  8.786   3.463   1.00 56.44 ? 345 ARG A CA  1 
ATOM   1110 C  C   . ARG A 1 142 ? 17.254  10.113  3.344   1.00 57.62 ? 345 ARG A C   1 
ATOM   1111 O  O   . ARG A 1 142 ? 17.627  11.114  3.965   1.00 57.90 ? 345 ARG A O   1 
ATOM   1112 C  CB  . ARG A 1 142 ? 19.002  8.658   2.309   1.00 58.55 ? 345 ARG A CB  1 
ATOM   1113 C  CG  . ARG A 1 142 ? 19.847  7.404   2.364   1.00 62.97 ? 345 ARG A CG  1 
ATOM   1114 C  CD  . ARG A 1 142 ? 20.651  7.230   1.082   1.00 67.18 ? 345 ARG A CD  1 
ATOM   1115 N  NE  . ARG A 1 142 ? 21.553  6.083   1.162   1.00 71.56 ? 345 ARG A NE  1 
ATOM   1116 C  CZ  . ARG A 1 142 ? 22.846  6.165   1.474   1.00 73.94 ? 345 ARG A CZ  1 
ATOM   1117 N  NH1 . ARG A 1 142 ? 23.403  7.345   1.729   1.00 74.71 ? 345 ARG A NH1 1 
ATOM   1118 N  NH2 . ARG A 1 142 ? 23.580  5.062   1.569   1.00 75.23 ? 345 ARG A NH2 1 
ATOM   1119 N  N   . THR A 1 143 ? 16.175  10.091  2.563   1.00 58.76 ? 346 THR A N   1 
ATOM   1120 C  CA  . THR A 1 143 ? 15.318  11.255  2.324   1.00 59.33 ? 346 THR A CA  1 
ATOM   1121 C  C   . THR A 1 143 ? 14.703  11.819  3.602   1.00 59.58 ? 346 THR A C   1 
ATOM   1122 O  O   . THR A 1 143 ? 14.305  12.980  3.648   1.00 60.63 ? 346 THR A O   1 
ATOM   1123 C  CB  . THR A 1 143 ? 14.164  10.883  1.356   1.00 59.70 ? 346 THR A CB  1 
ATOM   1124 O  OG1 . THR A 1 143 ? 14.717  10.430  0.114   1.00 60.31 ? 346 THR A OG1 1 
ATOM   1125 C  CG2 . THR A 1 143 ? 13.239  12.071  1.094   1.00 60.12 ? 346 THR A CG2 1 
ATOM   1126 N  N   . LEU A 1 144 ? 14.636  11.008  4.645   1.00 59.57 ? 347 LEU A N   1 
ATOM   1127 C  CA  . LEU A 1 144 ? 14.042  11.458  5.891   1.00 60.06 ? 347 LEU A CA  1 
ATOM   1128 C  C   . LEU A 1 144 ? 15.079  11.875  6.935   1.00 60.51 ? 347 LEU A C   1 
ATOM   1129 O  O   . LEU A 1 144 ? 16.291  11.665  6.699   1.00 60.61 ? 347 LEU A O   1 
ATOM   1130 C  CB  . LEU A 1 144 ? 13.122  10.361  6.437   1.00 60.67 ? 347 LEU A CB  1 
ATOM   1131 C  CG  . LEU A 1 144 ? 12.205  9.670   5.410   1.00 60.73 ? 347 LEU A CG  1 
ATOM   1132 C  CD1 . LEU A 1 144 ? 11.450  8.537   6.081   1.00 60.38 ? 347 LEU A CD1 1 
ATOM   1133 C  CD2 . LEU A 1 144 ? 11.238  10.661  4.761   1.00 60.23 ? 347 LEU A CD2 1 
ATOM   1134 O  OXT . LEU A 1 144 ? 14.665  12.422  7.980   1.00 60.36 ? 347 LEU A OXT 1 
HETATM 1135 CL CL  . CL  B 2 .   ? 3.374   -6.568  -6.450  1.00 41.93 ? 500 CL  A CL  1 
HETATM 1136 C  C1  . MPD C 3 .   ? 9.985   -4.685  2.713   1.00 59.23 ? 501 MPD A C1  1 
HETATM 1137 C  C2  . MPD C 3 .   ? 11.189  -4.607  1.793   1.00 59.36 ? 501 MPD A C2  1 
HETATM 1138 O  O2  . MPD C 3 .   ? 11.273  -6.039  1.348   1.00 59.50 ? 501 MPD A O2  1 
HETATM 1139 C  CM  . MPD C 3 .   ? 11.209  -3.959  0.436   1.00 59.36 ? 501 MPD A CM  1 
HETATM 1140 C  C3  . MPD C 3 .   ? 12.468  -4.203  2.607   1.00 59.05 ? 501 MPD A C3  1 
HETATM 1141 C  C4  . MPD C 3 .   ? 12.547  -4.801  3.929   1.00 58.72 ? 501 MPD A C4  1 
HETATM 1142 O  O4  . MPD C 3 .   ? 12.586  -6.194  3.626   1.00 59.24 ? 501 MPD A O4  1 
HETATM 1143 C  C5  . MPD C 3 .   ? 13.817  -4.347  4.678   1.00 58.32 ? 501 MPD A C5  1 
HETATM 1144 O  O   . HOH D 4 .   ? 4.297   11.095  -6.145  1.00 49.49 ? 400 HOH A O   1 
HETATM 1145 O  O   . HOH D 4 .   ? -20.028 0.256   -4.628  1.00 36.11 ? 401 HOH A O   1 
HETATM 1146 O  O   . HOH D 4 .   ? 12.893  -5.336  9.704   1.00 53.54 ? 402 HOH A O   1 
HETATM 1147 O  O   . HOH D 4 .   ? -4.742  12.117  -2.466  1.00 47.15 ? 403 HOH A O   1 
HETATM 1148 O  O   . HOH D 4 .   ? 11.845  -5.888  -1.605  1.00 32.51 ? 404 HOH A O   1 
HETATM 1149 O  O   . HOH D 4 .   ? 0.216   -12.041 12.281  1.00 49.17 ? 405 HOH A O   1 
HETATM 1150 O  O   . HOH D 4 .   ? -1.038  -7.012  -2.719  1.00 38.51 ? 406 HOH A O   1 
HETATM 1151 O  O   . HOH D 4 .   ? 7.896   -1.419  -9.746  1.00 34.17 ? 407 HOH A O   1 
HETATM 1152 O  O   . HOH D 4 .   ? -16.138 7.521   -12.079 1.00 44.03 ? 408 HOH A O   1 
HETATM 1153 O  O   . HOH D 4 .   ? -7.916  9.722   -13.752 1.00 49.52 ? 409 HOH A O   1 
HETATM 1154 O  O   . HOH D 4 .   ? -9.553  -2.579  -10.774 1.00 55.02 ? 410 HOH A O   1 
HETATM 1155 O  O   . HOH D 4 .   ? -3.245  7.528   -9.840  1.00 48.79 ? 411 HOH A O   1 
HETATM 1156 O  O   . HOH D 4 .   ? 0.406   8.709   -11.016 1.00 38.03 ? 412 HOH A O   1 
HETATM 1157 O  O   . HOH D 4 .   ? 0.290   0.202   -12.983 1.00 39.61 ? 413 HOH A O   1 
HETATM 1158 O  O   . HOH D 4 .   ? -1.955  0.251   -10.597 1.00 49.74 ? 414 HOH A O   1 
HETATM 1159 O  O   . HOH D 4 .   ? -5.833  -5.138  -7.132  1.00 52.22 ? 415 HOH A O   1 
HETATM 1160 O  O   . HOH D 4 .   ? 5.488   -7.939  -11.282 1.00 50.83 ? 416 HOH A O   1 
HETATM 1161 O  O   . HOH D 4 .   ? 4.522   -10.193 -9.925  1.00 48.24 ? 417 HOH A O   1 
HETATM 1162 O  O   . HOH D 4 .   ? 10.484  -0.521  -8.809  1.00 42.83 ? 418 HOH A O   1 
HETATM 1163 O  O   . HOH D 4 .   ? 8.028   -7.325  -7.320  1.00 40.59 ? 419 HOH A O   1 
HETATM 1164 O  O   . HOH D 4 .   ? -3.833  10.140  9.866   1.00 49.45 ? 420 HOH A O   1 
HETATM 1165 O  O   . HOH D 4 .   ? 5.346   -10.276 -4.337  1.00 36.29 ? 421 HOH A O   1 
HETATM 1166 O  O   . HOH D 4 .   ? 15.389  -1.316  -5.021  1.00 50.19 ? 422 HOH A O   1 
HETATM 1167 O  O   . HOH D 4 .   ? -1.310  6.897   13.056  1.00 30.82 ? 423 HOH A O   1 
HETATM 1168 O  O   . HOH D 4 .   ? 16.415  0.368   7.794   1.00 42.72 ? 424 HOH A O   1 
HETATM 1169 O  O   . HOH D 4 .   ? 13.378  4.055   13.491  1.00 47.77 ? 425 HOH A O   1 
HETATM 1170 O  O   . HOH D 4 .   ? 8.913   -6.768  -11.718 1.00 53.55 ? 426 HOH A O   1 
HETATM 1171 O  O   . HOH D 4 .   ? -6.052  -5.316  -13.403 1.00 39.16 ? 427 HOH A O   1 
HETATM 1172 O  O   . HOH D 4 .   ? 12.149  -6.246  -16.663 1.00 43.43 ? 428 HOH A O   1 
HETATM 1173 O  O   . HOH D 4 .   ? 14.822  2.947   -9.019  1.00 49.60 ? 429 HOH A O   1 
HETATM 1174 O  O   . HOH D 4 .   ? 17.458  -0.025  -12.450 1.00 43.14 ? 430 HOH A O   1 
HETATM 1175 O  O   . HOH D 4 .   ? 17.268  2.292   -15.189 1.00 48.85 ? 431 HOH A O   1 
HETATM 1176 O  O   . HOH D 4 .   ? 6.916   11.476  0.401   1.00 43.30 ? 432 HOH A O   1 
HETATM 1177 O  O   . HOH D 4 .   ? -13.942 3.906   8.362   1.00 57.90 ? 433 HOH A O   1 
HETATM 1178 O  O   . HOH D 4 .   ? -9.844  1.828   13.097  1.00 66.27 ? 434 HOH A O   1 
HETATM 1179 O  O   . HOH D 4 .   ? 8.147   -7.669  13.587  1.00 44.76 ? 435 HOH A O   1 
HETATM 1180 O  O   . HOH D 4 .   ? 11.187  -4.487  16.833  1.00 47.35 ? 436 HOH A O   1 
HETATM 1181 O  O   . HOH D 4 .   ? 14.683  7.896   10.049  1.00 62.69 ? 437 HOH A O   1 
HETATM 1182 O  O   . HOH D 4 .   ? -4.514  -11.604 4.773   1.00 64.09 ? 438 HOH A O   1 
HETATM 1183 O  O   . HOH D 4 .   ? 11.177  -3.317  -9.761  1.00 53.48 ? 439 HOH A O   1 
# 
